data_7DFV
#
_entry.id   7DFV
#
_cell.length_a   1.00
_cell.length_b   1.00
_cell.length_c   1.00
_cell.angle_alpha   90.00
_cell.angle_beta   90.00
_cell.angle_gamma   90.00
#
_symmetry.space_group_name_H-M   'P 1'
#
_entity_poly.entity_id   1
_entity_poly.type   'polypeptide(L)'
_entity_poly.pdbx_seq_one_letter_code
;MGSAMSLGCSKRKATNQDVDSESRKRRKICSTNDAENCRFIQDESSWKHPWSLCANSVVNDTKDTKSSALSLPSPPTSVS
RIWKHQVFPSFHGADVRKTILSHILESFRRKGIDPFIDNNIERSKSIGHELKEAIKGSKIAIVLLSKNYASSSWCLDELA
EIMKCRELLGQIVMTIFYEVDPTDIKKQTGEFGKAFTKTCKGKTKEYVERWRKALEDVATIAGYHSHKWRNEADMIEKIA
TDVSNMLNSFKPSRDFNGLVGMRAHMDMLEQLLRLVLDEVRMIGIWGPPGIGKTTIARFLFNQVSDRFQLSAIMVNIKGC
YPRPCFDEYSAQLQLQNQMLSQMINHKDIMISHLGVAQERLRDKKVFLVLDEVDQLGQLDALAKETRWFGPGSRIIITTE
DLGVLKAHGINHVYKVGYPSNDEAFQIFCMNAFGQKQPHEGFDEIAREVMALAGELPLGLKVLGSALRGKSKPEWERTLP
RLKTSLDGKIGSIIQFSYDALCDEDKYLFLYIACLFNKESTTKVEGLLGKFLDVRQGLHILAQKSLISIEDGNIYMHTLL
EQFGRETSRKQFIHHGYTKHQLLVGERDICEVLNDDTIDSRRFIGINLDLYKNVEELNISEKALERIHDFQFVRINGKNH
ALHERLQGLIYQSPQIRSLHWKCYQNICLPSTFNSEFLVELDMSFSKLQKLWEGTKQLRNLKWMDLSYSSYLKELPNLST
ATNLEELKLRNCSSLVELPSSIEKLTSLQILDLHRCSSLVELPSFGNATKLEILNLENCSSLVKLPPSINANNLQELSLT
NCSRVVELPAIENATNLWKLNLLNCSSLIELPLSIGTATNLKHLDFRGCSSLVKLPSSIGDMTNLEVFYLSNCSNLVELP
SSIGNLRKLTLLLMRGCSKLETLPTNINLKSLHTLNLIDCSRLKSFPEISTHIKYLRLIGTAIKEVPLSIMSWSPLAHFQ
ISYFESLKEFPHALDIITELQLSKDIQEVPPWVKRMSRLRALRLNNCNNLVSLPQLPDSLAYLYADNCKSLERLDCCFNN
PEIRLYFPKCFKLNQEARDLIMHTSTRNFAMLPGTQVPACFNHRATSGDSLKIKLKESPLPTTLTFKACIMLVNEEMSYD
LKSMSVDIVIRDEQNDLKVQCTPSYHQCTEIYVLTEHIYTFELEVEEVTSTELVFEFTSVNESICKIGECGILQRETRSL
RRSSSPDLSPESSRVSSCDHC
;
_entity_poly.pdbx_strand_id   B,C,D,A
#
# COMPACT_ATOMS: atom_id res chain seq x y z
N ARG A 81 -17.67 13.63 32.57
CA ARG A 81 -18.71 13.97 31.61
C ARG A 81 -18.32 13.50 30.22
N ILE A 82 -19.26 13.59 29.28
CA ILE A 82 -19.07 13.10 27.92
C ILE A 82 -19.34 14.24 26.96
N TRP A 83 -18.36 14.55 26.11
CA TRP A 83 -18.49 15.54 25.06
C TRP A 83 -18.20 14.88 23.71
N LYS A 84 -18.73 15.48 22.65
CA LYS A 84 -18.49 14.96 21.31
C LYS A 84 -17.48 15.77 20.52
N HIS A 85 -17.25 17.04 20.86
CA HIS A 85 -16.27 17.87 20.20
C HIS A 85 -15.47 18.64 21.23
N GLN A 86 -14.17 18.79 20.99
CA GLN A 86 -13.34 19.56 21.89
C GLN A 86 -13.65 21.06 21.80
N VAL A 87 -13.74 21.58 20.58
CA VAL A 87 -13.93 23.00 20.34
C VAL A 87 -15.06 23.19 19.34
N PHE A 88 -15.95 24.14 19.63
CA PHE A 88 -16.97 24.58 18.68
C PHE A 88 -16.72 26.03 18.33
N PRO A 89 -16.30 26.35 17.12
CA PRO A 89 -16.08 27.77 16.78
C PRO A 89 -17.33 28.43 16.23
N SER A 90 -17.72 29.56 16.82
CA SER A 90 -18.82 30.37 16.33
C SER A 90 -18.27 31.62 15.68
N PHE A 91 -18.71 31.89 14.45
CA PHE A 91 -18.14 32.97 13.65
C PHE A 91 -19.20 33.46 12.69
N HIS A 92 -18.84 34.46 11.89
CA HIS A 92 -19.66 34.93 10.78
C HIS A 92 -18.86 34.65 9.51
N GLY A 93 -19.30 33.67 8.74
CA GLY A 93 -18.48 33.16 7.66
C GLY A 93 -18.16 34.18 6.60
N ALA A 94 -19.04 35.15 6.37
CA ALA A 94 -18.79 36.14 5.35
C ALA A 94 -17.61 37.04 5.66
N ASP A 95 -17.12 37.04 6.89
CA ASP A 95 -15.99 37.87 7.28
C ASP A 95 -14.71 37.09 7.53
N VAL A 96 -14.78 35.89 8.12
CA VAL A 96 -13.60 35.21 8.63
C VAL A 96 -13.44 33.80 8.09
N ARG A 97 -14.44 33.24 7.40
CA ARG A 97 -14.32 31.85 6.97
C ARG A 97 -13.17 31.66 6.00
N LYS A 98 -12.81 32.69 5.25
CA LYS A 98 -11.72 32.58 4.29
C LYS A 98 -10.39 32.96 4.93
N THR A 99 -10.34 34.10 5.62
CA THR A 99 -9.07 34.69 6.01
C THR A 99 -8.47 34.10 7.27
N ILE A 100 -9.12 34.27 8.43
CA ILE A 100 -8.45 33.95 9.68
C ILE A 100 -8.94 32.62 10.26
N LEU A 101 -10.21 32.29 10.09
CA LEU A 101 -10.71 31.02 10.62
C LEU A 101 -10.00 29.84 10.00
N SER A 102 -9.61 29.95 8.73
CA SER A 102 -8.87 28.87 8.08
C SER A 102 -7.53 28.63 8.77
N HIS A 103 -6.82 29.71 9.09
CA HIS A 103 -5.54 29.57 9.78
C HIS A 103 -5.73 29.05 11.20
N ILE A 104 -6.78 29.50 11.88
CA ILE A 104 -7.07 28.99 13.22
C ILE A 104 -7.31 27.50 13.18
N LEU A 105 -8.10 27.04 12.21
CA LEU A 105 -8.43 25.63 12.10
C LEU A 105 -7.19 24.80 11.74
N GLU A 106 -6.34 25.30 10.83
CA GLU A 106 -5.15 24.55 10.49
C GLU A 106 -4.21 24.46 11.69
N SER A 107 -4.11 25.53 12.48
CA SER A 107 -3.29 25.50 13.67
C SER A 107 -3.82 24.51 14.69
N PHE A 108 -5.14 24.49 14.87
CA PHE A 108 -5.75 23.51 15.77
C PHE A 108 -5.45 22.10 15.31
N ARG A 109 -5.58 21.85 14.01
CA ARG A 109 -5.30 20.51 13.48
C ARG A 109 -3.85 20.13 13.70
N ARG A 110 -2.93 21.07 13.53
CA ARG A 110 -1.52 20.78 13.78
C ARG A 110 -1.22 20.53 15.24
N LYS A 111 -1.96 21.14 16.17
CA LYS A 111 -1.75 20.92 17.58
C LYS A 111 -2.57 19.76 18.15
N GLY A 112 -3.06 18.87 17.29
CA GLY A 112 -3.79 17.71 17.74
C GLY A 112 -5.12 18.04 18.42
N ILE A 113 -5.89 18.94 17.82
CA ILE A 113 -7.20 19.32 18.33
C ILE A 113 -8.22 19.09 17.23
N ASP A 114 -9.37 18.53 17.60
CA ASP A 114 -10.44 18.23 16.65
C ASP A 114 -11.61 19.18 16.86
N PRO A 115 -11.71 20.26 16.09
CA PRO A 115 -12.84 21.17 16.23
C PRO A 115 -14.03 20.71 15.41
N PHE A 116 -15.18 21.31 15.72
CA PHE A 116 -16.38 21.09 14.93
C PHE A 116 -16.34 21.95 13.68
N ILE A 117 -16.59 21.32 12.54
CA ILE A 117 -16.53 21.99 11.24
C ILE A 117 -17.90 21.85 10.60
N ASP A 118 -18.58 22.97 10.38
CA ASP A 118 -19.95 22.95 9.88
C ASP A 118 -20.04 22.41 8.46
N ASN A 119 -18.94 22.36 7.73
CA ASN A 119 -18.96 21.82 6.37
C ASN A 119 -19.12 20.31 6.34
N ASN A 120 -18.87 19.63 7.45
CA ASN A 120 -18.95 18.17 7.52
C ASN A 120 -20.26 17.70 8.14
N ILE A 121 -21.22 18.60 8.32
CA ILE A 121 -22.56 18.18 8.72
C ILE A 121 -23.12 17.27 7.65
N GLU A 122 -23.55 16.08 8.06
CA GLU A 122 -24.02 15.09 7.11
C GLU A 122 -25.18 15.64 6.28
N ARG A 123 -25.14 15.37 4.98
CA ARG A 123 -26.16 15.91 4.09
C ARG A 123 -27.51 15.25 4.36
N SER A 124 -28.56 15.92 3.90
CA SER A 124 -29.96 15.53 4.12
C SER A 124 -30.37 15.64 5.58
N LYS A 125 -29.66 16.42 6.38
CA LYS A 125 -29.98 16.61 7.79
C LYS A 125 -30.15 18.10 8.06
N SER A 126 -31.15 18.44 8.86
CA SER A 126 -31.43 19.83 9.14
C SER A 126 -30.26 20.48 9.87
N ILE A 127 -29.87 21.67 9.40
CA ILE A 127 -28.67 22.32 9.92
C ILE A 127 -28.89 22.84 11.33
N GLY A 128 -30.06 23.43 11.59
CA GLY A 128 -30.29 24.06 12.88
C GLY A 128 -30.16 23.13 14.07
N HIS A 129 -30.81 21.96 13.98
CA HIS A 129 -30.74 21.00 15.07
C HIS A 129 -29.34 20.45 15.25
N GLU A 130 -28.63 20.21 14.16
CA GLU A 130 -27.26 19.71 14.26
C GLU A 130 -26.34 20.76 14.90
N LEU A 131 -26.53 22.03 14.57
CA LEU A 131 -25.76 23.07 15.22
C LEU A 131 -26.07 23.13 16.72
N LYS A 132 -27.34 23.02 17.08
CA LYS A 132 -27.70 23.02 18.50
C LYS A 132 -27.03 21.85 19.23
N GLU A 133 -27.12 20.66 18.66
CA GLU A 133 -26.54 19.49 19.29
C GLU A 133 -25.02 19.55 19.34
N ALA A 134 -24.41 20.20 18.35
CA ALA A 134 -22.96 20.37 18.38
C ALA A 134 -22.53 21.39 19.42
N ILE A 135 -23.31 22.45 19.61
CA ILE A 135 -23.00 23.40 20.67
C ILE A 135 -23.11 22.73 22.03
N LYS A 136 -24.17 21.94 22.22
CA LYS A 136 -24.38 21.30 23.52
C LYS A 136 -23.30 20.27 23.84
N GLY A 137 -22.74 19.62 22.83
CA GLY A 137 -21.79 18.56 23.08
C GLY A 137 -20.34 18.95 22.91
N SER A 138 -20.09 20.26 22.88
CA SER A 138 -18.71 20.76 22.73
C SER A 138 -18.16 21.20 24.09
N LYS A 139 -16.91 20.86 24.37
CA LYS A 139 -16.30 21.25 25.64
C LYS A 139 -15.96 22.72 25.69
N ILE A 140 -15.39 23.25 24.61
CA ILE A 140 -14.95 24.64 24.52
C ILE A 140 -15.67 25.31 23.38
N ALA A 141 -16.21 26.49 23.63
CA ALA A 141 -16.78 27.32 22.58
C ALA A 141 -15.89 28.54 22.34
N ILE A 142 -15.60 28.79 21.07
CA ILE A 142 -14.77 29.92 20.65
C ILE A 142 -15.61 30.82 19.77
N VAL A 143 -15.67 32.11 20.13
CA VAL A 143 -16.56 33.06 19.49
C VAL A 143 -15.70 34.11 18.79
N LEU A 144 -15.50 33.94 17.48
CA LEU A 144 -14.98 35.03 16.68
C LEU A 144 -16.04 36.10 16.52
N LEU A 145 -15.68 37.35 16.83
CA LEU A 145 -16.62 38.46 16.84
C LEU A 145 -16.19 39.47 15.80
N SER A 146 -16.77 39.39 14.62
CA SER A 146 -16.55 40.35 13.55
C SER A 146 -17.57 41.47 13.64
N LYS A 147 -17.35 42.53 12.85
CA LYS A 147 -18.28 43.65 12.88
C LYS A 147 -19.62 43.31 12.24
N ASN A 148 -19.68 42.29 11.39
CA ASN A 148 -20.92 41.80 10.83
C ASN A 148 -21.44 40.56 11.55
N TYR A 149 -20.94 40.30 12.75
CA TYR A 149 -21.41 39.16 13.52
C TYR A 149 -22.91 39.29 13.82
N ALA A 150 -23.36 40.50 14.11
CA ALA A 150 -24.75 40.74 14.47
C ALA A 150 -25.66 40.87 13.27
N SER A 151 -25.12 40.83 12.05
CA SER A 151 -25.98 40.91 10.88
C SER A 151 -26.73 39.61 10.62
N SER A 152 -26.13 38.48 10.95
CA SER A 152 -26.74 37.19 10.71
C SER A 152 -27.64 36.80 11.89
N SER A 153 -28.54 35.87 11.62
CA SER A 153 -29.40 35.29 12.66
C SER A 153 -28.88 33.95 13.16
N TRP A 154 -28.17 33.22 12.31
CA TRP A 154 -27.49 32.00 12.77
C TRP A 154 -26.48 32.32 13.85
N CYS A 155 -25.71 33.39 13.64
CA CYS A 155 -24.68 33.76 14.61
C CYS A 155 -25.27 34.09 15.97
N LEU A 156 -26.32 34.92 15.98
CA LEU A 156 -26.93 35.29 17.27
C LEU A 156 -27.61 34.11 17.93
N ASP A 157 -28.28 33.26 17.16
CA ASP A 157 -28.92 32.09 17.74
C ASP A 157 -27.89 31.17 18.38
N GLU A 158 -26.79 30.89 17.69
CA GLU A 158 -25.80 30.02 18.30
C GLU A 158 -25.01 30.71 19.40
N LEU A 159 -24.93 32.05 19.40
CA LEU A 159 -24.31 32.72 20.53
C LEU A 159 -25.20 32.61 21.77
N ALA A 160 -26.51 32.77 21.60
CA ALA A 160 -27.42 32.59 22.71
C ALA A 160 -27.34 31.17 23.25
N GLU A 161 -27.27 30.19 22.34
CA GLU A 161 -27.15 28.80 22.76
C GLU A 161 -25.83 28.56 23.50
N ILE A 162 -24.74 29.17 23.02
CA ILE A 162 -23.45 29.04 23.72
C ILE A 162 -23.53 29.63 25.12
N MET A 163 -24.13 30.81 25.27
CA MET A 163 -24.22 31.41 26.58
C MET A 163 -25.06 30.56 27.53
N LYS A 164 -26.19 30.06 27.03
CA LYS A 164 -27.06 29.21 27.85
C LYS A 164 -26.34 27.92 28.25
N CYS A 165 -25.61 27.31 27.32
CA CYS A 165 -24.87 26.09 27.63
C CYS A 165 -23.71 26.35 28.56
N ARG A 166 -23.09 27.53 28.49
CA ARG A 166 -22.03 27.85 29.44
C ARG A 166 -22.59 28.01 30.84
N GLU A 167 -23.76 28.65 30.95
CA GLU A 167 -24.37 28.84 32.26
C GLU A 167 -24.98 27.57 32.82
N LEU A 168 -25.40 26.63 31.98
CA LEU A 168 -26.18 25.49 32.42
C LEU A 168 -25.44 24.16 32.37
N LEU A 169 -24.34 24.06 31.61
CA LEU A 169 -23.65 22.80 31.44
C LEU A 169 -22.16 22.87 31.76
N GLY A 170 -21.65 24.02 32.20
CA GLY A 170 -20.26 24.13 32.57
C GLY A 170 -19.27 23.98 31.43
N GLN A 171 -19.58 24.55 30.27
CA GLN A 171 -18.64 24.57 29.16
C GLN A 171 -17.84 25.86 29.18
N ILE A 172 -16.64 25.80 28.62
CA ILE A 172 -15.71 26.93 28.66
C ILE A 172 -15.89 27.77 27.42
N VAL A 173 -16.03 29.07 27.60
CA VAL A 173 -16.26 30.00 26.50
C VAL A 173 -15.06 30.92 26.39
N MET A 174 -14.48 30.99 25.19
CA MET A 174 -13.38 31.87 24.87
C MET A 174 -13.82 32.83 23.78
N THR A 175 -13.37 34.08 23.85
CA THR A 175 -13.75 35.09 22.89
C THR A 175 -12.53 35.60 22.15
N ILE A 176 -12.74 35.93 20.88
CA ILE A 176 -11.75 36.64 20.06
C ILE A 176 -12.45 37.84 19.46
N PHE A 177 -11.93 39.04 19.71
CA PHE A 177 -12.53 40.27 19.22
C PHE A 177 -11.75 40.69 17.98
N TYR A 178 -12.24 40.28 16.81
CA TYR A 178 -11.53 40.49 15.56
C TYR A 178 -11.94 41.83 14.97
N GLU A 179 -11.07 42.83 15.17
CA GLU A 179 -11.24 44.15 14.56
C GLU A 179 -12.55 44.80 14.97
N VAL A 180 -12.94 44.58 16.24
CA VAL A 180 -14.06 45.29 16.85
C VAL A 180 -13.86 45.20 18.35
N ASP A 181 -14.33 46.22 19.07
CA ASP A 181 -14.08 46.24 20.49
C ASP A 181 -15.33 45.86 21.29
N PRO A 182 -15.14 45.35 22.52
CA PRO A 182 -16.30 44.92 23.31
C PRO A 182 -17.24 46.06 23.66
N THR A 183 -16.75 47.30 23.58
CA THR A 183 -17.60 48.46 23.86
C THR A 183 -18.77 48.52 22.88
N ASP A 184 -18.53 48.21 21.61
CA ASP A 184 -19.62 48.20 20.64
C ASP A 184 -20.47 46.95 20.78
N ILE A 185 -19.85 45.83 21.15
CA ILE A 185 -20.55 44.56 21.28
C ILE A 185 -21.60 44.67 22.37
N LYS A 186 -21.21 45.24 23.52
CA LYS A 186 -22.04 45.24 24.72
C LYS A 186 -23.08 46.36 24.73
N LYS A 187 -23.03 47.30 23.79
CA LYS A 187 -24.01 48.37 23.75
C LYS A 187 -24.63 48.61 22.38
N GLN A 188 -24.17 47.92 21.33
CA GLN A 188 -24.73 48.02 19.99
C GLN A 188 -24.74 49.48 19.51
N THR A 189 -23.53 50.02 19.39
CA THR A 189 -23.32 51.41 19.00
C THR A 189 -22.58 51.45 17.67
N GLY A 190 -23.15 52.13 16.68
CA GLY A 190 -22.48 52.34 15.41
C GLY A 190 -22.10 51.06 14.70
N GLU A 191 -20.80 50.77 14.68
CA GLU A 191 -20.33 49.51 14.11
C GLU A 191 -20.83 48.34 14.95
N PHE A 192 -21.33 47.32 14.27
CA PHE A 192 -21.84 46.08 14.87
C PHE A 192 -23.18 46.33 15.56
N GLY A 193 -23.57 47.60 15.67
CA GLY A 193 -24.85 47.93 16.25
C GLY A 193 -25.89 48.11 15.18
N LYS A 194 -25.49 48.72 14.06
CA LYS A 194 -26.40 48.86 12.93
C LYS A 194 -26.80 47.50 12.38
N ALA A 195 -25.87 46.54 12.33
CA ALA A 195 -26.22 45.20 11.89
C ALA A 195 -27.24 44.55 12.81
N PHE A 196 -27.08 44.72 14.13
CA PHE A 196 -28.04 44.18 15.08
C PHE A 196 -29.41 44.83 14.90
N THR A 197 -29.44 46.15 14.70
CA THR A 197 -30.71 46.83 14.53
C THR A 197 -31.43 46.38 13.26
N LYS A 198 -30.69 46.26 12.15
CA LYS A 198 -31.31 45.80 10.91
C LYS A 198 -31.73 44.35 10.98
N THR A 199 -31.01 43.52 11.74
CA THR A 199 -31.41 42.12 11.84
C THR A 199 -32.51 41.89 12.87
N CYS A 200 -32.75 42.85 13.76
CA CYS A 200 -33.75 42.68 14.81
C CYS A 200 -35.07 43.37 14.52
N LYS A 201 -35.22 43.97 13.34
CA LYS A 201 -36.46 44.67 13.02
C LYS A 201 -37.64 43.71 13.00
N GLY A 202 -37.60 42.72 12.09
CA GLY A 202 -38.67 41.74 12.06
C GLY A 202 -38.34 40.51 12.88
N LYS A 203 -38.79 40.49 14.13
CA LYS A 203 -38.58 39.39 15.07
C LYS A 203 -39.71 39.46 16.10
N THR A 204 -39.59 38.65 17.16
CA THR A 204 -40.49 38.78 18.28
C THR A 204 -39.93 39.78 19.26
N LYS A 205 -40.51 39.87 20.46
CA LYS A 205 -40.00 40.76 21.49
C LYS A 205 -39.00 40.09 22.42
N GLU A 206 -39.14 38.78 22.64
CA GLU A 206 -38.27 38.11 23.59
C GLU A 206 -37.02 37.54 22.92
N TYR A 207 -37.09 37.21 21.62
CA TYR A 207 -35.89 36.83 20.90
C TYR A 207 -34.86 37.95 20.91
N VAL A 208 -35.31 39.18 20.70
CA VAL A 208 -34.40 40.32 20.73
C VAL A 208 -33.78 40.41 22.11
N GLU A 209 -34.57 40.17 23.16
CA GLU A 209 -34.04 40.23 24.51
C GLU A 209 -32.98 39.15 24.74
N ARG A 210 -33.25 37.92 24.31
CA ARG A 210 -32.28 36.85 24.48
C ARG A 210 -30.99 37.15 23.74
N TRP A 211 -31.11 37.61 22.50
CA TRP A 211 -29.93 37.95 21.71
C TRP A 211 -29.13 39.05 22.38
N ARG A 212 -29.81 40.08 22.87
CA ARG A 212 -29.10 41.18 23.50
C ARG A 212 -28.36 40.70 24.74
N LYS A 213 -29.07 40.04 25.66
CA LYS A 213 -28.43 39.58 26.89
C LYS A 213 -27.26 38.65 26.59
N ALA A 214 -27.38 37.83 25.55
CA ALA A 214 -26.23 37.04 25.13
C ALA A 214 -25.08 37.93 24.69
N LEU A 215 -25.39 39.04 24.00
CA LEU A 215 -24.33 39.95 23.56
C LEU A 215 -23.60 40.57 24.75
N GLU A 216 -24.34 41.09 25.73
CA GLU A 216 -23.63 41.63 26.91
C GLU A 216 -22.88 40.55 27.67
N ASP A 217 -23.44 39.34 27.76
CA ASP A 217 -22.73 38.29 28.48
C ASP A 217 -21.41 37.93 27.80
N VAL A 218 -21.40 37.84 26.47
CA VAL A 218 -20.17 37.46 25.77
C VAL A 218 -19.18 38.62 25.79
N ALA A 219 -19.67 39.86 25.71
CA ALA A 219 -18.74 40.99 25.63
C ALA A 219 -18.02 41.27 26.93
N THR A 220 -18.52 40.76 28.07
CA THR A 220 -17.84 40.97 29.33
C THR A 220 -16.70 39.98 29.54
N ILE A 221 -16.64 38.91 28.76
CA ILE A 221 -15.50 38.01 28.84
C ILE A 221 -14.27 38.69 28.28
N ALA A 222 -13.12 38.37 28.87
CA ALA A 222 -11.83 38.86 28.40
C ALA A 222 -11.24 37.83 27.46
N GLY A 223 -10.95 38.24 26.23
CA GLY A 223 -10.41 37.33 25.25
C GLY A 223 -9.18 37.87 24.55
N TYR A 224 -9.16 37.80 23.22
CA TYR A 224 -8.03 38.25 22.43
C TYR A 224 -8.46 39.39 21.52
N HIS A 225 -7.72 40.48 21.55
CA HIS A 225 -7.99 41.62 20.69
C HIS A 225 -7.04 41.59 19.50
N SER A 226 -7.61 41.67 18.30
CA SER A 226 -6.78 41.57 17.10
C SER A 226 -5.81 42.73 17.00
N HIS A 227 -6.24 43.92 17.40
CA HIS A 227 -5.41 45.11 17.24
C HIS A 227 -4.29 45.20 18.24
N LYS A 228 -4.13 44.28 19.19
CA LYS A 228 -3.03 44.33 20.14
C LYS A 228 -1.83 43.50 19.71
N TRP A 229 -1.91 42.84 18.56
CA TRP A 229 -0.82 42.02 18.05
C TRP A 229 -0.28 42.63 16.76
N ARG A 230 1.04 42.61 16.60
CA ARG A 230 1.64 43.14 15.38
C ARG A 230 1.46 42.21 14.19
N ASN A 231 1.29 40.91 14.43
CA ASN A 231 1.00 39.98 13.36
C ASN A 231 0.02 38.92 13.86
N GLU A 232 -0.70 38.30 12.93
CA GLU A 232 -1.79 37.42 13.34
C GLU A 232 -1.32 35.99 13.53
N ALA A 233 -0.18 35.63 12.93
CA ALA A 233 0.34 34.28 13.15
C ALA A 233 0.68 34.04 14.61
N ASP A 234 1.31 35.03 15.26
CA ASP A 234 1.64 34.90 16.67
C ASP A 234 0.39 34.84 17.54
N MET A 235 -0.61 35.65 17.22
CA MET A 235 -1.86 35.61 17.98
C MET A 235 -2.55 34.26 17.84
N ILE A 236 -2.57 33.71 16.62
CA ILE A 236 -3.21 32.42 16.41
C ILE A 236 -2.44 31.31 17.11
N GLU A 237 -1.11 31.40 17.11
CA GLU A 237 -0.31 30.46 17.88
C GLU A 237 -0.62 30.55 19.37
N LYS A 238 -0.77 31.77 19.89
CA LYS A 238 -1.12 31.95 21.29
C LYS A 238 -2.48 31.34 21.60
N ILE A 239 -3.47 31.59 20.73
CA ILE A 239 -4.81 31.06 20.94
C ILE A 239 -4.79 29.54 20.94
N ALA A 240 -4.07 28.94 19.99
CA ALA A 240 -4.02 27.49 19.90
C ALA A 240 -3.30 26.89 21.11
N THR A 241 -2.22 27.53 21.56
CA THR A 241 -1.54 27.04 22.75
C THR A 241 -2.44 27.12 23.98
N ASP A 242 -3.19 28.21 24.12
CA ASP A 242 -4.10 28.33 25.25
C ASP A 242 -5.18 27.25 25.20
N VAL A 243 -5.76 27.02 24.03
CA VAL A 243 -6.80 26.01 23.91
C VAL A 243 -6.23 24.62 24.19
N SER A 244 -5.03 24.35 23.70
CA SER A 244 -4.40 23.05 23.93
C SER A 244 -4.12 22.83 25.41
N ASN A 245 -3.62 23.85 26.10
CA ASN A 245 -3.41 23.74 27.54
C ASN A 245 -4.71 23.49 28.26
N MET A 246 -5.77 24.20 27.86
CA MET A 246 -7.05 24.07 28.53
C MET A 246 -7.66 22.68 28.32
N LEU A 247 -7.47 22.10 27.14
CA LEU A 247 -7.98 20.76 26.88
C LEU A 247 -7.12 19.68 27.51
N ASN A 248 -5.79 19.87 27.53
CA ASN A 248 -4.85 18.85 27.97
C ASN A 248 -4.45 19.02 29.43
N SER A 249 -5.38 19.47 30.28
CA SER A 249 -5.03 19.76 31.67
C SER A 249 -5.03 18.50 32.53
N PHE A 250 -5.45 17.36 31.99
CA PHE A 250 -5.50 16.15 32.82
C PHE A 250 -4.10 15.59 33.05
N LYS A 251 -3.42 15.18 31.97
CA LYS A 251 -2.02 14.77 31.95
C LYS A 251 -1.59 14.00 33.21
N PRO A 252 -2.11 12.80 33.42
CA PRO A 252 -1.65 12.02 34.59
C PRO A 252 -0.24 11.48 34.40
N SER A 253 0.11 11.06 33.20
CA SER A 253 1.45 10.55 32.93
C SER A 253 1.71 10.59 31.43
N ARG A 254 2.98 10.54 31.08
CA ARG A 254 3.43 10.48 29.70
C ARG A 254 3.92 9.06 29.38
N ASP A 255 4.10 8.79 28.08
CA ASP A 255 4.58 7.48 27.65
C ASP A 255 5.92 7.15 28.30
N PHE A 256 6.71 8.16 28.64
CA PHE A 256 7.97 7.96 29.36
C PHE A 256 7.80 8.21 30.86
N ASN A 257 7.00 7.35 31.48
CA ASN A 257 6.84 7.35 32.92
C ASN A 257 7.25 6.05 33.59
N GLY A 258 7.19 4.93 32.86
CA GLY A 258 7.63 3.64 33.37
C GLY A 258 9.10 3.37 33.18
N LEU A 259 9.86 4.33 32.67
CA LEU A 259 11.28 4.16 32.44
C LEU A 259 12.04 4.25 33.76
N VAL A 260 13.10 3.46 33.88
CA VAL A 260 13.84 3.31 35.12
C VAL A 260 15.27 3.73 34.88
N GLY A 261 15.76 4.66 35.68
CA GLY A 261 17.16 5.01 35.70
C GLY A 261 17.70 5.56 34.39
N MET A 262 16.99 6.51 33.81
CA MET A 262 17.42 7.11 32.56
C MET A 262 17.93 8.54 32.74
N ARG A 263 17.85 9.07 33.95
CA ARG A 263 18.61 10.27 34.28
C ARG A 263 20.10 10.02 34.11
N ALA A 264 20.57 8.82 34.46
CA ALA A 264 21.97 8.49 34.26
C ALA A 264 22.34 8.55 32.79
N HIS A 265 21.51 7.97 31.93
CA HIS A 265 21.76 8.00 30.49
C HIS A 265 21.78 9.44 29.97
N MET A 266 20.80 10.23 30.37
CA MET A 266 20.73 11.60 29.86
C MET A 266 21.88 12.45 30.35
N ASP A 267 22.43 12.16 31.52
CA ASP A 267 23.59 12.95 31.98
C ASP A 267 24.80 12.63 31.11
N MET A 268 25.06 11.36 30.83
CA MET A 268 26.24 10.95 30.02
C MET A 268 26.12 11.48 28.61
N LEU A 269 24.94 11.50 28.01
CA LEU A 269 24.71 12.04 26.65
C LEU A 269 24.95 13.53 26.64
N GLU A 270 24.57 14.26 27.68
CA GLU A 270 24.72 15.74 27.70
C GLU A 270 26.19 16.10 27.59
N GLN A 271 27.07 15.34 28.23
CA GLN A 271 28.52 15.58 28.14
C GLN A 271 28.94 15.41 26.69
N LEU A 272 28.29 14.53 25.93
CA LEU A 272 28.69 14.33 24.54
C LEU A 272 28.03 15.33 23.61
N LEU A 273 26.77 15.69 23.88
CA LEU A 273 26.11 16.64 22.98
C LEU A 273 26.76 18.02 23.04
N ARG A 274 26.98 18.56 24.24
CA ARG A 274 27.58 19.88 24.40
C ARG A 274 26.86 20.92 23.55
N LEU A 275 25.59 21.13 23.90
CA LEU A 275 24.65 21.84 23.02
C LEU A 275 24.97 23.31 22.82
N VAL A 276 26.05 23.84 23.39
CA VAL A 276 26.36 25.25 23.23
C VAL A 276 27.68 25.44 22.51
N LEU A 277 28.06 24.47 21.68
CA LEU A 277 29.36 24.50 21.00
C LEU A 277 29.30 24.90 19.54
N ASP A 278 28.11 25.04 18.96
CA ASP A 278 27.90 25.46 17.57
C ASP A 278 28.81 24.77 16.55
N GLU A 279 29.26 23.55 16.85
CA GLU A 279 29.80 22.67 15.83
C GLU A 279 28.69 21.77 15.33
N VAL A 280 29.03 20.74 14.58
CA VAL A 280 28.04 19.83 14.01
C VAL A 280 28.33 18.40 14.47
N ARG A 281 28.75 18.26 15.73
CA ARG A 281 29.06 16.95 16.30
C ARG A 281 28.06 15.87 15.91
N MET A 282 28.58 14.72 15.49
CA MET A 282 27.82 13.50 15.33
C MET A 282 28.17 12.55 16.46
N ILE A 283 27.14 11.99 17.10
CA ILE A 283 27.31 11.23 18.34
C ILE A 283 26.77 9.84 18.15
N GLY A 284 27.54 8.84 18.54
CA GLY A 284 27.13 7.45 18.43
C GLY A 284 26.62 6.91 19.75
N ILE A 285 25.71 5.93 19.67
CA ILE A 285 25.16 5.26 20.88
C ILE A 285 25.25 3.77 20.59
N TRP A 286 26.16 3.06 21.23
CA TRP A 286 26.35 1.64 20.91
C TRP A 286 26.12 0.76 22.12
N GLY A 287 25.45 -0.36 21.93
CA GLY A 287 25.25 -1.32 23.01
C GLY A 287 24.76 -2.64 22.46
N PRO A 288 24.73 -3.71 23.26
CA PRO A 288 24.21 -4.99 22.82
C PRO A 288 22.76 -4.90 22.33
N PRO A 289 22.13 -5.85 21.58
CA PRO A 289 20.71 -5.69 21.24
C PRO A 289 19.82 -5.78 22.48
N GLY A 290 18.75 -4.98 22.52
CA GLY A 290 17.82 -5.00 23.66
C GLY A 290 18.34 -4.23 24.87
N ILE A 291 19.33 -3.35 24.67
CA ILE A 291 19.82 -2.50 25.79
C ILE A 291 19.03 -1.17 25.81
N GLY A 292 18.07 -1.02 24.90
CA GLY A 292 17.20 0.18 24.91
C GLY A 292 17.79 1.39 24.19
N LYS A 293 18.73 1.20 23.26
CA LYS A 293 19.23 2.35 22.47
C LYS A 293 18.04 3.12 21.87
N THR A 294 16.98 2.43 21.45
CA THR A 294 15.80 3.07 20.86
C THR A 294 15.06 3.92 21.89
N THR A 295 14.90 3.41 23.11
CA THR A 295 14.21 4.19 24.14
C THR A 295 15.02 5.41 24.54
N ILE A 296 16.34 5.27 24.64
CA ILE A 296 17.19 6.40 24.94
C ILE A 296 17.08 7.45 23.84
N ALA A 297 17.08 7.01 22.58
CA ALA A 297 16.95 7.94 21.47
C ALA A 297 15.60 8.66 21.52
N ARG A 298 14.52 7.94 21.78
CA ARG A 298 13.20 8.55 21.84
C ARG A 298 13.11 9.57 22.96
N PHE A 299 13.62 9.22 24.14
CA PHE A 299 13.57 10.13 25.27
C PHE A 299 14.39 11.38 24.99
N LEU A 300 15.60 11.20 24.45
CA LEU A 300 16.44 12.34 24.14
C LEU A 300 15.80 13.24 23.10
N PHE A 301 15.17 12.66 22.10
CA PHE A 301 14.48 13.46 21.10
C PHE A 301 13.37 14.28 21.73
N ASN A 302 12.46 13.62 22.45
CA ASN A 302 11.36 14.35 23.06
C ASN A 302 11.81 15.33 24.12
N GLN A 303 13.05 15.24 24.58
CA GLN A 303 13.56 16.23 25.52
C GLN A 303 14.27 17.40 24.85
N VAL A 304 14.96 17.18 23.73
CA VAL A 304 15.90 18.17 23.21
C VAL A 304 15.47 18.76 21.87
N SER A 305 14.59 18.08 21.14
CA SER A 305 14.26 18.52 19.79
C SER A 305 13.60 19.88 19.76
N ASP A 306 13.11 20.37 20.91
CA ASP A 306 12.34 21.60 20.93
C ASP A 306 13.18 22.82 20.53
N ARG A 307 14.48 22.78 20.82
CA ARG A 307 15.34 23.95 20.69
C ARG A 307 16.07 24.02 19.36
N PHE A 308 15.79 23.11 18.43
CA PHE A 308 16.42 23.10 17.11
C PHE A 308 15.42 23.56 16.06
N GLN A 309 15.91 24.27 15.04
CA GLN A 309 15.02 24.79 14.01
C GLN A 309 14.24 23.68 13.33
N LEU A 310 14.92 22.62 12.92
CA LEU A 310 14.30 21.48 12.27
C LEU A 310 14.79 20.21 12.96
N SER A 311 13.91 19.21 13.03
CA SER A 311 14.27 17.99 13.73
C SER A 311 13.50 16.81 13.14
N ALA A 312 14.11 15.64 13.23
CA ALA A 312 13.49 14.42 12.74
C ALA A 312 14.07 13.23 13.49
N ILE A 313 13.26 12.19 13.64
CA ILE A 313 13.68 10.92 14.21
C ILE A 313 13.26 9.82 13.25
N MET A 314 14.20 8.97 12.87
CA MET A 314 13.94 7.86 11.97
C MET A 314 14.22 6.56 12.70
N VAL A 315 13.23 5.68 12.75
CA VAL A 315 13.24 4.53 13.64
C VAL A 315 13.38 3.26 12.81
N ASN A 316 14.23 2.35 13.28
CA ASN A 316 14.43 1.04 12.66
C ASN A 316 14.84 1.18 11.19
N ILE A 317 15.90 1.95 10.95
CA ILE A 317 16.44 2.07 9.60
C ILE A 317 16.95 0.72 9.11
N LYS A 318 17.43 -0.11 10.03
CA LYS A 318 17.96 -1.41 9.67
C LYS A 318 16.90 -2.31 9.04
N GLY A 319 15.67 -2.25 9.54
CA GLY A 319 14.61 -3.12 9.07
C GLY A 319 14.00 -2.74 7.74
N CYS A 320 13.89 -1.43 7.47
CA CYS A 320 13.27 -1.00 6.23
C CYS A 320 14.20 -1.18 5.03
N TYR A 321 15.50 -1.15 5.27
CA TYR A 321 16.48 -1.23 4.19
C TYR A 321 16.47 -2.63 3.59
N PRO A 322 16.58 -2.74 2.25
CA PRO A 322 16.62 -4.06 1.62
C PRO A 322 17.81 -4.88 2.10
N ARG A 323 17.59 -6.18 2.27
CA ARG A 323 18.63 -7.05 2.82
C ARG A 323 19.67 -7.42 1.77
N PRO A 324 19.30 -7.89 0.57
CA PRO A 324 20.33 -8.09 -0.46
C PRO A 324 20.81 -6.79 -1.08
N CYS A 325 19.92 -5.80 -1.24
CA CYS A 325 20.26 -4.48 -1.75
C CYS A 325 20.91 -4.58 -3.13
N PHE A 326 20.11 -5.04 -4.09
CA PHE A 326 20.59 -5.19 -5.45
C PHE A 326 20.89 -3.84 -6.10
N ASP A 327 20.18 -2.78 -5.70
CA ASP A 327 20.45 -1.42 -6.16
C ASP A 327 20.61 -0.51 -4.95
N GLU A 328 21.83 -0.01 -4.74
CA GLU A 328 22.10 0.81 -3.57
C GLU A 328 21.55 2.22 -3.74
N TYR A 329 21.64 2.77 -4.95
CA TYR A 329 21.31 4.16 -5.15
C TYR A 329 19.82 4.43 -4.94
N SER A 330 18.97 3.53 -5.44
CA SER A 330 17.54 3.71 -5.25
C SER A 330 17.16 3.64 -3.78
N ALA A 331 17.77 2.71 -3.04
CA ALA A 331 17.49 2.60 -1.61
C ALA A 331 17.95 3.85 -0.87
N GLN A 332 19.13 4.35 -1.22
CA GLN A 332 19.64 5.57 -0.58
C GLN A 332 18.75 6.76 -0.89
N LEU A 333 18.28 6.86 -2.13
CA LEU A 333 17.39 7.94 -2.51
C LEU A 333 16.08 7.87 -1.73
N GLN A 334 15.52 6.68 -1.59
CA GLN A 334 14.29 6.51 -0.82
C GLN A 334 14.49 6.87 0.64
N LEU A 335 15.59 6.44 1.26
CA LEU A 335 15.88 6.70 2.69
C LEU A 335 16.07 8.20 2.91
N GLN A 336 16.83 8.88 2.08
CA GLN A 336 16.93 10.33 2.20
C GLN A 336 15.60 11.01 1.92
N ASN A 337 14.77 10.42 1.05
CA ASN A 337 13.45 10.97 0.81
C ASN A 337 12.61 10.96 2.08
N GLN A 338 12.65 9.85 2.81
CA GLN A 338 11.96 9.78 4.09
C GLN A 338 12.51 10.83 5.06
N MET A 339 13.84 10.94 5.13
CA MET A 339 14.45 11.88 6.07
C MET A 339 14.01 13.30 5.79
N LEU A 340 13.95 13.69 4.51
CA LEU A 340 13.54 15.04 4.18
C LEU A 340 12.03 15.24 4.31
N SER A 341 11.24 14.19 4.04
CA SER A 341 9.80 14.33 4.19
C SER A 341 9.41 14.53 5.64
N GLN A 342 10.23 14.02 6.56
CA GLN A 342 9.96 14.22 7.98
C GLN A 342 10.67 15.43 8.56
N MET A 343 11.89 15.74 8.14
CA MET A 343 12.60 16.90 8.64
C MET A 343 11.95 18.18 8.15
N ILE A 344 11.98 18.40 6.84
CA ILE A 344 11.11 19.38 6.23
C ILE A 344 9.67 18.88 6.31
N ASN A 345 8.75 19.81 6.55
CA ASN A 345 7.35 19.41 6.67
C ASN A 345 6.70 19.13 5.33
N HIS A 346 7.49 19.01 4.27
CA HIS A 346 7.03 18.60 2.95
C HIS A 346 6.69 17.12 2.95
N LYS A 347 5.41 16.78 3.05
CA LYS A 347 5.04 15.39 3.34
C LYS A 347 5.22 14.47 2.15
N ASP A 348 5.24 15.00 0.92
CA ASP A 348 5.42 14.17 -0.27
C ASP A 348 6.53 14.77 -1.14
N ILE A 349 7.76 14.43 -0.80
CA ILE A 349 8.93 14.85 -1.57
C ILE A 349 9.29 13.74 -2.53
N MET A 350 9.75 14.11 -3.72
CA MET A 350 10.39 13.18 -4.64
C MET A 350 11.80 13.68 -4.90
N ILE A 351 12.74 13.21 -4.09
CA ILE A 351 14.14 13.50 -4.29
C ILE A 351 14.59 12.94 -5.64
N SER A 352 15.40 13.71 -6.35
CA SER A 352 16.00 13.24 -7.59
C SER A 352 17.46 12.88 -7.46
N HIS A 353 18.18 13.46 -6.51
CA HIS A 353 19.59 13.17 -6.31
C HIS A 353 19.93 13.31 -4.84
N LEU A 354 20.95 12.59 -4.41
CA LEU A 354 21.29 12.51 -2.99
C LEU A 354 21.80 13.83 -2.44
N GLY A 355 21.88 14.87 -3.27
CA GLY A 355 22.39 16.15 -2.85
C GLY A 355 21.36 17.14 -2.34
N VAL A 356 20.11 16.74 -2.19
CA VAL A 356 19.08 17.69 -1.76
C VAL A 356 19.27 18.08 -0.30
N ALA A 357 19.54 17.09 0.56
CA ALA A 357 19.75 17.39 1.98
C ALA A 357 20.94 18.30 2.18
N GLN A 358 21.94 18.20 1.30
CA GLN A 358 23.02 19.19 1.29
C GLN A 358 22.46 20.59 1.11
N GLU A 359 21.59 20.78 0.13
CA GLU A 359 21.23 22.12 -0.31
C GLU A 359 20.09 22.73 0.48
N ARG A 360 19.37 21.92 1.27
CA ARG A 360 18.19 22.41 2.02
C ARG A 360 18.52 22.57 3.49
N LEU A 361 19.49 21.83 4.02
CA LEU A 361 19.78 21.83 5.47
C LEU A 361 21.13 22.44 5.80
N ARG A 362 21.75 23.24 4.94
CA ARG A 362 23.15 23.70 5.13
C ARG A 362 23.31 24.92 6.04
N ASP A 363 22.26 25.65 6.37
CA ASP A 363 22.32 26.85 7.20
C ASP A 363 21.36 26.78 8.38
N LYS A 364 20.98 25.58 8.80
CA LYS A 364 19.93 25.42 9.80
C LYS A 364 20.42 24.56 10.95
N LYS A 365 20.10 24.98 12.18
CA LYS A 365 20.31 24.15 13.34
C LYS A 365 19.37 22.95 13.29
N VAL A 366 19.95 21.76 13.14
CA VAL A 366 19.20 20.56 12.81
C VAL A 366 19.51 19.48 13.84
N PHE A 367 18.47 18.85 14.37
CA PHE A 367 18.59 17.71 15.25
C PHE A 367 18.08 16.48 14.54
N LEU A 368 18.92 15.47 14.38
CA LEU A 368 18.52 14.29 13.60
C LEU A 368 18.95 13.03 14.33
N VAL A 369 18.04 12.07 14.45
CA VAL A 369 18.29 10.82 15.15
C VAL A 369 18.09 9.68 14.16
N LEU A 370 19.11 8.84 14.02
CA LEU A 370 19.10 7.67 13.16
C LEU A 370 19.13 6.43 14.04
N ASP A 371 17.99 5.75 14.14
CA ASP A 371 17.77 4.84 15.27
C ASP A 371 18.54 3.54 15.17
N GLU A 372 18.61 2.93 13.99
CA GLU A 372 19.34 1.66 13.88
C GLU A 372 19.95 1.54 12.50
N VAL A 373 21.21 1.92 12.39
CA VAL A 373 21.93 1.70 11.15
C VAL A 373 22.72 0.41 11.28
N ASP A 374 22.90 -0.27 10.16
CA ASP A 374 23.53 -1.58 10.17
C ASP A 374 24.81 -1.47 9.36
N GLN A 375 24.77 -0.65 8.31
CA GLN A 375 25.87 -0.54 7.37
C GLN A 375 26.05 0.91 6.98
N LEU A 376 27.03 1.16 6.13
CA LEU A 376 27.47 2.53 5.87
C LEU A 376 26.72 3.19 4.72
N GLY A 377 25.95 2.42 3.96
CA GLY A 377 25.10 3.02 2.95
C GLY A 377 24.05 3.92 3.54
N GLN A 378 23.46 3.50 4.66
CA GLN A 378 22.48 4.34 5.34
C GLN A 378 23.10 5.67 5.72
N LEU A 379 24.31 5.64 6.29
CA LEU A 379 24.96 6.87 6.71
C LEU A 379 25.28 7.76 5.52
N ASP A 380 25.78 7.17 4.43
CA ASP A 380 26.06 7.99 3.25
C ASP A 380 24.81 8.59 2.65
N ALA A 381 23.66 7.93 2.80
CA ALA A 381 22.42 8.49 2.30
C ALA A 381 21.88 9.59 3.21
N LEU A 382 22.00 9.43 4.52
CA LEU A 382 21.35 10.33 5.48
C LEU A 382 22.27 11.43 6.00
N ALA A 383 23.47 11.09 6.46
CA ALA A 383 24.39 12.09 6.99
C ALA A 383 25.80 11.67 6.59
N LYS A 384 26.27 12.22 5.48
CA LYS A 384 27.59 11.89 4.95
C LYS A 384 28.69 12.76 5.53
N GLU A 385 28.45 14.06 5.65
CA GLU A 385 29.43 14.99 6.20
C GLU A 385 28.72 15.94 7.13
N THR A 386 29.49 16.51 8.06
CA THR A 386 28.95 17.58 8.88
C THR A 386 28.75 18.86 8.09
N ARG A 387 29.15 18.88 6.83
CA ARG A 387 28.97 20.08 5.98
C ARG A 387 27.56 20.12 5.39
N TRP A 388 26.86 19.01 5.39
CA TRP A 388 25.48 18.92 4.90
C TRP A 388 24.59 19.69 5.84
N PHE A 389 25.00 19.86 7.09
CA PHE A 389 24.13 20.46 8.13
C PHE A 389 24.71 21.77 8.61
N GLY A 390 23.93 22.58 9.29
CA GLY A 390 24.38 23.93 9.66
C GLY A 390 24.95 24.09 11.06
N PRO A 391 25.34 25.30 11.55
CA PRO A 391 26.03 25.39 12.84
C PRO A 391 25.10 25.03 13.99
N GLY A 392 25.63 24.26 14.93
CA GLY A 392 24.88 23.84 16.09
C GLY A 392 24.15 22.53 15.93
N SER A 393 24.16 21.94 14.75
CA SER A 393 23.40 20.72 14.49
C SER A 393 23.96 19.56 15.28
N ARG A 394 23.07 18.64 15.66
CA ARG A 394 23.46 17.39 16.30
C ARG A 394 22.84 16.23 15.54
N ILE A 395 23.67 15.25 15.21
CA ILE A 395 23.23 14.03 14.56
C ILE A 395 23.62 12.87 15.46
N ILE A 396 22.65 12.00 15.74
CA ILE A 396 22.79 10.97 16.76
C ILE A 396 22.45 9.63 16.15
N ILE A 397 23.45 8.76 16.04
CA ILE A 397 23.31 7.47 15.38
C ILE A 397 23.38 6.39 16.45
N THR A 398 22.31 5.61 16.59
CA THR A 398 22.34 4.44 17.52
C THR A 398 22.66 3.22 16.66
N THR A 399 23.49 2.28 17.15
CA THR A 399 24.01 1.21 16.33
C THR A 399 24.38 0.05 17.24
N GLU A 400 24.56 -1.13 16.65
CA GLU A 400 25.14 -2.27 17.37
C GLU A 400 26.58 -2.54 17.00
N ASP A 401 27.02 -2.09 15.82
CA ASP A 401 28.37 -2.35 15.33
C ASP A 401 29.21 -1.09 15.47
N LEU A 402 30.35 -1.22 16.14
CA LEU A 402 31.24 -0.07 16.33
C LEU A 402 32.02 0.24 15.07
N GLY A 403 32.22 -0.75 14.20
CA GLY A 403 32.93 -0.50 12.96
C GLY A 403 32.25 0.51 12.08
N VAL A 404 30.91 0.53 12.09
CA VAL A 404 30.17 1.51 11.30
C VAL A 404 30.44 2.91 11.82
N LEU A 405 30.48 3.08 13.15
CA LEU A 405 30.74 4.41 13.70
C LEU A 405 32.18 4.83 13.45
N LYS A 406 33.13 3.90 13.60
CA LYS A 406 34.53 4.24 13.36
C LYS A 406 34.78 4.59 11.91
N ALA A 407 34.13 3.87 10.98
CA ALA A 407 34.33 4.13 9.56
C ALA A 407 33.90 5.55 9.19
N HIS A 408 32.82 6.03 9.77
CA HIS A 408 32.30 7.34 9.48
C HIS A 408 33.01 8.45 10.25
N GLY A 409 33.95 8.09 11.12
CA GLY A 409 34.67 9.07 11.91
C GLY A 409 33.78 9.80 12.88
N ILE A 410 33.20 9.08 13.84
CA ILE A 410 32.29 9.66 14.82
C ILE A 410 33.05 10.22 16.02
N ASN A 411 33.79 9.37 16.73
CA ASN A 411 34.72 9.77 17.79
C ASN A 411 34.02 10.27 19.05
N HIS A 412 32.70 10.46 18.99
CA HIS A 412 31.91 10.73 20.19
C HIS A 412 30.90 9.61 20.35
N VAL A 413 31.23 8.63 21.16
CA VAL A 413 30.48 7.39 21.22
C VAL A 413 30.06 7.14 22.66
N TYR A 414 28.79 6.80 22.87
CA TYR A 414 28.26 6.47 24.17
C TYR A 414 27.95 4.99 24.20
N LYS A 415 28.64 4.25 25.05
CA LYS A 415 28.46 2.81 25.20
C LYS A 415 27.44 2.58 26.29
N VAL A 416 26.21 2.22 25.89
CA VAL A 416 25.13 2.08 26.85
C VAL A 416 25.44 0.92 27.78
N GLY A 417 25.23 1.13 29.08
CA GLY A 417 25.57 0.14 30.09
C GLY A 417 24.33 -0.44 30.72
N TYR A 418 24.47 -1.67 31.22
CA TYR A 418 23.35 -2.34 31.87
C TYR A 418 22.92 -1.57 33.11
N PRO A 419 21.62 -1.47 33.38
CA PRO A 419 21.20 -0.80 34.61
C PRO A 419 21.61 -1.60 35.83
N SER A 420 21.75 -0.89 36.95
CA SER A 420 22.20 -1.53 38.18
C SER A 420 21.24 -2.63 38.59
N ASN A 421 21.68 -3.44 39.55
CA ASN A 421 20.85 -4.55 39.99
C ASN A 421 19.52 -4.05 40.56
N ASP A 422 19.55 -2.96 41.32
CA ASP A 422 18.31 -2.43 41.88
C ASP A 422 17.38 -1.93 40.78
N GLU A 423 17.92 -1.20 39.81
CA GLU A 423 17.07 -0.71 38.71
C GLU A 423 16.60 -1.85 37.84
N ALA A 424 17.41 -2.90 37.68
CA ALA A 424 16.98 -4.05 36.92
C ALA A 424 15.80 -4.74 37.60
N PHE A 425 15.87 -4.89 38.92
CA PHE A 425 14.72 -5.40 39.65
C PHE A 425 13.51 -4.49 39.52
N GLN A 426 13.74 -3.18 39.50
CA GLN A 426 12.63 -2.26 39.31
C GLN A 426 11.94 -2.48 37.97
N ILE A 427 12.73 -2.67 36.91
CA ILE A 427 12.15 -2.91 35.58
C ILE A 427 11.39 -4.23 35.55
N PHE A 428 11.98 -5.28 36.13
CA PHE A 428 11.31 -6.58 36.13
C PHE A 428 10.00 -6.51 36.90
N CYS A 429 10.01 -5.84 38.05
CA CYS A 429 8.79 -5.75 38.86
C CYS A 429 7.76 -4.86 38.20
N MET A 430 8.20 -3.81 37.52
CA MET A 430 7.26 -2.96 36.79
C MET A 430 6.56 -3.75 35.70
N ASN A 431 7.28 -4.65 35.04
CA ASN A 431 6.67 -5.43 33.98
C ASN A 431 5.88 -6.63 34.48
N ALA A 432 6.20 -7.15 35.67
CA ALA A 432 5.50 -8.33 36.18
C ALA A 432 4.33 -7.98 37.08
N PHE A 433 4.58 -7.25 38.16
CA PHE A 433 3.55 -6.94 39.13
C PHE A 433 2.90 -5.58 38.89
N GLY A 434 3.38 -4.81 37.93
CA GLY A 434 2.82 -3.49 37.66
C GLY A 434 3.33 -2.39 38.57
N GLN A 435 4.18 -2.71 39.54
CA GLN A 435 4.72 -1.74 40.48
C GLN A 435 6.20 -2.01 40.67
N LYS A 436 6.91 -1.04 41.24
CA LYS A 436 8.35 -1.17 41.39
C LYS A 436 8.75 -2.22 42.43
N GLN A 437 7.82 -2.68 43.25
CA GLN A 437 8.11 -3.64 44.29
C GLN A 437 7.26 -4.88 44.11
N PRO A 438 7.77 -6.04 44.50
CA PRO A 438 7.03 -7.29 44.28
C PRO A 438 5.88 -7.45 45.27
N HIS A 439 4.96 -8.33 44.91
CA HIS A 439 3.89 -8.73 45.81
C HIS A 439 4.45 -9.63 46.90
N GLU A 440 3.73 -9.68 48.02
CA GLU A 440 4.20 -10.43 49.18
C GLU A 440 4.37 -11.90 48.86
N GLY A 441 5.51 -12.44 49.25
CA GLY A 441 5.84 -13.83 49.01
C GLY A 441 6.47 -14.13 47.67
N PHE A 442 6.55 -13.15 46.77
CA PHE A 442 7.10 -13.36 45.45
C PHE A 442 8.59 -13.06 45.36
N ASP A 443 9.17 -12.47 46.40
CA ASP A 443 10.50 -11.86 46.28
C ASP A 443 11.56 -12.87 45.84
N GLU A 444 11.58 -14.05 46.47
CA GLU A 444 12.62 -15.02 46.18
C GLU A 444 12.55 -15.51 44.74
N ILE A 445 11.37 -15.96 44.31
CA ILE A 445 11.20 -16.44 42.95
C ILE A 445 11.31 -15.31 41.94
N ALA A 446 10.87 -14.10 42.31
CA ALA A 446 11.05 -12.96 41.41
C ALA A 446 12.53 -12.71 41.15
N ARG A 447 13.35 -12.74 42.20
CA ARG A 447 14.77 -12.52 42.01
C ARG A 447 15.44 -13.68 41.28
N GLU A 448 14.93 -14.90 41.45
CA GLU A 448 15.46 -16.00 40.66
C GLU A 448 15.19 -15.80 39.17
N VAL A 449 13.97 -15.40 38.81
CA VAL A 449 13.66 -15.15 37.40
C VAL A 449 14.49 -13.98 36.87
N MET A 450 14.62 -12.93 37.68
CA MET A 450 15.55 -11.85 37.37
C MET A 450 16.94 -12.33 37.03
N ALA A 451 17.54 -13.12 37.93
CA ALA A 451 18.88 -13.64 37.68
C ALA A 451 18.91 -14.45 36.40
N LEU A 452 17.80 -15.10 36.06
CA LEU A 452 17.71 -15.77 34.79
C LEU A 452 17.76 -14.77 33.63
N ALA A 453 17.21 -13.58 33.81
CA ALA A 453 17.07 -12.61 32.73
C ALA A 453 18.37 -11.88 32.40
N GLY A 454 19.46 -12.21 33.06
CA GLY A 454 20.68 -11.46 32.86
C GLY A 454 20.50 -10.05 33.39
N GLU A 455 20.77 -9.06 32.53
CA GLU A 455 20.64 -7.64 32.95
C GLU A 455 19.99 -6.82 31.82
N LEU A 456 19.82 -7.43 30.64
CA LEU A 456 19.27 -6.67 29.48
C LEU A 456 17.84 -6.25 29.80
N PRO A 457 17.46 -4.97 29.57
CA PRO A 457 16.07 -4.52 29.76
C PRO A 457 15.09 -5.37 28.93
N LEU A 458 15.49 -5.78 27.72
CA LEU A 458 14.65 -6.62 26.88
C LEU A 458 14.32 -7.93 27.58
N GLY A 459 15.32 -8.60 28.13
CA GLY A 459 15.06 -9.84 28.83
C GLY A 459 14.22 -9.64 30.07
N LEU A 460 14.49 -8.56 30.81
CA LEU A 460 13.68 -8.25 31.98
C LEU A 460 12.23 -8.01 31.60
N LYS A 461 12.01 -7.21 30.56
CA LYS A 461 10.64 -6.96 30.10
C LYS A 461 9.95 -8.24 29.67
N VAL A 462 10.64 -9.08 28.90
CA VAL A 462 9.99 -10.27 28.36
C VAL A 462 9.64 -11.24 29.49
N LEU A 463 10.58 -11.49 30.39
CA LEU A 463 10.30 -12.44 31.48
C LEU A 463 9.28 -11.87 32.46
N GLY A 464 9.28 -10.56 32.66
CA GLY A 464 8.27 -9.96 33.51
C GLY A 464 6.88 -10.04 32.93
N SER A 465 6.75 -9.78 31.62
CA SER A 465 5.44 -9.84 30.98
C SER A 465 4.95 -11.28 30.88
N ALA A 466 5.87 -12.23 30.81
CA ALA A 466 5.51 -13.64 30.68
C ALA A 466 4.88 -14.18 31.95
N LEU A 467 4.93 -13.40 33.03
CA LEU A 467 4.42 -13.82 34.33
C LEU A 467 3.55 -12.75 34.98
N ARG A 468 2.79 -11.99 34.18
CA ARG A 468 2.13 -10.81 34.72
C ARG A 468 0.94 -11.18 35.60
N GLY A 469 0.15 -12.16 35.18
CA GLY A 469 -1.06 -12.47 35.91
C GLY A 469 -0.99 -13.72 36.76
N LYS A 470 0.09 -14.49 36.63
CA LYS A 470 0.17 -15.77 37.29
C LYS A 470 0.33 -15.61 38.80
N SER A 471 0.20 -16.73 39.50
CA SER A 471 0.39 -16.82 40.93
C SER A 471 1.57 -17.74 41.24
N LYS A 472 1.89 -17.85 42.53
CA LYS A 472 3.12 -18.47 43.02
C LYS A 472 3.41 -19.85 42.44
N PRO A 473 2.46 -20.80 42.46
CA PRO A 473 2.77 -22.12 41.87
C PRO A 473 3.11 -22.05 40.39
N GLU A 474 2.45 -21.17 39.64
CA GLU A 474 2.77 -21.01 38.23
C GLU A 474 4.19 -20.47 38.04
N TRP A 475 4.59 -19.51 38.87
CA TRP A 475 5.98 -19.06 38.85
C TRP A 475 6.93 -20.22 39.10
N GLU A 476 6.64 -21.01 40.13
CA GLU A 476 7.59 -22.03 40.56
C GLU A 476 7.72 -23.15 39.55
N ARG A 477 6.65 -23.49 38.84
CA ARG A 477 6.75 -24.54 37.83
C ARG A 477 6.89 -24.00 36.41
N THR A 478 6.98 -22.68 36.23
CA THR A 478 7.36 -22.15 34.93
C THR A 478 8.81 -21.72 34.88
N LEU A 479 9.44 -21.51 36.04
CA LEU A 479 10.86 -21.18 36.03
C LEU A 479 11.70 -22.25 35.33
N PRO A 480 11.50 -23.56 35.62
CA PRO A 480 12.27 -24.58 34.89
C PRO A 480 11.97 -24.57 33.39
N ARG A 481 10.82 -24.07 33.00
CA ARG A 481 10.54 -23.89 31.58
C ARG A 481 11.29 -22.69 31.00
N LEU A 482 11.50 -21.66 31.82
CA LEU A 482 12.28 -20.52 31.38
C LEU A 482 13.74 -20.89 31.20
N LYS A 483 14.29 -21.70 32.10
CA LYS A 483 15.71 -22.04 32.03
C LYS A 483 16.04 -22.85 30.79
N THR A 484 15.13 -23.72 30.36
CA THR A 484 15.42 -24.71 29.34
C THR A 484 14.89 -24.32 27.96
N SER A 485 14.48 -23.07 27.78
CA SER A 485 14.02 -22.61 26.48
C SER A 485 14.05 -21.10 26.45
N LEU A 486 14.81 -20.54 25.52
CA LEU A 486 14.88 -19.10 25.35
C LEU A 486 13.59 -18.59 24.73
N ASP A 487 13.05 -17.51 25.29
CA ASP A 487 11.76 -16.98 24.84
C ASP A 487 11.83 -16.55 23.39
N GLY A 488 10.71 -16.63 22.68
CA GLY A 488 10.71 -16.27 21.27
C GLY A 488 11.00 -14.81 21.00
N LYS A 489 10.52 -13.92 21.86
CA LYS A 489 10.70 -12.50 21.67
C LYS A 489 12.13 -12.04 21.91
N ILE A 490 12.94 -12.85 22.58
CA ILE A 490 14.37 -12.57 22.71
C ILE A 490 15.17 -13.33 21.66
N GLY A 491 14.80 -14.59 21.44
CA GLY A 491 15.49 -15.40 20.47
C GLY A 491 15.42 -14.82 19.07
N SER A 492 14.26 -14.26 18.69
CA SER A 492 14.12 -13.72 17.35
C SER A 492 15.03 -12.52 17.14
N ILE A 493 15.11 -11.63 18.13
CA ILE A 493 15.95 -10.45 18.00
C ILE A 493 17.43 -10.83 17.96
N ILE A 494 17.84 -11.76 18.84
CA ILE A 494 19.23 -12.19 18.83
C ILE A 494 19.54 -12.91 17.52
N GLN A 495 18.57 -13.63 16.98
CA GLN A 495 18.71 -14.30 15.69
C GLN A 495 18.91 -13.28 14.57
N PHE A 496 18.17 -12.17 14.62
CA PHE A 496 18.35 -11.15 13.61
C PHE A 496 19.74 -10.54 13.68
N SER A 497 20.26 -10.34 14.90
CA SER A 497 21.62 -9.82 15.01
C SER A 497 22.66 -10.85 14.60
N TYR A 498 22.37 -12.14 14.82
CA TYR A 498 23.32 -13.20 14.54
C TYR A 498 23.39 -13.53 13.06
N ASP A 499 22.28 -13.39 12.34
CA ASP A 499 22.25 -13.69 10.91
C ASP A 499 23.03 -12.70 10.07
N ALA A 500 23.46 -11.59 10.62
CA ALA A 500 24.23 -10.60 9.88
C ALA A 500 25.72 -10.89 9.86
N LEU A 501 26.17 -11.89 10.62
CA LEU A 501 27.59 -12.19 10.70
C LEU A 501 28.06 -12.96 9.46
N CYS A 502 29.36 -13.18 9.39
CA CYS A 502 29.95 -14.03 8.38
C CYS A 502 29.76 -15.48 8.80
N ASP A 503 30.27 -16.42 7.99
CA ASP A 503 30.21 -17.82 8.40
C ASP A 503 31.21 -18.11 9.52
N GLU A 504 32.44 -17.62 9.38
CA GLU A 504 33.44 -17.88 10.42
C GLU A 504 33.10 -17.16 11.71
N ASP A 505 32.54 -15.95 11.64
CA ASP A 505 32.09 -15.29 12.86
C ASP A 505 30.98 -16.07 13.53
N LYS A 506 30.05 -16.63 12.75
CA LYS A 506 29.01 -17.46 13.33
C LYS A 506 29.59 -18.68 14.02
N TYR A 507 30.56 -19.32 13.38
CA TYR A 507 31.16 -20.51 13.98
C TYR A 507 31.91 -20.17 15.26
N LEU A 508 32.62 -19.04 15.27
CA LEU A 508 33.29 -18.61 16.49
C LEU A 508 32.29 -18.29 17.58
N PHE A 509 31.17 -17.67 17.22
CA PHE A 509 30.12 -17.38 18.20
C PHE A 509 29.60 -18.67 18.81
N LEU A 510 29.33 -19.68 17.98
CA LEU A 510 28.83 -20.95 18.49
C LEU A 510 29.85 -21.63 19.39
N TYR A 511 31.13 -21.60 18.99
CA TYR A 511 32.18 -22.19 19.82
C TYR A 511 32.24 -21.51 21.18
N ILE A 512 32.21 -20.17 21.19
CA ILE A 512 32.33 -19.43 22.44
C ILE A 512 31.12 -19.70 23.33
N ALA A 513 29.93 -19.71 22.75
CA ALA A 513 28.72 -19.96 23.53
C ALA A 513 28.71 -21.38 24.10
N CYS A 514 29.10 -22.37 23.31
CA CYS A 514 29.03 -23.75 23.75
C CYS A 514 30.21 -24.14 24.64
N LEU A 515 31.43 -23.77 24.24
CA LEU A 515 32.63 -24.29 24.90
C LEU A 515 33.45 -23.22 25.62
N PHE A 516 33.95 -22.23 24.91
CA PHE A 516 34.97 -21.31 25.44
C PHE A 516 34.35 -20.00 25.91
N ASN A 517 33.51 -20.05 26.94
CA ASN A 517 32.83 -18.82 27.33
C ASN A 517 33.76 -17.90 28.10
N LYS A 518 34.25 -18.34 29.26
CA LYS A 518 35.04 -17.47 30.14
C LYS A 518 36.54 -17.69 29.99
N GLU A 519 36.95 -18.46 29.00
CA GLU A 519 38.34 -18.86 28.86
C GLU A 519 39.19 -17.71 28.33
N SER A 520 40.50 -17.91 28.37
CA SER A 520 41.45 -16.90 27.94
C SER A 520 41.30 -16.64 26.45
N THR A 521 41.58 -15.41 26.04
CA THR A 521 41.70 -15.13 24.61
C THR A 521 42.86 -15.89 24.01
N THR A 522 43.99 -15.95 24.72
CA THR A 522 45.16 -16.63 24.22
C THR A 522 44.91 -18.12 24.01
N LYS A 523 44.25 -18.76 24.97
CA LYS A 523 43.96 -20.19 24.84
C LYS A 523 43.00 -20.44 23.68
N VAL A 524 41.98 -19.59 23.53
CA VAL A 524 41.03 -19.76 22.44
C VAL A 524 41.73 -19.61 21.10
N GLU A 525 42.65 -18.64 21.00
CA GLU A 525 43.43 -18.51 19.77
C GLU A 525 44.31 -19.72 19.53
N GLY A 526 44.88 -20.29 20.59
CA GLY A 526 45.73 -21.46 20.43
C GLY A 526 44.96 -22.69 19.97
N LEU A 527 43.74 -22.87 20.49
CA LEU A 527 42.96 -24.06 20.17
C LEU A 527 42.29 -23.93 18.81
N LEU A 528 41.57 -22.84 18.60
CA LEU A 528 40.81 -22.65 17.36
C LEU A 528 41.64 -21.98 16.26
N GLY A 529 42.96 -21.92 16.40
CA GLY A 529 43.75 -21.19 15.44
C GLY A 529 43.74 -21.83 14.06
N LYS A 530 43.83 -23.15 14.01
CA LYS A 530 43.94 -23.84 12.73
C LYS A 530 42.63 -23.81 11.96
N PHE A 531 41.49 -23.82 12.65
CA PHE A 531 40.20 -23.84 11.96
C PHE A 531 39.84 -22.49 11.35
N LEU A 532 40.10 -21.40 12.05
CA LEU A 532 39.66 -20.08 11.60
C LEU A 532 40.56 -19.03 12.23
N ASP A 533 40.42 -17.78 11.74
CA ASP A 533 41.21 -16.65 12.21
C ASP A 533 40.57 -16.10 13.47
N VAL A 534 41.09 -16.56 14.62
CA VAL A 534 40.42 -16.31 15.89
C VAL A 534 40.52 -14.84 16.29
N ARG A 535 41.70 -14.25 16.12
CA ARG A 535 41.92 -12.91 16.65
C ARG A 535 41.03 -11.88 15.98
N GLN A 536 40.96 -11.91 14.64
CA GLN A 536 40.10 -10.97 13.94
C GLN A 536 38.64 -11.27 14.20
N GLY A 537 38.28 -12.54 14.37
CA GLY A 537 36.92 -12.88 14.70
C GLY A 537 36.48 -12.33 16.03
N LEU A 538 37.34 -12.45 17.04
CA LEU A 538 37.07 -11.86 18.34
C LEU A 538 36.97 -10.35 18.25
N HIS A 539 37.87 -9.74 17.47
CA HIS A 539 37.79 -8.30 17.28
C HIS A 539 36.45 -7.88 16.69
N ILE A 540 35.97 -8.61 15.68
CA ILE A 540 34.71 -8.27 15.04
C ILE A 540 33.54 -8.51 15.98
N LEU A 541 33.57 -9.61 16.74
CA LEU A 541 32.49 -9.88 17.67
C LEU A 541 32.40 -8.81 18.75
N ALA A 542 33.55 -8.33 19.23
CA ALA A 542 33.54 -7.23 20.18
C ALA A 542 33.04 -5.94 19.53
N GLN A 543 33.42 -5.70 18.26
CA GLN A 543 32.87 -4.57 17.52
C GLN A 543 31.35 -4.63 17.46
N LYS A 544 30.80 -5.83 17.30
CA LYS A 544 29.37 -6.02 17.14
C LYS A 544 28.65 -6.12 18.48
N SER A 545 29.37 -6.02 19.59
CA SER A 545 28.81 -6.07 20.94
C SER A 545 28.11 -7.40 21.21
N LEU A 546 28.62 -8.47 20.61
CA LEU A 546 28.14 -9.82 20.94
C LEU A 546 28.97 -10.47 22.03
N ILE A 547 30.24 -10.09 22.18
CA ILE A 547 31.04 -10.55 23.30
C ILE A 547 31.70 -9.34 23.95
N SER A 548 32.51 -9.59 24.97
CA SER A 548 33.22 -8.53 25.66
C SER A 548 34.48 -9.13 26.27
N ILE A 549 35.59 -8.43 26.15
CA ILE A 549 36.88 -8.91 26.66
C ILE A 549 37.33 -7.96 27.77
N GLU A 550 37.50 -8.50 28.98
CA GLU A 550 37.74 -7.66 30.15
C GLU A 550 39.18 -7.74 30.62
N ASP A 551 39.69 -8.93 30.95
CA ASP A 551 41.01 -9.07 31.52
C ASP A 551 41.81 -10.11 30.77
N GLY A 552 41.67 -10.13 29.45
CA GLY A 552 42.24 -11.19 28.66
C GLY A 552 41.34 -12.41 28.53
N ASN A 553 40.16 -12.38 29.12
CA ASN A 553 39.16 -13.42 28.94
C ASN A 553 37.93 -12.84 28.26
N ILE A 554 37.26 -13.67 27.48
CA ILE A 554 36.08 -13.27 26.74
C ILE A 554 34.84 -13.59 27.55
N TYR A 555 33.75 -12.91 27.22
CA TYR A 555 32.50 -13.04 27.97
C TYR A 555 31.33 -12.95 27.01
N MET A 556 30.23 -13.60 27.39
CA MET A 556 28.96 -13.47 26.70
C MET A 556 27.87 -13.21 27.71
N HIS A 557 26.87 -12.42 27.31
CA HIS A 557 25.69 -12.29 28.14
C HIS A 557 24.99 -13.63 28.24
N THR A 558 24.29 -13.84 29.35
CA THR A 558 23.63 -15.12 29.59
C THR A 558 22.63 -15.43 28.49
N LEU A 559 21.88 -14.42 28.05
CA LEU A 559 20.89 -14.63 27.01
C LEU A 559 21.53 -14.99 25.68
N LEU A 560 22.65 -14.34 25.34
CA LEU A 560 23.36 -14.67 24.12
C LEU A 560 23.90 -16.10 24.16
N GLU A 561 24.44 -16.51 25.30
CA GLU A 561 24.94 -17.88 25.44
C GLU A 561 23.80 -18.89 25.32
N GLN A 562 22.65 -18.57 25.90
CA GLN A 562 21.49 -19.45 25.79
C GLN A 562 21.05 -19.59 24.34
N PHE A 563 21.01 -18.48 23.60
CA PHE A 563 20.67 -18.54 22.18
C PHE A 563 21.67 -19.38 21.41
N GLY A 564 22.96 -19.20 21.69
CA GLY A 564 23.97 -19.98 20.99
C GLY A 564 23.86 -21.47 21.26
N ARG A 565 23.63 -21.83 22.53
CA ARG A 565 23.49 -23.25 22.85
C ARG A 565 22.24 -23.85 22.23
N GLU A 566 21.17 -23.06 22.08
CA GLU A 566 20.01 -23.57 21.37
C GLU A 566 20.29 -23.77 19.89
N THR A 567 20.87 -22.77 19.22
CA THR A 567 21.10 -22.89 17.78
C THR A 567 22.22 -23.87 17.47
N SER A 568 22.94 -24.34 18.50
CA SER A 568 23.94 -25.37 18.26
C SER A 568 23.32 -26.67 17.76
N ARG A 569 22.02 -26.87 18.03
CA ARG A 569 21.37 -28.17 17.70
C ARG A 569 20.90 -28.21 16.23
N LYS A 570 20.96 -27.09 15.51
CA LYS A 570 20.43 -27.08 14.15
C LYS A 570 21.46 -26.58 13.16
N GLN A 571 22.48 -25.87 13.65
CA GLN A 571 23.49 -25.28 12.77
C GLN A 571 24.64 -26.25 12.59
N PHE A 572 25.15 -26.34 11.37
CA PHE A 572 26.32 -27.14 11.07
C PHE A 572 27.53 -26.24 10.89
N ILE A 573 28.67 -26.71 11.37
CA ILE A 573 29.91 -25.94 11.35
C ILE A 573 30.75 -26.53 10.22
N HIS A 574 30.86 -25.79 9.12
CA HIS A 574 31.69 -26.19 8.00
C HIS A 574 33.09 -25.60 8.17
N HIS A 575 34.08 -26.45 8.38
CA HIS A 575 35.46 -25.96 8.52
C HIS A 575 36.14 -25.94 7.16
N GLY A 576 36.26 -27.10 6.53
CA GLY A 576 36.77 -27.15 5.18
C GLY A 576 35.73 -27.70 4.23
N TYR A 577 35.96 -28.90 3.71
CA TYR A 577 34.92 -29.63 3.01
C TYR A 577 34.10 -30.47 3.95
N THR A 578 34.48 -30.54 5.22
CA THR A 578 33.83 -31.41 6.21
C THR A 578 32.66 -30.67 6.86
N LYS A 579 32.11 -31.26 7.91
CA LYS A 579 30.97 -30.71 8.62
C LYS A 579 30.99 -31.24 10.05
N HIS A 580 30.61 -30.39 10.99
CA HIS A 580 30.70 -30.74 12.40
C HIS A 580 29.54 -30.13 13.17
N GLN A 581 29.40 -30.57 14.41
CA GLN A 581 28.36 -30.07 15.31
C GLN A 581 28.90 -30.10 16.73
N LEU A 582 28.22 -29.38 17.63
CA LEU A 582 28.61 -29.28 19.02
C LEU A 582 27.52 -29.86 19.91
N LEU A 583 27.94 -30.64 20.91
CA LEU A 583 27.03 -31.24 21.88
C LEU A 583 27.20 -30.53 23.20
N VAL A 584 26.19 -29.75 23.59
CA VAL A 584 26.19 -29.05 24.87
C VAL A 584 24.88 -29.34 25.58
N GLY A 585 24.98 -29.71 26.86
CA GLY A 585 23.80 -30.06 27.64
C GLY A 585 24.23 -30.50 29.02
N GLU A 586 23.23 -30.71 29.88
CA GLU A 586 23.52 -31.19 31.23
C GLU A 586 23.64 -32.71 31.25
N ARG A 587 22.52 -33.40 31.02
CA ARG A 587 22.51 -34.85 30.88
C ARG A 587 21.64 -35.22 29.70
N ASP A 588 20.86 -34.25 29.23
CA ASP A 588 19.86 -34.51 28.20
C ASP A 588 20.49 -34.92 26.88
N ILE A 589 21.46 -34.16 26.37
CA ILE A 589 22.08 -34.56 25.13
C ILE A 589 23.23 -35.49 25.45
N CYS A 590 22.89 -36.75 25.74
CA CYS A 590 23.82 -37.86 25.79
C CYS A 590 23.10 -39.04 25.15
N GLU A 591 21.78 -38.88 25.02
CA GLU A 591 20.95 -39.84 24.31
C GLU A 591 21.00 -39.68 22.81
N VAL A 592 21.52 -38.55 22.32
CA VAL A 592 21.76 -38.39 20.89
C VAL A 592 22.83 -39.35 20.39
N LEU A 593 23.79 -39.70 21.25
CA LEU A 593 24.78 -40.71 20.88
C LEU A 593 24.10 -42.06 20.66
N ASN A 594 23.11 -42.40 21.48
CA ASN A 594 22.34 -43.63 21.34
C ASN A 594 21.35 -43.60 20.19
N ASP A 595 21.33 -42.57 19.34
CA ASP A 595 20.47 -42.61 18.16
C ASP A 595 20.86 -43.74 17.22
N ASP A 596 22.17 -43.93 17.01
CA ASP A 596 22.69 -44.94 16.10
C ASP A 596 22.15 -44.77 14.69
N THR A 597 21.86 -43.53 14.30
CA THR A 597 21.26 -43.28 13.00
C THR A 597 21.98 -42.16 12.26
N ILE A 598 22.62 -41.25 12.99
CA ILE A 598 23.26 -40.06 12.43
C ILE A 598 24.77 -40.18 12.63
N ASP A 599 25.50 -39.65 11.63
CA ASP A 599 26.99 -39.71 11.66
C ASP A 599 27.52 -38.92 12.86
N SER A 600 28.57 -39.44 13.49
CA SER A 600 29.18 -38.79 14.65
C SER A 600 30.55 -38.23 14.29
N HIS B 85 20.53 33.70 -0.73
CA HIS B 85 19.24 33.54 -0.05
C HIS B 85 18.49 32.33 -0.55
N GLN B 86 17.38 32.04 0.11
CA GLN B 86 16.41 31.09 -0.42
C GLN B 86 15.36 31.81 -1.27
N VAL B 87 14.69 32.78 -0.67
CA VAL B 87 13.57 33.49 -1.29
C VAL B 87 13.70 34.97 -0.97
N PHE B 88 13.41 35.82 -1.96
CA PHE B 88 13.32 37.25 -1.69
C PHE B 88 11.87 37.68 -1.77
N PRO B 89 11.23 38.03 -0.66
CA PRO B 89 9.82 38.43 -0.72
C PRO B 89 9.64 39.92 -0.97
N SER B 90 8.91 40.26 -2.03
CA SER B 90 8.54 41.64 -2.32
C SER B 90 7.07 41.82 -2.00
N PHE B 91 6.75 42.84 -1.22
CA PHE B 91 5.39 43.04 -0.74
C PHE B 91 5.23 44.52 -0.38
N HIS B 92 4.05 44.86 0.11
CA HIS B 92 3.75 46.19 0.61
C HIS B 92 3.47 46.10 2.10
N GLY B 93 4.22 46.88 2.89
CA GLY B 93 4.14 46.72 4.33
C GLY B 93 2.78 47.03 4.91
N ALA B 94 2.18 48.14 4.46
CA ALA B 94 0.93 48.60 5.07
C ALA B 94 -0.24 47.67 4.77
N ASP B 95 -0.13 46.84 3.74
CA ASP B 95 -1.24 45.97 3.37
C ASP B 95 -1.16 44.58 3.99
N VAL B 96 0.00 43.94 3.98
CA VAL B 96 0.05 42.50 4.19
C VAL B 96 0.95 42.08 5.33
N ARG B 97 1.70 43.02 5.93
CA ARG B 97 2.65 42.63 6.95
C ARG B 97 1.96 42.03 8.16
N LYS B 98 0.86 42.63 8.60
CA LYS B 98 0.18 42.14 9.78
C LYS B 98 -0.54 40.83 9.53
N THR B 99 -1.26 40.73 8.41
CA THR B 99 -2.24 39.66 8.27
C THR B 99 -1.72 38.43 7.53
N ILE B 100 -1.36 38.57 6.26
CA ILE B 100 -1.12 37.37 5.46
C ILE B 100 0.36 37.05 5.36
N LEU B 101 1.22 38.06 5.29
CA LEU B 101 2.64 37.80 5.18
C LEU B 101 3.16 37.06 6.40
N SER B 102 2.59 37.32 7.57
CA SER B 102 2.99 36.60 8.77
C SER B 102 2.72 35.11 8.64
N HIS B 103 1.53 34.76 8.15
CA HIS B 103 1.21 33.36 7.92
C HIS B 103 2.10 32.73 6.87
N ILE B 104 2.39 33.46 5.79
CA ILE B 104 3.26 32.94 4.74
C ILE B 104 4.65 32.67 5.28
N LEU B 105 5.20 33.62 6.05
CA LEU B 105 6.53 33.43 6.61
C LEU B 105 6.55 32.30 7.62
N GLU B 106 5.47 32.13 8.39
CA GLU B 106 5.39 31.01 9.32
C GLU B 106 5.41 29.68 8.58
N SER B 107 4.65 29.59 7.48
CA SER B 107 4.66 28.36 6.69
C SER B 107 6.04 28.10 6.11
N PHE B 108 6.70 29.14 5.59
CA PHE B 108 8.05 28.99 5.08
C PHE B 108 9.00 28.51 6.17
N ARG B 109 8.88 29.09 7.37
CA ARG B 109 9.75 28.72 8.48
C ARG B 109 9.57 27.26 8.86
N ARG B 110 8.33 26.80 8.93
CA ARG B 110 8.12 25.40 9.26
C ARG B 110 8.46 24.47 8.11
N LYS B 111 8.59 25.00 6.89
CA LYS B 111 9.08 24.21 5.75
C LYS B 111 10.57 24.37 5.52
N GLY B 112 11.27 25.10 6.38
CA GLY B 112 12.71 25.25 6.25
C GLY B 112 13.15 26.21 5.18
N ILE B 113 12.35 27.22 4.87
CA ILE B 113 12.69 28.23 3.87
C ILE B 113 12.98 29.53 4.60
N ASP B 114 14.14 30.11 4.32
CA ASP B 114 14.55 31.32 5.02
C ASP B 114 14.56 32.50 4.05
N PRO B 115 13.57 33.38 4.10
CA PRO B 115 13.53 34.51 3.18
C PRO B 115 14.33 35.71 3.66
N PHE B 116 14.68 36.56 2.70
CA PHE B 116 15.35 37.81 3.04
C PHE B 116 14.44 38.69 3.87
N ILE B 117 15.00 39.27 4.93
CA ILE B 117 14.25 40.11 5.86
C ILE B 117 14.86 41.50 5.83
N ASP B 118 14.19 42.42 5.15
CA ASP B 118 14.62 43.82 5.18
C ASP B 118 14.34 44.42 6.55
N ASN B 119 15.29 45.20 7.04
CA ASN B 119 15.19 45.83 8.35
C ASN B 119 14.58 47.22 8.28
N ASN B 120 13.79 47.52 7.25
CA ASN B 120 13.34 48.88 6.99
C ASN B 120 14.53 49.84 6.89
N ILE B 121 15.44 49.54 5.96
CA ILE B 121 16.63 50.37 5.77
C ILE B 121 16.22 51.80 5.44
N GLU B 122 15.33 51.94 4.47
CA GLU B 122 14.83 53.25 4.06
C GLU B 122 13.36 53.07 3.70
N ARG B 123 12.48 53.46 4.62
CA ARG B 123 11.05 53.17 4.43
C ARG B 123 10.49 53.89 3.20
N SER B 124 10.80 55.18 3.04
CA SER B 124 10.45 55.89 1.81
C SER B 124 11.67 56.67 1.32
N LYS B 125 12.58 55.96 0.66
CA LYS B 125 13.72 56.52 -0.07
C LYS B 125 13.95 55.60 -1.28
N SER B 126 15.12 55.71 -1.89
CA SER B 126 15.46 54.83 -2.99
C SER B 126 15.90 53.47 -2.46
N ILE B 127 15.89 52.46 -3.34
CA ILE B 127 16.26 51.11 -2.92
C ILE B 127 17.75 51.03 -2.64
N GLY B 128 18.58 51.53 -3.55
CA GLY B 128 20.02 51.46 -3.41
C GLY B 128 20.55 50.05 -3.50
N HIS B 129 21.86 49.93 -3.35
CA HIS B 129 22.51 48.63 -3.33
C HIS B 129 22.23 47.95 -1.99
N GLU B 130 22.61 46.66 -1.90
CA GLU B 130 22.32 45.78 -0.77
C GLU B 130 20.81 45.56 -0.64
N LEU B 131 20.03 46.21 -1.50
CA LEU B 131 18.67 45.83 -1.81
C LEU B 131 18.49 45.44 -3.26
N LYS B 132 19.32 45.96 -4.16
CA LYS B 132 19.46 45.46 -5.52
C LYS B 132 20.25 44.16 -5.56
N GLU B 133 21.29 44.07 -4.72
CA GLU B 133 22.12 42.87 -4.71
C GLU B 133 21.41 41.72 -4.02
N ALA B 134 20.56 42.02 -3.04
CA ALA B 134 19.74 40.99 -2.41
C ALA B 134 18.81 40.35 -3.42
N ILE B 135 18.21 41.16 -4.29
CA ILE B 135 17.38 40.63 -5.37
C ILE B 135 18.22 39.79 -6.31
N LYS B 136 19.44 40.28 -6.62
CA LYS B 136 20.32 39.58 -7.53
C LYS B 136 20.68 38.20 -7.03
N GLY B 137 20.94 38.05 -5.74
CA GLY B 137 21.42 36.78 -5.22
C GLY B 137 20.35 35.94 -4.55
N SER B 138 19.12 36.00 -5.05
CA SER B 138 18.01 35.23 -4.52
C SER B 138 17.59 34.18 -5.53
N LYS B 139 17.52 32.93 -5.09
CA LYS B 139 17.18 31.84 -6.00
C LYS B 139 15.75 31.96 -6.50
N ILE B 140 14.84 32.36 -5.62
CA ILE B 140 13.43 32.55 -5.94
C ILE B 140 13.03 33.97 -5.54
N ALA B 141 12.15 34.58 -6.34
CA ALA B 141 11.57 35.87 -6.00
C ALA B 141 10.07 35.70 -5.88
N ILE B 142 9.47 36.34 -4.87
CA ILE B 142 8.05 36.23 -4.62
C ILE B 142 7.48 37.64 -4.58
N VAL B 143 6.57 37.94 -5.50
CA VAL B 143 5.87 39.21 -5.54
C VAL B 143 4.48 39.00 -4.99
N LEU B 144 4.12 39.79 -3.98
CA LEU B 144 2.82 39.66 -3.32
C LEU B 144 2.07 40.96 -3.61
N LEU B 145 1.17 40.91 -4.60
CA LEU B 145 0.54 42.11 -5.13
C LEU B 145 -0.78 42.39 -4.43
N SER B 146 -0.96 43.63 -3.97
CA SER B 146 -2.17 44.04 -3.27
C SER B 146 -2.60 45.38 -3.82
N LYS B 147 -3.68 45.92 -3.26
CA LYS B 147 -4.30 47.12 -3.82
C LYS B 147 -3.38 48.33 -3.81
N ASN B 148 -2.47 48.42 -2.86
CA ASN B 148 -1.58 49.57 -2.74
C ASN B 148 -0.14 49.26 -3.09
N TYR B 149 0.12 48.15 -3.78
CA TYR B 149 1.48 47.84 -4.20
C TYR B 149 2.03 48.92 -5.11
N ALA B 150 1.17 49.62 -5.85
CA ALA B 150 1.59 50.67 -6.77
C ALA B 150 1.67 52.04 -6.15
N SER B 151 1.23 52.20 -4.89
CA SER B 151 1.28 53.47 -4.20
C SER B 151 2.58 53.66 -3.43
N SER B 152 3.65 52.98 -3.84
CA SER B 152 4.95 53.08 -3.19
C SER B 152 6.01 52.83 -4.26
N SER B 153 6.77 53.87 -4.57
CA SER B 153 7.84 53.76 -5.56
C SER B 153 8.89 52.75 -5.12
N TRP B 154 8.96 52.50 -3.81
CA TRP B 154 9.85 51.47 -3.29
C TRP B 154 9.50 50.10 -3.88
N CYS B 155 8.24 49.71 -3.77
CA CYS B 155 7.81 48.40 -4.27
C CYS B 155 7.88 48.34 -5.78
N LEU B 156 7.58 49.45 -6.46
CA LEU B 156 7.67 49.47 -7.91
C LEU B 156 9.12 49.30 -8.38
N ASP B 157 10.06 49.95 -7.71
CA ASP B 157 11.47 49.76 -8.03
C ASP B 157 11.89 48.33 -7.77
N GLU B 158 11.46 47.75 -6.65
CA GLU B 158 11.77 46.36 -6.37
C GLU B 158 11.23 45.44 -7.45
N LEU B 159 10.01 45.72 -7.93
CA LEU B 159 9.40 44.89 -8.97
C LEU B 159 10.16 45.00 -10.29
N ALA B 160 10.55 46.23 -10.66
CA ALA B 160 11.32 46.41 -11.89
C ALA B 160 12.64 45.66 -11.82
N GLU B 161 13.33 45.76 -10.68
CA GLU B 161 14.58 45.02 -10.52
C GLU B 161 14.34 43.52 -10.56
N ILE B 162 13.25 43.06 -9.94
CA ILE B 162 12.93 41.63 -9.94
C ILE B 162 12.72 41.13 -11.35
N MET B 163 11.98 41.87 -12.17
CA MET B 163 11.73 41.39 -13.53
C MET B 163 12.98 41.50 -14.39
N LYS B 164 13.81 42.52 -14.19
CA LYS B 164 15.09 42.56 -14.89
C LYS B 164 15.95 41.35 -14.56
N CYS B 165 16.02 40.99 -13.27
CA CYS B 165 16.76 39.80 -12.89
C CYS B 165 16.09 38.52 -13.39
N ARG B 166 14.78 38.56 -13.63
CA ARG B 166 14.11 37.43 -14.24
C ARG B 166 14.49 37.25 -15.70
N GLU B 167 14.69 38.36 -16.42
CA GLU B 167 15.04 38.29 -17.83
C GLU B 167 16.50 37.92 -18.05
N LEU B 168 17.42 38.66 -17.42
CA LEU B 168 18.85 38.42 -17.63
C LEU B 168 19.33 37.20 -16.84
N LEU B 169 19.25 37.27 -15.52
CA LEU B 169 19.83 36.24 -14.68
C LEU B 169 19.05 34.93 -14.78
N GLY B 170 17.76 35.02 -15.07
CA GLY B 170 16.94 33.83 -15.16
C GLY B 170 16.34 33.45 -13.83
N GLN B 171 15.97 34.45 -13.05
CA GLN B 171 15.41 34.23 -11.73
C GLN B 171 14.00 33.66 -11.84
N ILE B 172 13.55 33.00 -10.78
CA ILE B 172 12.21 32.43 -10.74
C ILE B 172 11.32 33.36 -9.94
N VAL B 173 10.31 33.93 -10.62
CA VAL B 173 9.41 34.96 -9.98
C VAL B 173 8.01 34.40 -9.85
N MET B 174 7.47 34.33 -8.62
CA MET B 174 6.14 33.75 -8.36
C MET B 174 5.24 34.87 -7.91
N THR B 175 4.04 34.97 -8.47
CA THR B 175 3.19 36.13 -8.17
C THR B 175 2.05 35.72 -7.25
N ILE B 176 1.68 36.56 -6.28
CA ILE B 176 0.51 36.30 -5.46
C ILE B 176 -0.38 37.52 -5.55
N PHE B 177 -1.59 37.34 -6.07
CA PHE B 177 -2.53 38.44 -6.25
C PHE B 177 -3.49 38.44 -5.06
N TYR B 178 -3.21 39.30 -4.09
CA TYR B 178 -3.97 39.34 -2.85
C TYR B 178 -5.07 40.37 -3.01
N GLU B 179 -6.28 39.90 -3.28
CA GLU B 179 -7.46 40.76 -3.42
C GLU B 179 -7.27 41.78 -4.54
N VAL B 180 -6.58 41.34 -5.61
CA VAL B 180 -6.40 42.15 -6.80
C VAL B 180 -6.55 41.24 -8.01
N ASP B 181 -7.28 41.73 -9.01
CA ASP B 181 -7.42 40.99 -10.26
C ASP B 181 -6.19 41.19 -11.12
N PRO B 182 -5.65 40.12 -11.72
CA PRO B 182 -4.50 40.28 -12.61
C PRO B 182 -4.76 41.23 -13.76
N THR B 183 -6.01 41.28 -14.23
CA THR B 183 -6.39 42.17 -15.32
C THR B 183 -6.22 43.63 -14.90
N ASP B 184 -6.56 43.93 -13.65
CA ASP B 184 -6.35 45.29 -13.13
C ASP B 184 -4.89 45.67 -13.05
N ILE B 185 -3.99 44.71 -12.90
CA ILE B 185 -2.56 44.98 -12.91
C ILE B 185 -2.02 45.11 -14.32
N LYS B 186 -2.41 44.23 -15.24
CA LYS B 186 -1.90 44.28 -16.61
C LYS B 186 -2.21 45.62 -17.27
N LYS B 187 -3.45 46.07 -17.14
CA LYS B 187 -3.90 47.30 -17.76
C LYS B 187 -3.81 48.51 -16.82
N GLN B 188 -3.46 48.28 -15.56
CA GLN B 188 -3.36 49.34 -14.55
C GLN B 188 -4.62 50.20 -14.53
N THR B 189 -5.75 49.54 -14.23
CA THR B 189 -7.03 50.19 -14.09
C THR B 189 -7.61 49.83 -12.73
N GLY B 190 -8.77 50.41 -12.42
CA GLY B 190 -9.35 50.17 -11.11
C GLY B 190 -8.62 50.95 -10.04
N GLU B 191 -8.72 50.43 -8.81
CA GLU B 191 -8.06 51.08 -7.67
C GLU B 191 -6.54 50.95 -7.77
N PHE B 192 -6.06 49.81 -8.27
CA PHE B 192 -4.64 49.68 -8.56
C PHE B 192 -4.19 50.72 -9.56
N GLY B 193 -5.00 50.95 -10.60
CA GLY B 193 -4.66 51.96 -11.59
C GLY B 193 -4.68 53.36 -11.01
N LYS B 194 -5.64 53.65 -10.13
CA LYS B 194 -5.68 54.95 -9.47
C LYS B 194 -4.43 55.18 -8.64
N ALA B 195 -4.03 54.17 -7.85
CA ALA B 195 -2.82 54.30 -7.05
C ALA B 195 -1.60 54.49 -7.92
N PHE B 196 -1.49 53.72 -9.00
CA PHE B 196 -0.34 53.82 -9.88
C PHE B 196 -0.28 55.17 -10.57
N THR B 197 -1.43 55.72 -10.97
CA THR B 197 -1.46 57.06 -11.55
C THR B 197 -1.03 58.10 -10.52
N LYS B 198 -1.50 57.96 -9.29
CA LYS B 198 -1.12 58.91 -8.25
C LYS B 198 0.39 58.86 -7.97
N THR B 199 0.96 57.66 -7.99
CA THR B 199 2.40 57.53 -7.76
C THR B 199 3.21 58.16 -8.89
N CYS B 200 2.79 57.94 -10.12
CA CYS B 200 3.59 58.29 -11.29
C CYS B 200 3.54 59.78 -11.64
N LYS B 201 3.03 60.63 -10.75
CA LYS B 201 3.05 62.06 -10.98
C LYS B 201 4.39 62.62 -10.53
N GLY B 202 4.95 63.51 -11.36
CA GLY B 202 6.26 64.06 -11.11
C GLY B 202 7.41 63.19 -11.56
N LYS B 203 7.17 61.89 -11.72
CA LYS B 203 8.22 60.99 -12.19
C LYS B 203 8.46 61.18 -13.68
N THR B 204 9.71 60.94 -14.10
CA THR B 204 10.08 61.08 -15.49
C THR B 204 9.48 59.94 -16.32
N LYS B 205 9.53 60.11 -17.64
CA LYS B 205 8.92 59.17 -18.57
C LYS B 205 9.56 57.79 -18.52
N GLU B 206 10.89 57.73 -18.47
CA GLU B 206 11.60 56.46 -18.49
C GLU B 206 11.30 55.62 -17.25
N TYR B 207 11.22 56.27 -16.09
CA TYR B 207 10.90 55.56 -14.86
C TYR B 207 9.50 54.95 -14.95
N VAL B 208 8.53 55.74 -15.42
CA VAL B 208 7.16 55.29 -15.54
C VAL B 208 7.08 54.13 -16.53
N GLU B 209 7.84 54.24 -17.62
CA GLU B 209 7.84 53.19 -18.63
C GLU B 209 8.42 51.90 -18.08
N ARG B 210 9.53 51.98 -17.34
CA ARG B 210 10.07 50.79 -16.70
C ARG B 210 9.08 50.20 -15.71
N TRP B 211 8.40 51.04 -14.94
CA TRP B 211 7.45 50.55 -13.96
C TRP B 211 6.29 49.82 -14.63
N ARG B 212 5.72 50.41 -15.68
CA ARG B 212 4.53 49.81 -16.28
C ARG B 212 4.88 48.60 -17.14
N LYS B 213 6.06 48.60 -17.78
CA LYS B 213 6.50 47.40 -18.48
C LYS B 213 6.66 46.24 -17.50
N ALA B 214 7.27 46.51 -16.35
CA ALA B 214 7.38 45.51 -15.30
C ALA B 214 6.02 45.02 -14.84
N LEU B 215 5.09 45.96 -14.64
CA LEU B 215 3.76 45.60 -14.16
C LEU B 215 3.05 44.69 -15.15
N GLU B 216 3.06 45.05 -16.42
CA GLU B 216 2.33 44.25 -17.41
C GLU B 216 3.02 42.91 -17.66
N ASP B 217 4.34 42.84 -17.45
CA ASP B 217 5.02 41.55 -17.51
C ASP B 217 4.65 40.68 -16.31
N VAL B 218 4.52 41.29 -15.14
CA VAL B 218 4.17 40.55 -13.93
C VAL B 218 2.77 39.97 -14.04
N ALA B 219 1.82 40.78 -14.52
CA ALA B 219 0.43 40.34 -14.48
C ALA B 219 0.16 39.11 -15.32
N THR B 220 1.08 38.76 -16.23
CA THR B 220 0.82 37.64 -17.13
C THR B 220 1.35 36.31 -16.60
N ILE B 221 2.39 36.33 -15.77
CA ILE B 221 3.02 35.09 -15.37
C ILE B 221 2.14 34.37 -14.35
N ALA B 222 2.12 33.04 -14.45
CA ALA B 222 1.14 32.22 -13.76
C ALA B 222 1.44 32.17 -12.27
N GLY B 223 0.55 32.72 -11.46
CA GLY B 223 0.74 32.74 -10.02
C GLY B 223 -0.44 32.19 -9.25
N TYR B 224 -0.73 32.78 -8.10
CA TYR B 224 -1.80 32.34 -7.23
C TYR B 224 -2.77 33.49 -7.02
N HIS B 225 -4.05 33.23 -7.20
CA HIS B 225 -5.08 34.25 -7.08
C HIS B 225 -5.87 34.01 -5.80
N SER B 226 -5.97 35.05 -4.98
CA SER B 226 -6.65 34.92 -3.69
C SER B 226 -8.14 34.65 -3.87
N HIS B 227 -8.76 35.28 -4.87
CA HIS B 227 -10.20 35.16 -5.05
C HIS B 227 -10.59 33.73 -5.43
N LYS B 228 -9.73 33.05 -6.18
CA LYS B 228 -10.08 31.71 -6.65
C LYS B 228 -9.95 30.67 -5.55
N TRP B 229 -9.07 30.90 -4.57
CA TRP B 229 -8.75 29.86 -3.61
C TRP B 229 -9.81 29.78 -2.51
N ARG B 230 -10.10 28.55 -2.09
CA ARG B 230 -11.20 28.31 -1.15
C ARG B 230 -10.96 29.00 0.18
N ASN B 231 -9.79 28.79 0.78
CA ASN B 231 -9.41 29.49 2.00
C ASN B 231 -7.92 29.75 1.97
N GLU B 232 -7.49 30.75 2.75
CA GLU B 232 -6.11 31.21 2.66
C GLU B 232 -5.12 30.18 3.16
N ALA B 233 -5.51 29.37 4.15
CA ALA B 233 -4.57 28.39 4.69
C ALA B 233 -4.16 27.38 3.63
N ASP B 234 -5.12 26.91 2.83
CA ASP B 234 -4.80 25.97 1.76
C ASP B 234 -3.92 26.63 0.70
N MET B 235 -4.21 27.88 0.34
CA MET B 235 -3.39 28.57 -0.64
C MET B 235 -1.96 28.73 -0.15
N ILE B 236 -1.79 29.10 1.12
CA ILE B 236 -0.45 29.30 1.66
C ILE B 236 0.31 27.98 1.73
N GLU B 237 -0.38 26.90 2.12
CA GLU B 237 0.27 25.60 2.11
C GLU B 237 0.71 25.21 0.71
N LYS B 238 -0.13 25.48 -0.29
CA LYS B 238 0.23 25.19 -1.67
C LYS B 238 1.43 26.01 -2.13
N ILE B 239 1.46 27.30 -1.79
CA ILE B 239 2.58 28.16 -2.19
C ILE B 239 3.87 27.66 -1.55
N ALA B 240 3.82 27.33 -0.25
CA ALA B 240 5.00 26.84 0.43
C ALA B 240 5.48 25.53 -0.17
N THR B 241 4.56 24.62 -0.49
CA THR B 241 4.94 23.37 -1.10
C THR B 241 5.60 23.60 -2.46
N ASP B 242 5.07 24.52 -3.25
CA ASP B 242 5.66 24.78 -4.56
C ASP B 242 7.06 25.38 -4.45
N VAL B 243 7.24 26.34 -3.54
CA VAL B 243 8.56 26.92 -3.36
C VAL B 243 9.54 25.87 -2.88
N SER B 244 9.12 25.02 -1.94
CA SER B 244 9.97 23.94 -1.48
C SER B 244 10.33 23.00 -2.62
N ASN B 245 9.37 22.71 -3.50
CA ASN B 245 9.62 21.79 -4.60
C ASN B 245 10.63 22.38 -5.58
N MET B 246 10.56 23.69 -5.84
CA MET B 246 11.56 24.26 -6.72
C MET B 246 12.93 24.31 -6.07
N LEU B 247 12.98 24.65 -4.78
CA LEU B 247 14.26 24.69 -4.09
C LEU B 247 14.90 23.31 -4.05
N ASN B 248 14.08 22.26 -4.02
CA ASN B 248 14.62 20.90 -4.05
C ASN B 248 15.32 20.61 -5.37
N SER B 249 14.73 21.04 -6.49
CA SER B 249 15.24 20.74 -7.82
C SER B 249 15.90 21.94 -8.47
N PHE B 250 16.45 22.87 -7.69
CA PHE B 250 17.07 24.04 -8.28
C PHE B 250 18.40 23.72 -8.93
N LYS B 251 19.23 22.93 -8.28
CA LYS B 251 20.56 22.62 -8.77
C LYS B 251 20.59 21.28 -9.46
N PRO B 252 21.50 21.10 -10.42
CA PRO B 252 21.64 19.79 -11.07
C PRO B 252 22.36 18.79 -10.18
N SER B 253 22.29 17.53 -10.58
CA SER B 253 22.94 16.46 -9.84
C SER B 253 24.46 16.61 -9.89
N ARG B 254 25.10 16.29 -8.77
CA ARG B 254 26.55 16.36 -8.66
C ARG B 254 27.09 15.13 -7.95
N ASP B 255 26.19 14.24 -7.52
CA ASP B 255 26.62 13.00 -6.87
C ASP B 255 27.25 12.04 -7.87
N PHE B 256 27.08 12.30 -9.17
CA PHE B 256 27.67 11.48 -10.20
C PHE B 256 29.05 11.96 -10.61
N ASN B 257 29.57 13.02 -9.99
CA ASN B 257 30.95 13.41 -10.20
C ASN B 257 31.93 12.49 -9.49
N GLY B 258 31.44 11.65 -8.59
CA GLY B 258 32.29 10.72 -7.86
C GLY B 258 32.56 9.46 -8.65
N LEU B 259 31.97 9.36 -9.84
CA LEU B 259 32.16 8.22 -10.73
C LEU B 259 33.40 8.45 -11.58
N VAL B 260 34.01 7.34 -12.00
CA VAL B 260 35.30 7.38 -12.68
C VAL B 260 35.14 6.69 -14.03
N GLY B 261 35.46 7.41 -15.11
CA GLY B 261 35.51 6.83 -16.43
C GLY B 261 34.23 6.83 -17.22
N MET B 262 33.25 7.66 -16.85
CA MET B 262 31.97 7.66 -17.55
C MET B 262 32.07 8.22 -18.97
N ARG B 263 33.19 8.86 -19.33
CA ARG B 263 33.30 9.40 -20.68
C ARG B 263 33.43 8.28 -21.71
N ALA B 264 34.19 7.23 -21.39
CA ALA B 264 34.27 6.10 -22.31
C ALA B 264 32.90 5.49 -22.54
N HIS B 265 32.12 5.33 -21.46
CA HIS B 265 30.78 4.77 -21.59
C HIS B 265 29.90 5.66 -22.45
N MET B 266 29.87 6.97 -22.17
CA MET B 266 29.00 7.84 -22.94
C MET B 266 29.42 7.90 -24.40
N ASP B 267 30.72 7.83 -24.68
CA ASP B 267 31.18 7.88 -26.05
C ASP B 267 30.81 6.61 -26.80
N MET B 268 30.89 5.45 -26.13
CA MET B 268 30.45 4.22 -26.77
C MET B 268 28.94 4.19 -26.96
N LEU B 269 28.18 4.81 -26.05
CA LEU B 269 26.73 4.84 -26.20
C LEU B 269 26.30 5.77 -27.34
N GLU B 270 26.86 6.98 -27.43
CA GLU B 270 26.33 7.89 -28.43
C GLU B 270 26.58 7.41 -29.86
N GLN B 271 27.53 6.50 -30.06
CA GLN B 271 27.66 5.82 -31.34
C GLN B 271 26.46 4.95 -31.65
N LEU B 272 25.83 4.35 -30.65
CA LEU B 272 24.66 3.51 -30.81
C LEU B 272 23.35 4.27 -30.82
N LEU B 273 23.22 5.27 -29.96
CA LEU B 273 21.96 6.01 -29.86
C LEU B 273 21.65 6.76 -31.15
N ARG B 274 22.66 7.41 -31.73
CA ARG B 274 22.50 8.19 -32.96
C ARG B 274 21.27 9.07 -32.86
N LEU B 275 21.30 10.04 -31.97
CA LEU B 275 20.13 10.82 -31.58
C LEU B 275 19.58 11.70 -32.68
N VAL B 276 20.09 11.69 -33.91
CA VAL B 276 19.61 12.56 -34.96
C VAL B 276 18.89 11.79 -36.06
N LEU B 277 18.65 10.49 -35.87
CA LEU B 277 18.07 9.66 -36.90
C LEU B 277 16.56 9.50 -36.80
N ASP B 278 15.93 10.14 -35.82
CA ASP B 278 14.46 10.17 -35.62
C ASP B 278 13.78 8.84 -35.96
N GLU B 279 14.43 7.74 -35.63
CA GLU B 279 13.82 6.41 -35.65
C GLU B 279 13.27 6.11 -34.25
N VAL B 280 12.94 4.86 -33.98
CA VAL B 280 12.53 4.45 -32.64
C VAL B 280 13.53 3.42 -32.14
N ARG B 281 14.79 3.61 -32.52
CA ARG B 281 15.90 2.73 -32.18
C ARG B 281 15.89 2.29 -30.73
N MET B 282 16.11 0.98 -30.51
CA MET B 282 16.14 0.38 -29.19
C MET B 282 17.53 -0.21 -28.91
N ILE B 283 18.10 0.17 -27.77
CA ILE B 283 19.50 -0.09 -27.45
C ILE B 283 19.56 -1.00 -26.23
N GLY B 284 20.46 -2.00 -26.29
CA GLY B 284 20.63 -2.94 -25.18
C GLY B 284 21.98 -2.77 -24.52
N ILE B 285 22.01 -2.75 -23.19
CA ILE B 285 23.31 -2.68 -22.45
C ILE B 285 23.45 -3.99 -21.68
N TRP B 286 24.53 -4.73 -21.90
CA TRP B 286 24.66 -6.05 -21.22
C TRP B 286 26.04 -6.20 -20.59
N GLY B 287 26.15 -6.98 -19.52
CA GLY B 287 27.44 -7.09 -18.83
C GLY B 287 27.41 -8.01 -17.60
N PRO B 288 28.53 -8.37 -16.92
CA PRO B 288 28.44 -9.18 -15.71
C PRO B 288 27.74 -8.42 -14.61
N PRO B 289 27.19 -9.10 -13.61
CA PRO B 289 26.53 -8.40 -12.52
C PRO B 289 27.51 -7.49 -11.78
N GLY B 290 27.01 -6.32 -11.39
CA GLY B 290 27.84 -5.37 -10.68
C GLY B 290 28.98 -4.79 -11.49
N ILE B 291 28.77 -4.55 -12.78
CA ILE B 291 29.79 -3.90 -13.60
C ILE B 291 29.49 -2.42 -13.85
N GLY B 292 28.25 -1.99 -13.69
CA GLY B 292 27.95 -0.59 -13.84
C GLY B 292 26.83 -0.31 -14.81
N LYS B 293 26.04 -1.34 -15.15
CA LYS B 293 24.96 -1.14 -16.10
C LYS B 293 23.94 -0.15 -15.57
N THR B 294 23.56 -0.30 -14.30
CA THR B 294 22.57 0.60 -13.72
C THR B 294 23.11 2.03 -13.61
N THR B 295 24.37 2.17 -13.19
CA THR B 295 24.95 3.51 -13.07
C THR B 295 25.12 4.15 -14.43
N ILE B 296 25.52 3.37 -15.44
CA ILE B 296 25.62 3.90 -16.79
C ILE B 296 24.25 4.37 -17.27
N ALA B 297 23.22 3.56 -17.03
CA ALA B 297 21.89 3.94 -17.46
C ALA B 297 21.42 5.21 -16.78
N ARG B 298 21.67 5.34 -15.47
CA ARG B 298 21.27 6.54 -14.76
C ARG B 298 22.02 7.77 -15.27
N PHE B 299 23.32 7.63 -15.51
CA PHE B 299 24.09 8.76 -16.02
C PHE B 299 23.61 9.18 -17.40
N LEU B 300 23.34 8.19 -18.27
CA LEU B 300 22.82 8.50 -19.60
C LEU B 300 21.47 9.18 -19.52
N PHE B 301 20.60 8.70 -18.63
CA PHE B 301 19.31 9.35 -18.43
C PHE B 301 19.50 10.80 -18.03
N ASN B 302 20.31 11.05 -17.01
CA ASN B 302 20.50 12.41 -16.52
C ASN B 302 21.07 13.31 -17.60
N GLN B 303 21.92 12.77 -18.48
CA GLN B 303 22.45 13.60 -19.55
C GLN B 303 21.44 13.89 -20.66
N VAL B 304 20.66 12.88 -21.04
CA VAL B 304 19.93 12.98 -22.31
C VAL B 304 18.47 13.35 -22.10
N SER B 305 17.82 12.79 -21.08
CA SER B 305 16.38 12.86 -20.89
C SER B 305 15.79 14.24 -21.17
N ASP B 306 16.51 15.29 -20.79
CA ASP B 306 16.04 16.66 -21.05
C ASP B 306 15.91 16.96 -22.55
N ARG B 307 16.54 16.17 -23.42
CA ARG B 307 16.34 16.32 -24.85
C ARG B 307 15.00 15.75 -25.30
N PHE B 308 14.36 14.94 -24.48
CA PHE B 308 13.22 14.15 -24.89
C PHE B 308 11.93 14.66 -24.25
N GLN B 309 10.85 14.60 -25.02
CA GLN B 309 9.59 15.20 -24.62
C GLN B 309 9.03 14.55 -23.37
N LEU B 310 9.14 13.23 -23.26
CA LEU B 310 8.55 12.47 -22.18
C LEU B 310 9.43 11.28 -21.87
N SER B 311 9.98 11.22 -20.67
CA SER B 311 10.98 10.23 -20.32
C SER B 311 10.74 9.65 -18.94
N ALA B 312 11.15 8.40 -18.74
CA ALA B 312 11.03 7.73 -17.46
C ALA B 312 12.10 6.65 -17.36
N ILE B 313 12.45 6.29 -16.13
CA ILE B 313 13.44 5.25 -15.87
C ILE B 313 12.84 4.21 -14.94
N MET B 314 12.81 2.97 -15.40
CA MET B 314 12.27 1.85 -14.64
C MET B 314 13.45 1.10 -14.03
N VAL B 315 13.51 1.04 -12.72
CA VAL B 315 14.67 0.51 -12.01
C VAL B 315 14.31 -0.85 -11.42
N ASN B 316 15.18 -1.84 -11.64
CA ASN B 316 15.06 -3.16 -11.03
C ASN B 316 13.76 -3.84 -11.42
N ILE B 317 13.49 -3.92 -12.72
CA ILE B 317 12.28 -4.57 -13.21
C ILE B 317 12.28 -6.04 -12.81
N LYS B 318 13.46 -6.65 -12.79
CA LYS B 318 13.58 -8.04 -12.37
C LYS B 318 13.10 -8.24 -10.93
N GLY B 319 13.47 -7.33 -10.05
CA GLY B 319 13.11 -7.48 -8.65
C GLY B 319 11.62 -7.32 -8.39
N CYS B 320 10.98 -6.36 -9.08
CA CYS B 320 9.58 -6.06 -8.84
C CYS B 320 8.63 -6.98 -9.60
N TYR B 321 9.16 -7.94 -10.34
CA TYR B 321 8.34 -8.87 -11.10
C TYR B 321 8.25 -10.18 -10.33
N PRO B 322 7.06 -10.66 -9.96
CA PRO B 322 6.98 -11.89 -9.18
C PRO B 322 7.48 -13.09 -9.99
N ARG B 323 8.25 -13.95 -9.33
CA ARG B 323 8.73 -15.15 -10.01
C ARG B 323 7.61 -16.15 -10.23
N PRO B 324 6.84 -16.55 -9.19
CA PRO B 324 5.69 -17.41 -9.47
C PRO B 324 4.50 -16.59 -9.95
N CYS B 325 4.62 -16.02 -11.15
CA CYS B 325 3.54 -15.22 -11.74
C CYS B 325 2.53 -16.18 -12.35
N PHE B 326 1.60 -16.67 -11.51
CA PHE B 326 0.63 -17.65 -11.99
C PHE B 326 -0.27 -17.07 -13.06
N ASP B 327 -0.62 -15.80 -12.95
CA ASP B 327 -1.36 -15.09 -14.00
C ASP B 327 -0.42 -14.02 -14.55
N GLU B 328 0.33 -14.36 -15.59
CA GLU B 328 1.32 -13.44 -16.13
C GLU B 328 0.68 -12.20 -16.72
N TYR B 329 -0.53 -12.30 -17.27
CA TYR B 329 -1.16 -11.14 -17.91
C TYR B 329 -1.42 -10.03 -16.90
N SER B 330 -1.81 -10.38 -15.67
CA SER B 330 -2.02 -9.36 -14.65
C SER B 330 -0.72 -8.64 -14.30
N ALA B 331 0.36 -9.39 -14.14
CA ALA B 331 1.65 -8.77 -13.86
C ALA B 331 2.11 -7.89 -15.01
N GLN B 332 1.88 -8.33 -16.24
CA GLN B 332 2.22 -7.54 -17.41
C GLN B 332 1.44 -6.23 -17.43
N LEU B 333 0.14 -6.32 -17.13
CA LEU B 333 -0.71 -5.14 -17.14
C LEU B 333 -0.29 -4.15 -16.05
N GLN B 334 0.04 -4.64 -14.86
CA GLN B 334 0.46 -3.70 -13.83
C GLN B 334 1.84 -3.14 -14.10
N LEU B 335 2.71 -3.90 -14.77
CA LEU B 335 4.02 -3.37 -15.14
C LEU B 335 3.88 -2.23 -16.14
N GLN B 336 3.05 -2.42 -17.16
CA GLN B 336 2.77 -1.32 -18.07
C GLN B 336 2.08 -0.16 -17.37
N ASN B 337 1.21 -0.43 -16.40
CA ASN B 337 0.60 0.63 -15.61
C ASN B 337 1.67 1.43 -14.87
N GLN B 338 2.63 0.74 -14.27
CA GLN B 338 3.72 1.41 -13.56
C GLN B 338 4.51 2.31 -14.50
N MET B 339 4.91 1.76 -15.64
CA MET B 339 5.65 2.54 -16.62
C MET B 339 4.87 3.78 -17.05
N LEU B 340 3.58 3.60 -17.34
CA LEU B 340 2.80 4.69 -17.88
C LEU B 340 2.52 5.76 -16.83
N SER B 341 2.24 5.34 -15.59
CA SER B 341 2.02 6.31 -14.52
C SER B 341 3.29 7.09 -14.23
N GLN B 342 4.44 6.42 -14.28
CA GLN B 342 5.70 7.10 -14.08
C GLN B 342 5.99 8.09 -15.22
N MET B 343 5.57 7.74 -16.44
CA MET B 343 6.02 8.51 -17.59
C MET B 343 5.13 9.73 -17.87
N ILE B 344 3.83 9.52 -18.01
CA ILE B 344 2.96 10.61 -18.48
C ILE B 344 2.43 11.41 -17.31
N ASN B 345 3.00 11.18 -16.12
CA ASN B 345 2.73 11.99 -14.94
C ASN B 345 1.30 11.88 -14.43
N HIS B 346 0.59 10.82 -14.81
CA HIS B 346 -0.73 10.54 -14.26
C HIS B 346 -0.58 9.38 -13.27
N LYS B 347 -0.28 9.72 -12.03
CA LYS B 347 -0.06 8.69 -11.02
C LYS B 347 -1.31 7.86 -10.78
N ASP B 348 -2.49 8.46 -10.98
CA ASP B 348 -3.76 7.75 -10.83
C ASP B 348 -4.21 7.21 -12.19
N ILE B 349 -3.50 6.16 -12.63
CA ILE B 349 -3.81 5.46 -13.86
C ILE B 349 -4.14 4.01 -13.53
N MET B 350 -5.27 3.53 -14.04
CA MET B 350 -5.58 2.11 -14.07
C MET B 350 -6.06 1.78 -15.47
N ILE B 351 -5.38 0.84 -16.12
CA ILE B 351 -5.61 0.58 -17.54
C ILE B 351 -6.30 -0.76 -17.69
N SER B 352 -7.00 -0.92 -18.82
CA SER B 352 -7.79 -2.11 -19.10
C SER B 352 -7.06 -3.08 -20.02
N HIS B 353 -6.67 -2.65 -21.22
CA HIS B 353 -5.97 -3.51 -22.15
C HIS B 353 -4.50 -3.16 -22.19
N LEU B 354 -3.73 -4.00 -22.87
CA LEU B 354 -2.29 -3.86 -22.94
C LEU B 354 -1.84 -2.91 -24.05
N GLY B 355 -2.77 -2.36 -24.81
CA GLY B 355 -2.43 -1.46 -25.88
C GLY B 355 -2.63 0.00 -25.53
N VAL B 356 -2.69 0.30 -24.24
CA VAL B 356 -2.84 1.69 -23.81
C VAL B 356 -1.56 2.46 -24.10
N ALA B 357 -0.40 1.83 -23.89
CA ALA B 357 0.88 2.47 -24.08
C ALA B 357 1.03 2.93 -25.53
N GLN B 358 0.60 2.10 -26.48
CA GLN B 358 0.64 2.54 -27.87
C GLN B 358 -0.22 3.77 -28.07
N GLU B 359 -1.44 3.75 -27.53
CA GLU B 359 -2.37 4.87 -27.70
C GLU B 359 -1.76 6.16 -27.18
N ARG B 360 -1.15 6.11 -26.00
CA ARG B 360 -0.62 7.32 -25.39
C ARG B 360 0.66 7.78 -26.08
N LEU B 361 1.63 6.86 -26.27
CA LEU B 361 2.98 7.31 -26.72
C LEU B 361 3.20 7.32 -28.23
N ARG B 362 2.21 6.99 -29.05
CA ARG B 362 2.48 6.90 -30.51
C ARG B 362 2.92 8.25 -31.09
N ASP B 363 2.47 9.37 -30.53
CA ASP B 363 2.78 10.68 -31.15
C ASP B 363 3.72 11.54 -30.29
N LYS B 364 4.64 10.96 -29.50
CA LYS B 364 5.53 11.82 -28.76
C LYS B 364 6.88 11.14 -28.61
N LYS B 365 7.95 11.93 -28.74
CA LYS B 365 9.29 11.43 -28.50
C LYS B 365 9.44 10.97 -27.06
N VAL B 366 9.96 9.77 -26.87
CA VAL B 366 10.03 9.14 -25.56
C VAL B 366 11.44 8.59 -25.33
N PHE B 367 12.01 8.89 -24.17
CA PHE B 367 13.26 8.28 -23.72
C PHE B 367 12.95 7.38 -22.55
N LEU B 368 12.97 6.07 -22.78
CA LEU B 368 12.57 5.12 -21.76
C LEU B 368 13.75 4.21 -21.44
N VAL B 369 14.03 4.04 -20.15
CA VAL B 369 15.13 3.20 -19.69
C VAL B 369 14.52 2.06 -18.88
N LEU B 370 14.60 0.85 -19.41
CA LEU B 370 14.19 -0.36 -18.71
C LEU B 370 15.43 -1.04 -18.16
N ASP B 371 15.49 -1.17 -16.83
CA ASP B 371 16.69 -1.63 -16.15
C ASP B 371 16.46 -2.99 -15.53
N GLU B 372 17.42 -3.89 -15.72
CA GLU B 372 17.39 -5.24 -15.17
C GLU B 372 16.14 -5.99 -15.64
N VAL B 373 16.10 -6.21 -16.94
CA VAL B 373 15.10 -7.05 -17.58
C VAL B 373 15.64 -8.47 -17.64
N ASP B 374 14.82 -9.43 -17.21
CA ASP B 374 15.24 -10.83 -17.14
C ASP B 374 14.55 -11.74 -18.13
N GLN B 375 13.40 -11.36 -18.70
CA GLN B 375 12.69 -12.29 -19.56
C GLN B 375 11.79 -11.52 -20.53
N LEU B 376 11.36 -12.21 -21.58
CA LEU B 376 10.67 -11.59 -22.71
C LEU B 376 9.30 -11.04 -22.37
N GLY B 377 8.57 -11.70 -21.46
CA GLY B 377 7.20 -11.27 -21.21
C GLY B 377 7.12 -9.84 -20.75
N GLN B 378 8.07 -9.42 -19.93
CA GLN B 378 8.04 -8.07 -19.39
C GLN B 378 8.58 -7.05 -20.40
N LEU B 379 9.45 -7.47 -21.31
CA LEU B 379 9.74 -6.62 -22.47
C LEU B 379 8.50 -6.41 -23.32
N ASP B 380 7.72 -7.46 -23.54
CA ASP B 380 6.48 -7.33 -24.29
C ASP B 380 5.51 -6.41 -23.57
N ALA B 381 5.44 -6.52 -22.24
CA ALA B 381 4.58 -5.62 -21.47
C ALA B 381 5.00 -4.17 -21.65
N LEU B 382 6.31 -3.89 -21.57
CA LEU B 382 6.75 -2.50 -21.60
C LEU B 382 7.01 -1.97 -23.01
N ALA B 383 7.85 -2.65 -23.79
CA ALA B 383 8.19 -2.19 -25.13
C ALA B 383 8.28 -3.38 -26.06
N LYS B 384 7.23 -3.61 -26.84
CA LYS B 384 7.16 -4.76 -27.72
C LYS B 384 7.43 -4.44 -29.18
N GLU B 385 7.04 -3.27 -29.67
CA GLU B 385 7.31 -2.88 -31.04
C GLU B 385 7.85 -1.46 -31.02
N THR B 386 8.64 -1.11 -32.04
CA THR B 386 9.05 0.28 -32.19
C THR B 386 7.91 1.16 -32.70
N ARG B 387 6.80 0.55 -33.12
CA ARG B 387 5.64 1.36 -33.59
C ARG B 387 5.02 2.09 -32.40
N TRP B 388 5.16 1.55 -31.19
CA TRP B 388 4.49 2.11 -29.99
C TRP B 388 5.01 3.48 -29.57
N PHE B 389 6.32 3.72 -29.65
CA PHE B 389 6.88 4.97 -29.06
C PHE B 389 6.92 6.19 -30.00
N GLY B 390 6.76 6.01 -31.31
CA GLY B 390 6.71 7.20 -32.19
C GLY B 390 8.07 7.76 -32.56
N PRO B 391 8.16 8.85 -33.34
CA PRO B 391 9.46 9.34 -33.85
C PRO B 391 10.53 9.84 -32.85
N GLY B 392 11.81 9.57 -33.13
CA GLY B 392 12.90 10.09 -32.29
C GLY B 392 13.00 9.41 -30.94
N SER B 393 12.31 8.29 -30.73
CA SER B 393 12.27 7.68 -29.40
C SER B 393 13.51 6.82 -29.21
N ARG B 394 13.90 6.63 -27.95
CA ARG B 394 15.03 5.79 -27.60
C ARG B 394 14.64 4.95 -26.38
N ILE B 395 14.66 3.63 -26.55
CA ILE B 395 14.37 2.70 -25.47
C ILE B 395 15.67 1.95 -25.18
N ILE B 396 16.09 1.97 -23.92
CA ILE B 396 17.37 1.41 -23.52
C ILE B 396 17.14 0.32 -22.49
N ILE B 397 17.48 -0.91 -22.85
CA ILE B 397 17.27 -2.07 -21.99
C ILE B 397 18.61 -2.51 -21.45
N THR B 398 18.80 -2.38 -20.13
CA THR B 398 19.99 -2.89 -19.48
C THR B 398 19.67 -4.28 -18.95
N THR B 399 20.47 -5.26 -19.33
CA THR B 399 20.20 -6.65 -18.98
C THR B 399 21.50 -7.36 -18.65
N GLU B 400 21.37 -8.61 -18.23
CA GLU B 400 22.53 -9.41 -17.88
C GLU B 400 22.77 -10.59 -18.80
N ASP B 401 21.72 -11.09 -19.46
CA ASP B 401 21.89 -12.18 -20.43
C ASP B 401 21.53 -11.70 -21.83
N LEU B 402 22.31 -12.15 -22.80
CA LEU B 402 22.17 -11.70 -24.17
C LEU B 402 20.99 -12.35 -24.88
N GLY B 403 20.60 -13.56 -24.44
CA GLY B 403 19.52 -14.25 -25.12
C GLY B 403 18.23 -13.47 -25.12
N VAL B 404 17.97 -12.73 -24.04
CA VAL B 404 16.79 -11.89 -23.97
C VAL B 404 16.84 -10.80 -25.03
N LEU B 405 18.01 -10.17 -25.18
CA LEU B 405 18.14 -9.12 -26.19
C LEU B 405 18.00 -9.67 -27.59
N LYS B 406 18.60 -10.82 -27.86
CA LYS B 406 18.50 -11.41 -29.18
C LYS B 406 17.08 -11.85 -29.50
N ALA B 407 16.37 -12.38 -28.51
CA ALA B 407 15.00 -12.83 -28.73
C ALA B 407 14.11 -11.67 -29.15
N HIS B 408 14.26 -10.53 -28.49
CA HIS B 408 13.40 -9.38 -28.77
C HIS B 408 13.89 -8.57 -29.96
N GLY B 409 15.03 -8.93 -30.54
CA GLY B 409 15.52 -8.30 -31.76
C GLY B 409 16.08 -6.91 -31.57
N ILE B 410 17.04 -6.76 -30.65
CA ILE B 410 17.58 -5.43 -30.38
C ILE B 410 18.69 -5.07 -31.36
N ASN B 411 19.67 -5.97 -31.51
CA ASN B 411 20.78 -5.80 -32.52
C ASN B 411 21.80 -4.74 -32.11
N HIS B 412 21.37 -3.56 -31.64
CA HIS B 412 22.36 -2.57 -31.15
C HIS B 412 22.64 -2.87 -29.68
N VAL B 413 23.75 -3.57 -29.41
CA VAL B 413 24.02 -4.02 -28.00
C VAL B 413 25.38 -3.49 -27.53
N TYR B 414 25.43 -2.96 -26.30
CA TYR B 414 26.71 -2.46 -25.73
C TYR B 414 27.25 -3.44 -24.68
N LYS B 415 28.47 -3.95 -24.87
CA LYS B 415 29.10 -4.83 -23.91
C LYS B 415 29.97 -4.00 -22.99
N VAL B 416 29.47 -3.73 -21.78
CA VAL B 416 30.22 -2.90 -20.85
C VAL B 416 31.54 -3.58 -20.51
N GLY B 417 32.61 -2.79 -20.46
CA GLY B 417 33.93 -3.32 -20.24
C GLY B 417 34.51 -2.87 -18.93
N TYR B 418 35.41 -3.69 -18.38
CA TYR B 418 36.03 -3.37 -17.11
C TYR B 418 36.89 -2.12 -17.23
N PRO B 419 36.93 -1.29 -16.21
CA PRO B 419 37.73 -0.06 -16.29
C PRO B 419 39.21 -0.37 -16.22
N SER B 420 40.00 0.59 -16.70
CA SER B 420 41.45 0.43 -16.71
C SER B 420 41.98 0.40 -15.28
N ASN B 421 43.24 0.00 -15.15
CA ASN B 421 43.83 -0.17 -13.82
C ASN B 421 43.85 1.13 -13.03
N ASP B 422 44.18 2.24 -13.69
CA ASP B 422 44.23 3.53 -13.00
C ASP B 422 42.84 3.97 -12.55
N GLU B 423 41.83 3.78 -13.38
CA GLU B 423 40.47 4.09 -12.97
C GLU B 423 39.99 3.15 -11.88
N ALA B 424 40.41 1.88 -11.92
CA ALA B 424 40.09 0.96 -10.84
C ALA B 424 40.67 1.44 -9.53
N PHE B 425 41.92 1.90 -9.56
CA PHE B 425 42.53 2.43 -8.34
C PHE B 425 41.82 3.68 -7.87
N GLN B 426 41.40 4.54 -8.79
CA GLN B 426 40.64 5.71 -8.39
C GLN B 426 39.33 5.34 -7.72
N ILE B 427 38.63 4.32 -8.22
CA ILE B 427 37.39 3.87 -7.60
C ILE B 427 37.65 3.34 -6.21
N PHE B 428 38.68 2.50 -6.07
CA PHE B 428 39.01 1.95 -4.78
C PHE B 428 39.36 3.05 -3.79
N CYS B 429 40.06 4.08 -4.25
CA CYS B 429 40.47 5.16 -3.36
C CYS B 429 39.32 6.09 -3.02
N MET B 430 38.35 6.24 -3.93
CA MET B 430 37.08 6.86 -3.53
C MET B 430 36.49 6.12 -2.35
N ASN B 431 36.41 4.80 -2.44
CA ASN B 431 35.64 4.05 -1.47
C ASN B 431 36.43 3.69 -0.21
N ALA B 432 37.73 3.93 -0.19
CA ALA B 432 38.54 3.55 0.97
C ALA B 432 39.17 4.73 1.69
N PHE B 433 39.44 5.82 0.99
CA PHE B 433 40.11 6.97 1.58
C PHE B 433 39.26 8.23 1.54
N GLY B 434 37.95 8.09 1.40
CA GLY B 434 37.07 9.23 1.47
C GLY B 434 37.19 10.19 0.31
N GLN B 435 36.78 9.74 -0.87
CA GLN B 435 36.65 10.60 -2.03
C GLN B 435 37.98 11.23 -2.42
N LYS B 436 39.07 10.61 -1.96
CA LYS B 436 40.44 11.14 -2.24
C LYS B 436 41.18 10.13 -3.11
N GLN B 437 41.37 10.44 -4.41
CA GLN B 437 42.08 9.52 -5.34
C GLN B 437 43.54 9.30 -4.91
N PRO B 438 44.34 10.31 -4.47
CA PRO B 438 45.68 10.02 -3.97
C PRO B 438 45.64 9.12 -2.73
N HIS B 439 46.55 8.16 -2.66
CA HIS B 439 46.64 7.24 -1.50
C HIS B 439 47.14 8.00 -0.27
N GLU B 440 46.71 7.62 0.92
CA GLU B 440 47.10 8.39 2.13
C GLU B 440 48.34 7.78 2.80
N GLY B 441 49.23 7.17 2.02
CA GLY B 441 50.40 6.47 2.60
C GLY B 441 50.16 4.98 2.73
N PHE B 442 48.97 4.52 2.32
CA PHE B 442 48.62 3.08 2.37
C PHE B 442 48.70 2.54 0.96
N ASP B 443 49.58 3.09 0.12
CA ASP B 443 49.61 2.71 -1.32
C ASP B 443 49.90 1.21 -1.46
N GLU B 444 50.83 0.68 -0.67
CA GLU B 444 51.21 -0.75 -0.81
C GLU B 444 49.98 -1.65 -0.65
N ILE B 445 49.27 -1.56 0.48
CA ILE B 445 48.15 -2.51 0.74
C ILE B 445 47.01 -2.16 -0.22
N ALA B 446 46.88 -0.89 -0.61
CA ALA B 446 45.74 -0.47 -1.45
C ALA B 446 45.80 -1.23 -2.79
N ARG B 447 47.00 -1.41 -3.34
CA ARG B 447 47.15 -2.11 -4.65
C ARG B 447 46.90 -3.62 -4.47
N GLU B 448 47.35 -4.23 -3.37
CA GLU B 448 47.05 -5.64 -3.13
C GLU B 448 45.56 -5.88 -3.03
N VAL B 449 44.85 -5.04 -2.30
CA VAL B 449 43.40 -5.21 -2.16
C VAL B 449 42.71 -4.96 -3.51
N MET B 450 43.18 -3.96 -4.25
CA MET B 450 42.65 -3.73 -5.59
C MET B 450 42.80 -4.97 -6.46
N ALA B 451 44.01 -5.52 -6.53
CA ALA B 451 44.23 -6.72 -7.32
C ALA B 451 43.35 -7.87 -6.83
N LEU B 452 43.07 -7.90 -5.54
CA LEU B 452 42.11 -8.87 -5.01
C LEU B 452 40.71 -8.62 -5.54
N ALA B 453 40.37 -7.39 -5.87
CA ALA B 453 39.02 -7.04 -6.29
C ALA B 453 38.77 -7.28 -7.76
N GLY B 454 39.73 -7.84 -8.49
CA GLY B 454 39.59 -7.96 -9.91
C GLY B 454 39.48 -6.61 -10.57
N GLU B 455 38.40 -6.35 -11.27
CA GLU B 455 38.18 -5.04 -11.85
C GLU B 455 36.75 -4.54 -11.70
N LEU B 456 35.86 -5.30 -11.08
CA LEU B 456 34.46 -4.92 -10.96
C LEU B 456 34.33 -3.65 -10.14
N PRO B 457 33.56 -2.68 -10.59
CA PRO B 457 33.23 -1.55 -9.71
C PRO B 457 32.51 -2.01 -8.44
N LEU B 458 31.76 -3.11 -8.52
CA LEU B 458 31.12 -3.63 -7.31
C LEU B 458 32.16 -4.17 -6.33
N GLY B 459 33.08 -4.99 -6.82
CA GLY B 459 34.12 -5.51 -5.95
C GLY B 459 35.00 -4.40 -5.39
N LEU B 460 35.34 -3.43 -6.22
CA LEU B 460 36.17 -2.31 -5.76
C LEU B 460 35.43 -1.49 -4.71
N LYS B 461 34.15 -1.20 -4.93
CA LYS B 461 33.39 -0.46 -3.94
C LYS B 461 33.29 -1.21 -2.62
N VAL B 462 32.97 -2.51 -2.69
CA VAL B 462 32.80 -3.28 -1.46
C VAL B 462 34.11 -3.37 -0.69
N LEU B 463 35.20 -3.69 -1.39
CA LEU B 463 36.49 -3.81 -0.73
C LEU B 463 36.95 -2.47 -0.16
N GLY B 464 36.77 -1.39 -0.90
CA GLY B 464 37.14 -0.09 -0.38
C GLY B 464 36.34 0.32 0.83
N SER B 465 35.03 0.12 0.79
CA SER B 465 34.20 0.50 1.93
C SER B 465 34.50 -0.36 3.14
N ALA B 466 34.90 -1.61 2.93
CA ALA B 466 35.20 -2.51 4.04
C ALA B 466 36.46 -2.09 4.78
N LEU B 467 37.22 -1.14 4.22
CA LEU B 467 38.52 -0.77 4.76
C LEU B 467 38.64 0.71 5.07
N ARG B 468 37.58 1.49 4.96
CA ARG B 468 37.70 2.92 5.21
C ARG B 468 37.62 3.18 6.70
N GLY B 469 38.39 4.17 7.16
CA GLY B 469 38.50 4.44 8.57
C GLY B 469 39.46 3.54 9.32
N LYS B 470 40.08 2.58 8.64
CA LYS B 470 41.06 1.73 9.28
C LYS B 470 42.41 2.44 9.33
N SER B 471 43.33 1.86 10.11
CA SER B 471 44.73 2.23 10.07
C SER B 471 45.49 1.10 9.38
N LYS B 472 46.72 1.37 8.98
CA LYS B 472 47.48 0.37 8.21
C LYS B 472 47.59 -0.97 8.92
N PRO B 473 47.94 -1.05 10.21
CA PRO B 473 47.92 -2.37 10.87
C PRO B 473 46.56 -3.04 10.81
N GLU B 474 45.48 -2.26 10.89
CA GLU B 474 44.15 -2.83 10.73
C GLU B 474 43.98 -3.38 9.32
N TRP B 475 44.58 -2.72 8.34
CA TRP B 475 44.52 -3.24 6.96
C TRP B 475 45.20 -4.59 6.87
N GLU B 476 46.43 -4.71 7.40
CA GLU B 476 47.09 -6.01 7.34
C GLU B 476 46.32 -7.08 8.09
N ARG B 477 45.69 -6.73 9.21
CA ARG B 477 44.98 -7.73 9.97
C ARG B 477 43.68 -8.14 9.29
N THR B 478 43.04 -7.23 8.56
CA THR B 478 41.81 -7.58 7.84
C THR B 478 42.11 -8.35 6.56
N LEU B 479 43.30 -8.15 5.98
CA LEU B 479 43.59 -8.67 4.64
C LEU B 479 43.40 -10.17 4.47
N PRO B 480 43.91 -11.03 5.37
CA PRO B 480 43.74 -12.47 5.13
C PRO B 480 42.29 -12.93 5.05
N ARG B 481 41.40 -12.43 5.90
CA ARG B 481 39.99 -12.81 5.77
C ARG B 481 39.41 -12.26 4.48
N LEU B 482 39.78 -11.03 4.13
CA LEU B 482 39.32 -10.43 2.88
C LEU B 482 39.80 -11.21 1.67
N LYS B 483 40.86 -11.99 1.83
CA LYS B 483 41.44 -12.77 0.75
C LYS B 483 40.93 -14.21 0.69
N THR B 484 40.62 -14.82 1.83
CA THR B 484 40.14 -16.20 1.86
C THR B 484 38.62 -16.30 1.88
N SER B 485 37.92 -15.17 1.78
CA SER B 485 36.46 -15.18 1.74
C SER B 485 35.92 -13.87 1.18
N LEU B 486 35.18 -13.93 0.08
CA LEU B 486 34.64 -12.72 -0.50
C LEU B 486 33.47 -12.20 0.33
N ASP B 487 33.30 -10.89 0.33
CA ASP B 487 32.29 -10.27 1.17
C ASP B 487 30.90 -10.70 0.74
N GLY B 488 29.98 -10.73 1.70
CA GLY B 488 28.61 -11.10 1.41
C GLY B 488 27.89 -10.11 0.52
N LYS B 489 28.34 -8.86 0.48
CA LYS B 489 27.75 -7.87 -0.40
C LYS B 489 27.93 -8.23 -1.87
N ILE B 490 28.99 -8.97 -2.20
CA ILE B 490 29.26 -9.41 -3.57
C ILE B 490 28.64 -10.79 -3.75
N GLY B 491 28.80 -11.63 -2.73
CA GLY B 491 28.32 -13.00 -2.81
C GLY B 491 26.83 -13.08 -2.99
N SER B 492 26.07 -12.18 -2.36
CA SER B 492 24.61 -12.22 -2.50
C SER B 492 24.20 -11.96 -3.95
N ILE B 493 24.80 -10.96 -4.57
CA ILE B 493 24.45 -10.62 -5.95
C ILE B 493 24.88 -11.72 -6.90
N ILE B 494 26.09 -12.24 -6.72
CA ILE B 494 26.56 -13.32 -7.59
C ILE B 494 25.69 -14.56 -7.42
N GLN B 495 25.25 -14.83 -6.19
CA GLN B 495 24.33 -15.94 -5.96
C GLN B 495 23.02 -15.72 -6.67
N PHE B 496 22.49 -14.51 -6.62
CA PHE B 496 21.23 -14.25 -7.29
C PHE B 496 21.36 -14.44 -8.79
N SER B 497 22.52 -14.10 -9.35
CA SER B 497 22.75 -14.34 -10.78
C SER B 497 23.04 -15.81 -11.06
N TYR B 498 23.45 -16.56 -10.04
CA TYR B 498 23.79 -17.98 -10.15
C TYR B 498 22.63 -18.90 -9.84
N ASP B 499 21.50 -18.37 -9.38
CA ASP B 499 20.32 -19.16 -9.09
C ASP B 499 19.37 -19.27 -10.28
N ALA B 500 19.73 -18.63 -11.40
CA ALA B 500 18.91 -18.66 -12.59
C ALA B 500 19.43 -19.64 -13.63
N LEU B 501 20.32 -20.54 -13.23
CA LEU B 501 21.00 -21.43 -14.16
C LEU B 501 20.44 -22.84 -14.06
N CYS B 502 20.50 -23.56 -15.17
CA CYS B 502 20.19 -24.98 -15.18
C CYS B 502 21.26 -25.72 -14.38
N ASP B 503 20.94 -26.92 -13.90
CA ASP B 503 21.88 -27.65 -13.06
C ASP B 503 23.17 -27.97 -13.79
N GLU B 504 23.10 -28.36 -15.06
CA GLU B 504 24.34 -28.58 -15.81
C GLU B 504 25.12 -27.29 -16.01
N ASP B 505 24.45 -26.15 -16.14
CA ASP B 505 25.17 -24.88 -16.21
C ASP B 505 25.87 -24.57 -14.91
N LYS B 506 25.22 -24.85 -13.77
CA LYS B 506 25.89 -24.70 -12.48
C LYS B 506 27.10 -25.61 -12.39
N TYR B 507 26.96 -26.85 -12.84
CA TYR B 507 28.08 -27.79 -12.76
C TYR B 507 29.23 -27.35 -13.66
N LEU B 508 28.92 -26.81 -14.84
CA LEU B 508 29.98 -26.31 -15.72
C LEU B 508 30.65 -25.08 -15.13
N PHE B 509 29.88 -24.21 -14.47
CA PHE B 509 30.43 -23.07 -13.76
C PHE B 509 31.41 -23.53 -12.70
N LEU B 510 31.02 -24.54 -11.91
CA LEU B 510 31.90 -25.04 -10.86
C LEU B 510 33.17 -25.65 -11.44
N TYR B 511 33.03 -26.45 -12.50
CA TYR B 511 34.21 -27.02 -13.15
C TYR B 511 35.15 -25.96 -13.69
N ILE B 512 34.60 -24.90 -14.28
CA ILE B 512 35.45 -23.85 -14.84
C ILE B 512 36.15 -23.09 -13.71
N ALA B 513 35.45 -22.90 -12.59
CA ALA B 513 36.05 -22.21 -11.45
C ALA B 513 37.20 -23.02 -10.87
N CYS B 514 36.97 -24.29 -10.61
CA CYS B 514 37.96 -25.05 -9.84
C CYS B 514 39.09 -25.59 -10.70
N LEU B 515 38.82 -26.06 -11.92
CA LEU B 515 39.85 -26.70 -12.73
C LEU B 515 40.17 -25.94 -14.01
N PHE B 516 39.18 -25.67 -14.86
CA PHE B 516 39.45 -25.19 -16.22
C PHE B 516 39.23 -23.69 -16.34
N ASN B 517 40.05 -22.89 -15.66
CA ASN B 517 39.79 -21.45 -15.68
C ASN B 517 40.24 -20.83 -17.00
N LYS B 518 41.46 -21.11 -17.43
CA LYS B 518 41.97 -20.58 -18.70
C LYS B 518 42.46 -21.77 -19.51
N GLU B 519 41.54 -22.42 -20.21
CA GLU B 519 41.87 -23.61 -20.98
C GLU B 519 41.19 -23.50 -22.34
N SER B 520 41.81 -24.11 -23.34
CA SER B 520 41.21 -24.17 -24.66
C SER B 520 39.85 -24.85 -24.57
N THR B 521 38.84 -24.22 -25.18
CA THR B 521 37.49 -24.78 -25.11
C THR B 521 37.43 -26.17 -25.72
N THR B 522 38.28 -26.45 -26.70
CA THR B 522 38.29 -27.77 -27.32
C THR B 522 38.71 -28.85 -26.31
N LYS B 523 39.73 -28.57 -25.50
CA LYS B 523 40.13 -29.54 -24.48
C LYS B 523 39.07 -29.68 -23.40
N VAL B 524 38.40 -28.59 -23.04
CA VAL B 524 37.31 -28.68 -22.07
C VAL B 524 36.22 -29.59 -22.60
N GLU B 525 35.88 -29.45 -23.89
CA GLU B 525 34.91 -30.35 -24.49
C GLU B 525 35.43 -31.79 -24.53
N GLY B 526 36.72 -31.97 -24.78
CA GLY B 526 37.25 -33.32 -24.82
C GLY B 526 37.28 -33.99 -23.46
N LEU B 527 37.35 -33.20 -22.39
CA LEU B 527 37.42 -33.74 -21.03
C LEU B 527 36.05 -33.92 -20.39
N LEU B 528 35.19 -32.92 -20.43
CA LEU B 528 33.88 -33.01 -19.82
C LEU B 528 32.78 -33.43 -20.78
N GLY B 529 33.13 -33.75 -22.03
CA GLY B 529 32.10 -33.93 -23.04
C GLY B 529 31.24 -35.16 -22.90
N LYS B 530 31.68 -36.18 -22.15
CA LYS B 530 30.93 -37.42 -22.11
C LYS B 530 29.64 -37.27 -21.33
N PHE B 531 29.56 -36.24 -20.48
CA PHE B 531 28.36 -36.10 -19.60
C PHE B 531 27.83 -34.66 -19.47
N LEU B 532 28.62 -33.62 -19.75
CA LEU B 532 28.16 -32.23 -19.44
C LEU B 532 27.46 -31.47 -20.57
N ASP B 533 27.45 -31.96 -21.82
CA ASP B 533 26.87 -31.14 -22.93
C ASP B 533 27.56 -29.77 -22.89
N VAL B 534 28.89 -29.76 -22.78
CA VAL B 534 29.66 -28.49 -22.63
C VAL B 534 29.34 -27.45 -23.69
N ARG B 535 29.08 -27.85 -24.94
CA ARG B 535 28.93 -26.86 -26.01
C ARG B 535 27.70 -25.98 -25.84
N GLN B 536 26.61 -26.53 -25.31
CA GLN B 536 25.48 -25.68 -24.94
C GLN B 536 25.75 -24.93 -23.64
N GLY B 537 26.44 -25.58 -22.70
CA GLY B 537 26.74 -24.96 -21.43
C GLY B 537 27.59 -23.72 -21.54
N LEU B 538 28.66 -23.77 -22.30
CA LEU B 538 29.50 -22.61 -22.53
C LEU B 538 28.72 -21.52 -23.22
N HIS B 539 27.84 -21.90 -24.15
CA HIS B 539 27.02 -20.92 -24.85
C HIS B 539 26.14 -20.16 -23.87
N ILE B 540 25.43 -20.89 -23.00
CA ILE B 540 24.55 -20.24 -22.04
C ILE B 540 25.35 -19.39 -21.05
N LEU B 541 26.49 -19.92 -20.56
CA LEU B 541 27.29 -19.17 -19.61
C LEU B 541 27.78 -17.87 -20.22
N ALA B 542 28.29 -17.91 -21.45
CA ALA B 542 28.76 -16.71 -22.10
C ALA B 542 27.62 -15.73 -22.34
N GLN B 543 26.45 -16.23 -22.71
CA GLN B 543 25.31 -15.34 -22.90
C GLN B 543 24.89 -14.66 -21.60
N LYS B 544 24.96 -15.35 -20.47
CA LYS B 544 24.67 -14.74 -19.19
C LYS B 544 25.84 -13.94 -18.63
N SER B 545 26.97 -13.90 -19.35
CA SER B 545 28.15 -13.14 -18.96
C SER B 545 28.71 -13.61 -17.62
N LEU B 546 28.72 -14.93 -17.43
CA LEU B 546 29.46 -15.56 -16.35
C LEU B 546 30.78 -16.15 -16.84
N ILE B 547 31.13 -15.89 -18.10
CA ILE B 547 32.36 -16.39 -18.71
C ILE B 547 32.58 -15.56 -19.97
N SER B 548 33.82 -15.55 -20.46
CA SER B 548 34.08 -14.98 -21.77
C SER B 548 35.17 -15.80 -22.44
N ILE B 549 34.99 -16.07 -23.73
CA ILE B 549 35.92 -16.88 -24.51
C ILE B 549 36.68 -15.93 -25.42
N GLU B 550 38.01 -15.90 -25.26
CA GLU B 550 38.87 -15.00 -26.08
C GLU B 550 40.00 -15.83 -26.67
N ASP B 551 40.18 -15.79 -27.99
CA ASP B 551 41.25 -16.57 -28.68
C ASP B 551 41.07 -18.07 -28.41
N GLY B 552 39.83 -18.53 -28.32
CA GLY B 552 39.55 -19.97 -28.11
C GLY B 552 39.90 -20.43 -26.72
N ASN B 553 40.04 -19.50 -25.76
CA ASN B 553 40.35 -19.86 -24.35
C ASN B 553 39.24 -19.30 -23.45
N ILE B 554 38.70 -20.12 -22.56
CA ILE B 554 37.66 -19.64 -21.60
C ILE B 554 38.33 -18.78 -20.53
N TYR B 555 37.63 -17.79 -19.96
CA TYR B 555 38.14 -16.94 -18.91
C TYR B 555 36.98 -16.57 -18.01
N MET B 556 37.17 -16.71 -16.70
CA MET B 556 36.18 -16.30 -15.73
C MET B 556 36.80 -15.26 -14.81
N HIS B 557 36.03 -14.23 -14.47
CA HIS B 557 36.52 -13.18 -13.60
C HIS B 557 36.91 -13.77 -12.25
N THR B 558 38.00 -13.25 -11.67
CA THR B 558 38.52 -13.82 -10.43
C THR B 558 37.49 -13.73 -9.30
N LEU B 559 36.70 -12.67 -9.29
CA LEU B 559 35.73 -12.48 -8.23
C LEU B 559 34.50 -13.38 -8.40
N LEU B 560 34.35 -14.02 -9.56
CA LEU B 560 33.43 -15.12 -9.76
C LEU B 560 34.06 -16.48 -9.52
N GLU B 561 35.34 -16.66 -9.86
CA GLU B 561 36.00 -17.92 -9.58
C GLU B 561 36.13 -18.15 -8.08
N GLN B 562 36.31 -17.09 -7.30
CA GLN B 562 36.30 -17.23 -5.84
C GLN B 562 34.94 -17.69 -5.33
N PHE B 563 33.86 -17.12 -5.87
CA PHE B 563 32.52 -17.59 -5.53
C PHE B 563 32.35 -19.05 -5.88
N GLY B 564 32.87 -19.47 -7.03
CA GLY B 564 32.79 -20.85 -7.43
C GLY B 564 33.53 -21.80 -6.51
N ARG B 565 34.77 -21.45 -6.16
CA ARG B 565 35.55 -22.29 -5.26
C ARG B 565 34.95 -22.33 -3.87
N GLU B 566 34.30 -21.25 -3.44
CA GLU B 566 33.56 -21.26 -2.18
C GLU B 566 32.37 -22.20 -2.25
N THR B 567 31.60 -22.09 -3.33
CA THR B 567 30.39 -22.89 -3.52
C THR B 567 30.75 -24.36 -3.62
N SER B 568 31.95 -24.67 -4.11
CA SER B 568 32.37 -26.05 -4.26
C SER B 568 32.67 -26.73 -2.93
N ARG B 569 32.35 -26.10 -1.80
CA ARG B 569 32.47 -26.74 -0.50
C ARG B 569 31.13 -27.11 0.10
N LYS B 570 30.04 -26.51 -0.35
CA LYS B 570 28.71 -26.82 0.14
C LYS B 570 27.77 -27.31 -0.95
N GLN B 571 28.24 -27.49 -2.17
CA GLN B 571 27.40 -27.95 -3.26
C GLN B 571 28.13 -29.03 -4.05
N PHE B 572 27.35 -29.94 -4.63
CA PHE B 572 27.86 -31.11 -5.30
C PHE B 572 27.59 -31.03 -6.80
N ILE B 573 28.15 -32.00 -7.52
CA ILE B 573 27.95 -32.15 -8.96
C ILE B 573 27.41 -33.55 -9.20
N HIS B 574 26.21 -33.63 -9.77
CA HIS B 574 25.60 -34.91 -10.10
C HIS B 574 25.75 -35.16 -11.59
N HIS B 575 26.38 -36.28 -11.94
CA HIS B 575 26.57 -36.55 -13.36
C HIS B 575 25.45 -37.41 -13.92
N GLY B 576 25.32 -38.66 -13.46
CA GLY B 576 24.05 -39.32 -13.64
C GLY B 576 23.14 -38.96 -12.48
N TYR B 577 23.45 -39.54 -11.31
CA TYR B 577 22.95 -39.07 -10.04
C TYR B 577 23.99 -39.22 -8.93
N THR B 578 25.20 -39.68 -9.25
CA THR B 578 26.26 -39.75 -8.26
C THR B 578 26.81 -38.37 -7.96
N LYS B 579 27.12 -38.13 -6.69
CA LYS B 579 27.50 -36.80 -6.23
C LYS B 579 29.02 -36.69 -6.14
N HIS B 580 29.58 -35.78 -6.93
CA HIS B 580 31.00 -35.51 -6.93
C HIS B 580 31.23 -34.07 -6.51
N GLN B 581 32.32 -33.84 -5.79
CA GLN B 581 32.65 -32.53 -5.29
C GLN B 581 34.11 -32.20 -5.60
N LEU B 582 34.33 -31.01 -6.14
CA LEU B 582 35.66 -30.58 -6.55
C LEU B 582 36.50 -30.20 -5.33
N LEU B 583 37.75 -30.63 -5.34
CA LEU B 583 38.67 -30.47 -4.21
C LEU B 583 39.80 -29.54 -4.65
N VAL B 584 39.68 -28.25 -4.33
CA VAL B 584 40.66 -27.26 -4.76
C VAL B 584 41.10 -26.33 -3.65
N GLY B 585 40.47 -26.35 -2.48
CA GLY B 585 40.80 -25.41 -1.43
C GLY B 585 42.23 -25.56 -0.95
N GLU B 586 43.01 -24.49 -0.99
CA GLU B 586 44.36 -24.52 -0.45
C GLU B 586 44.31 -24.72 1.06
N ARG B 587 45.13 -25.64 1.57
CA ARG B 587 45.20 -25.99 2.99
C ARG B 587 43.87 -26.51 3.53
N ASP B 588 42.89 -26.74 2.65
CA ASP B 588 41.64 -27.38 3.02
C ASP B 588 41.57 -28.82 2.53
N ILE B 589 42.50 -29.23 1.67
CA ILE B 589 42.55 -30.61 1.22
C ILE B 589 43.39 -31.47 2.13
N CYS B 590 44.27 -30.85 2.91
CA CYS B 590 45.14 -31.61 3.81
C CYS B 590 44.31 -32.35 4.85
N GLU B 591 43.38 -31.66 5.50
CA GLU B 591 42.61 -32.30 6.56
C GLU B 591 41.59 -33.28 6.00
N VAL B 592 41.05 -33.02 4.81
CA VAL B 592 40.14 -33.96 4.18
C VAL B 592 40.84 -35.20 3.69
N LEU B 593 42.09 -35.09 3.23
CA LEU B 593 42.85 -36.26 2.82
C LEU B 593 43.32 -37.08 4.02
N ASN B 594 43.59 -36.43 5.15
CA ASN B 594 43.90 -37.14 6.39
C ASN B 594 42.59 -37.48 7.09
N ASP B 595 41.87 -38.45 6.53
CA ASP B 595 40.58 -38.84 7.06
C ASP B 595 40.32 -40.30 6.76
N ASP B 596 39.42 -40.88 7.55
CA ASP B 596 38.87 -42.21 7.28
C ASP B 596 37.42 -42.16 6.83
N THR B 597 36.68 -41.12 7.21
CA THR B 597 35.31 -40.94 6.76
C THR B 597 35.29 -40.25 5.39
N ILE B 598 35.48 -41.03 4.34
CA ILE B 598 35.55 -40.51 2.97
C ILE B 598 34.63 -41.36 2.09
N ASP B 599 34.62 -41.06 0.79
CA ASP B 599 33.85 -41.83 -0.17
C ASP B 599 34.64 -42.30 -1.37
N SER B 600 35.87 -41.84 -1.56
CA SER B 600 36.68 -42.17 -2.73
C SER B 600 35.97 -41.83 -4.03
N ARG C 81 4.25 12.61 -37.17
CA ARG C 81 4.44 13.88 -36.49
C ARG C 81 4.40 13.69 -34.98
N ILE C 82 4.76 14.74 -34.25
CA ILE C 82 4.83 14.70 -32.79
C ILE C 82 3.95 15.79 -32.22
N TRP C 83 3.01 15.42 -31.36
CA TRP C 83 2.15 16.34 -30.64
C TRP C 83 2.32 16.12 -29.15
N LYS C 84 2.01 17.16 -28.37
CA LYS C 84 2.08 17.05 -26.92
C LYS C 84 0.74 16.90 -26.24
N HIS C 85 -0.35 17.32 -26.89
CA HIS C 85 -1.70 17.18 -26.35
C HIS C 85 -2.63 16.68 -27.44
N GLN C 86 -3.55 15.80 -27.05
CA GLN C 86 -4.54 15.32 -28.02
C GLN C 86 -5.54 16.40 -28.37
N VAL C 87 -6.08 17.08 -27.37
CA VAL C 87 -7.13 18.08 -27.56
C VAL C 87 -6.75 19.35 -26.82
N PHE C 88 -6.93 20.50 -27.47
CA PHE C 88 -6.80 21.79 -26.82
C PHE C 88 -8.15 22.48 -26.85
N PRO C 89 -8.83 22.66 -25.73
CA PRO C 89 -10.13 23.36 -25.76
C PRO C 89 -9.99 24.85 -25.60
N SER C 90 -10.57 25.61 -26.52
CA SER C 90 -10.62 27.07 -26.43
C SER C 90 -12.04 27.50 -26.07
N PHE C 91 -12.17 28.32 -25.04
CA PHE C 91 -13.47 28.66 -24.49
C PHE C 91 -13.36 30.05 -23.85
N HIS C 92 -14.47 30.52 -23.31
CA HIS C 92 -14.52 31.73 -22.50
C HIS C 92 -14.96 31.28 -21.11
N GLY C 93 -14.02 31.31 -20.16
CA GLY C 93 -14.25 30.67 -18.88
C GLY C 93 -15.41 31.26 -18.10
N ALA C 94 -15.67 32.55 -18.28
CA ALA C 94 -16.76 33.18 -17.53
C ALA C 94 -18.13 32.65 -17.92
N ASP C 95 -18.25 31.92 -19.02
CA ASP C 95 -19.52 31.36 -19.46
C ASP C 95 -19.63 29.86 -19.31
N VAL C 96 -18.56 29.11 -19.56
CA VAL C 96 -18.64 27.66 -19.69
C VAL C 96 -17.69 26.91 -18.77
N ARG C 97 -16.76 27.59 -18.09
CA ARG C 97 -15.78 26.85 -17.29
C ARG C 97 -16.45 26.09 -16.16
N LYS C 98 -17.58 26.58 -15.67
CA LYS C 98 -18.28 25.91 -14.58
C LYS C 98 -19.28 24.88 -15.11
N THR C 99 -20.12 25.29 -16.07
CA THR C 99 -21.29 24.49 -16.42
C THR C 99 -21.00 23.35 -17.38
N ILE C 100 -20.58 23.65 -18.62
CA ILE C 100 -20.55 22.60 -19.63
C ILE C 100 -19.13 22.11 -19.89
N LEU C 101 -18.13 22.99 -19.81
CA LEU C 101 -16.76 22.55 -20.04
C LEU C 101 -16.34 21.50 -19.02
N SER C 102 -16.82 21.60 -17.79
CA SER C 102 -16.49 20.60 -16.79
C SER C 102 -17.01 19.23 -17.19
N HIS C 103 -18.24 19.15 -17.69
CA HIS C 103 -18.79 17.88 -18.13
C HIS C 103 -18.06 17.37 -19.36
N ILE C 104 -17.71 18.25 -20.29
CA ILE C 104 -16.95 17.84 -21.47
C ILE C 104 -15.62 17.22 -21.05
N LEU C 105 -14.93 17.88 -20.11
CA LEU C 105 -13.63 17.38 -19.66
C LEU C 105 -13.75 16.06 -18.92
N GLU C 106 -14.79 15.91 -18.08
CA GLU C 106 -14.94 14.63 -17.38
C GLU C 106 -15.27 13.52 -18.37
N SER C 107 -16.06 13.82 -19.39
CA SER C 107 -16.36 12.81 -20.41
C SER C 107 -15.11 12.42 -21.18
N PHE C 108 -14.28 13.41 -21.54
CA PHE C 108 -13.03 13.12 -22.22
C PHE C 108 -12.14 12.23 -21.34
N ARG C 109 -12.05 12.55 -20.05
CA ARG C 109 -11.24 11.75 -19.15
C ARG C 109 -11.76 10.32 -19.06
N ARG C 110 -13.08 10.15 -19.03
CA ARG C 110 -13.65 8.81 -18.99
C ARG C 110 -13.42 8.03 -20.27
N LYS C 111 -13.35 8.71 -21.42
CA LYS C 111 -13.08 8.03 -22.68
C LYS C 111 -11.61 7.91 -23.01
N GLY C 112 -10.73 8.04 -22.02
CA GLY C 112 -9.30 7.87 -22.23
C GLY C 112 -8.69 8.91 -23.15
N ILE C 113 -9.02 10.17 -22.94
CA ILE C 113 -8.48 11.28 -23.71
C ILE C 113 -7.85 12.27 -22.74
N ASP C 114 -6.67 12.78 -23.10
CA ASP C 114 -5.93 13.71 -22.25
C ASP C 114 -5.95 15.11 -22.87
N PRO C 115 -6.87 15.97 -22.45
CA PRO C 115 -6.90 17.33 -22.99
C PRO C 115 -5.93 18.25 -22.26
N PHE C 116 -5.69 19.40 -22.87
CA PHE C 116 -4.91 20.45 -22.22
C PHE C 116 -5.80 21.22 -21.26
N ILE C 117 -5.31 21.39 -20.04
CA ILE C 117 -6.05 22.06 -18.98
C ILE C 117 -5.23 23.25 -18.51
N ASP C 118 -5.75 24.46 -18.71
CA ASP C 118 -4.98 25.66 -18.41
C ASP C 118 -4.70 25.83 -16.93
N ASN C 119 -5.42 25.13 -16.06
CA ASN C 119 -5.17 25.22 -14.63
C ASN C 119 -3.88 24.54 -14.22
N ASN C 120 -3.33 23.65 -15.05
CA ASN C 120 -2.12 22.91 -14.73
C ASN C 120 -0.88 23.53 -15.38
N ILE C 121 -1.00 24.74 -15.93
CA ILE C 121 0.18 25.45 -16.38
C ILE C 121 1.09 25.69 -15.19
N GLU C 122 2.35 25.28 -15.32
CA GLU C 122 3.28 25.36 -14.20
C GLU C 122 3.42 26.80 -13.73
N ARG C 123 3.42 26.99 -12.42
CA ARG C 123 3.47 28.32 -11.85
C ARG C 123 4.83 28.97 -12.12
N SER C 124 4.86 30.28 -12.01
CA SER C 124 6.02 31.13 -12.30
C SER C 124 6.40 31.11 -13.77
N LYS C 125 5.47 30.76 -14.66
CA LYS C 125 5.70 30.73 -16.09
C LYS C 125 4.66 31.60 -16.78
N SER C 126 5.10 32.37 -17.77
CA SER C 126 4.19 33.28 -18.46
C SER C 126 3.09 32.50 -19.16
N ILE C 127 1.85 32.96 -19.00
CA ILE C 127 0.69 32.23 -19.49
C ILE C 127 0.61 32.30 -21.02
N GLY C 128 0.87 33.48 -21.59
CA GLY C 128 0.70 33.66 -23.01
C GLY C 128 1.53 32.72 -23.86
N HIS C 129 2.83 32.62 -23.56
CA HIS C 129 3.70 31.76 -24.34
C HIS C 129 3.33 30.29 -24.16
N GLU C 130 2.93 29.89 -22.94
CA GLU C 130 2.53 28.50 -22.73
C GLU C 130 1.26 28.18 -23.49
N LEU C 131 0.31 29.11 -23.55
CA LEU C 131 -0.89 28.89 -24.35
C LEU C 131 -0.54 28.75 -25.83
N LYS C 132 0.35 29.61 -26.32
CA LYS C 132 0.78 29.51 -27.71
C LYS C 132 1.40 28.15 -28.00
N GLU C 133 2.31 27.71 -27.14
CA GLU C 133 3.00 26.44 -27.35
C GLU C 133 2.05 25.26 -27.20
N ALA C 134 1.02 25.40 -26.36
CA ALA C 134 0.04 24.34 -26.23
C ALA C 134 -0.87 24.26 -27.44
N ILE C 135 -1.23 25.41 -28.02
CA ILE C 135 -2.01 25.39 -29.24
C ILE C 135 -1.22 24.75 -30.36
N LYS C 136 0.06 25.11 -30.49
CA LYS C 136 0.87 24.58 -31.56
C LYS C 136 1.09 23.07 -31.44
N GLY C 137 1.13 22.54 -30.23
CA GLY C 137 1.44 21.15 -30.04
C GLY C 137 0.25 20.25 -29.80
N SER C 138 -0.95 20.78 -30.08
CA SER C 138 -2.18 19.99 -29.88
C SER C 138 -2.66 19.44 -31.22
N LYS C 139 -3.09 18.18 -31.23
CA LYS C 139 -3.58 17.57 -32.46
C LYS C 139 -4.95 18.09 -32.85
N ILE C 140 -5.86 18.21 -31.89
CA ILE C 140 -7.23 18.65 -32.14
C ILE C 140 -7.49 19.90 -31.32
N ALA C 141 -8.07 20.90 -31.95
CA ALA C 141 -8.55 22.08 -31.26
C ALA C 141 -10.07 22.10 -31.24
N ILE C 142 -10.61 22.36 -30.05
CA ILE C 142 -12.07 22.43 -29.85
C ILE C 142 -12.40 23.84 -29.38
N VAL C 143 -13.33 24.48 -30.07
CA VAL C 143 -13.65 25.88 -29.85
C VAL C 143 -15.09 25.96 -29.35
N LEU C 144 -15.26 26.06 -28.04
CA LEU C 144 -16.55 26.46 -27.50
C LEU C 144 -16.80 27.94 -27.79
N LEU C 145 -17.95 28.25 -28.36
CA LEU C 145 -18.27 29.60 -28.81
C LEU C 145 -19.49 30.08 -28.04
N SER C 146 -19.23 30.83 -26.97
CA SER C 146 -20.28 31.46 -26.19
C SER C 146 -20.54 32.86 -26.71
N LYS C 147 -21.62 33.47 -26.23
CA LYS C 147 -21.95 34.82 -26.68
C LYS C 147 -20.98 35.87 -26.18
N ASN C 148 -20.26 35.59 -25.09
CA ASN C 148 -19.21 36.46 -24.59
C ASN C 148 -17.83 36.00 -25.01
N TYR C 149 -17.74 35.13 -26.02
CA TYR C 149 -16.44 34.68 -26.51
C TYR C 149 -15.63 35.85 -27.03
N ALA C 150 -16.28 36.79 -27.70
CA ALA C 150 -15.59 37.93 -28.30
C ALA C 150 -15.33 39.05 -27.32
N SER C 151 -15.78 38.93 -26.07
CA SER C 151 -15.50 39.97 -25.10
C SER C 151 -14.07 39.93 -24.61
N SER C 152 -13.48 38.74 -24.53
CA SER C 152 -12.11 38.60 -24.03
C SER C 152 -11.12 38.77 -25.17
N SER C 153 -9.87 39.06 -24.79
CA SER C 153 -8.77 39.14 -25.74
C SER C 153 -7.95 37.86 -25.78
N TRP C 154 -7.90 37.11 -24.67
CA TRP C 154 -7.28 35.80 -24.68
C TRP C 154 -7.98 34.87 -25.66
N CYS C 155 -9.31 34.90 -25.65
CA CYS C 155 -10.09 34.03 -26.53
C CYS C 155 -9.80 34.32 -27.98
N LEU C 156 -9.82 35.59 -28.38
CA LEU C 156 -9.58 35.92 -29.77
C LEU C 156 -8.15 35.64 -30.19
N ASP C 157 -7.19 35.91 -29.31
CA ASP C 157 -5.80 35.62 -29.64
C ASP C 157 -5.58 34.14 -29.86
N GLU C 158 -6.13 33.30 -28.97
CA GLU C 158 -5.93 31.87 -29.17
C GLU C 158 -6.80 31.33 -30.30
N LEU C 159 -7.90 31.99 -30.65
CA LEU C 159 -8.64 31.56 -31.83
C LEU C 159 -7.86 31.87 -33.10
N ALA C 160 -7.24 33.04 -33.16
CA ALA C 160 -6.39 33.36 -34.30
C ALA C 160 -5.23 32.37 -34.41
N GLU C 161 -4.62 32.04 -33.27
CA GLU C 161 -3.54 31.06 -33.28
C GLU C 161 -4.03 29.69 -33.73
N ILE C 162 -5.22 29.28 -33.30
CA ILE C 162 -5.78 28.00 -33.75
C ILE C 162 -6.01 28.00 -35.24
N MET C 163 -6.57 29.09 -35.79
CA MET C 163 -6.82 29.13 -37.23
C MET C 163 -5.51 29.07 -38.00
N LYS C 164 -4.51 29.84 -37.55
CA LYS C 164 -3.20 29.83 -38.22
C LYS C 164 -2.56 28.46 -38.15
N CYS C 165 -2.63 27.80 -37.00
CA CYS C 165 -2.06 26.47 -36.86
C CYS C 165 -2.82 25.42 -37.66
N ARG C 166 -4.14 25.60 -37.82
CA ARG C 166 -4.89 24.68 -38.66
C ARG C 166 -4.49 24.83 -40.12
N GLU C 167 -4.28 26.06 -40.56
CA GLU C 167 -3.89 26.30 -41.94
C GLU C 167 -2.43 25.94 -42.22
N LEU C 168 -1.56 25.99 -41.21
CA LEU C 168 -0.13 25.87 -41.43
C LEU C 168 0.47 24.56 -40.92
N LEU C 169 -0.21 23.85 -40.03
CA LEU C 169 0.36 22.65 -39.42
C LEU C 169 -0.54 21.43 -39.53
N GLY C 170 -1.69 21.54 -40.19
CA GLY C 170 -2.55 20.39 -40.39
C GLY C 170 -3.18 19.84 -39.13
N GLN C 171 -3.61 20.71 -38.22
CA GLN C 171 -4.34 20.27 -37.03
C GLN C 171 -5.84 20.33 -37.29
N ILE C 172 -6.58 19.50 -36.57
CA ILE C 172 -8.01 19.36 -36.79
C ILE C 172 -8.75 20.31 -35.86
N VAL C 173 -9.67 21.08 -36.41
CA VAL C 173 -10.43 22.07 -35.65
C VAL C 173 -11.89 21.65 -35.63
N MET C 174 -12.45 21.55 -34.43
CA MET C 174 -13.85 21.25 -34.21
C MET C 174 -14.50 22.43 -33.50
N THR C 175 -15.74 22.72 -33.84
CA THR C 175 -16.45 23.83 -33.25
C THR C 175 -17.69 23.35 -32.52
N ILE C 176 -18.01 24.03 -31.42
CA ILE C 176 -19.26 23.86 -30.71
C ILE C 176 -19.88 25.24 -30.56
N PHE C 177 -21.11 25.40 -31.05
CA PHE C 177 -21.80 26.69 -31.00
C PHE C 177 -22.77 26.64 -29.83
N TYR C 178 -22.32 27.12 -28.67
CA TYR C 178 -23.08 27.02 -27.43
C TYR C 178 -23.98 28.23 -27.29
N GLU C 179 -25.26 28.03 -27.63
CA GLU C 179 -26.30 29.05 -27.45
C GLU C 179 -25.97 30.33 -28.20
N VAL C 180 -25.40 30.18 -29.39
CA VAL C 180 -25.21 31.29 -30.32
C VAL C 180 -25.04 30.68 -31.71
N ASP C 181 -25.47 31.41 -32.72
CA ASP C 181 -25.43 30.83 -34.06
C ASP C 181 -24.29 31.39 -34.89
N PRO C 182 -23.81 30.64 -35.89
CA PRO C 182 -22.68 31.12 -36.69
C PRO C 182 -22.97 32.39 -37.47
N THR C 183 -24.25 32.69 -37.65
CA THR C 183 -24.63 33.92 -38.34
C THR C 183 -24.12 35.14 -37.61
N ASP C 184 -24.21 35.14 -36.27
CA ASP C 184 -23.69 36.24 -35.50
C ASP C 184 -22.16 36.20 -35.41
N ILE C 185 -21.59 35.00 -35.37
CA ILE C 185 -20.15 34.83 -35.25
C ILE C 185 -19.46 35.42 -36.47
N LYS C 186 -19.99 35.11 -37.65
CA LYS C 186 -19.32 35.45 -38.91
C LYS C 186 -19.59 36.88 -39.37
N LYS C 187 -20.50 37.61 -38.73
CA LYS C 187 -20.77 38.98 -39.11
C LYS C 187 -20.79 39.98 -37.95
N GLN C 188 -20.67 39.51 -36.71
CA GLN C 188 -20.60 40.39 -35.53
C GLN C 188 -21.82 41.31 -35.49
N THR C 189 -22.98 40.68 -35.35
CA THR C 189 -24.26 41.40 -35.33
C THR C 189 -24.92 41.17 -33.97
N GLY C 190 -25.27 42.27 -33.30
CA GLY C 190 -26.00 42.19 -32.05
C GLY C 190 -25.31 41.38 -30.97
N GLU C 191 -25.86 40.21 -30.68
CA GLU C 191 -25.22 39.30 -29.74
C GLU C 191 -23.87 38.84 -30.29
N PHE C 192 -22.85 38.85 -29.43
CA PHE C 192 -21.49 38.43 -29.74
C PHE C 192 -20.81 39.44 -30.64
N GLY C 193 -21.56 40.41 -31.15
CA GLY C 193 -20.99 41.44 -31.98
C GLY C 193 -20.65 42.65 -31.14
N LYS C 194 -21.53 42.98 -30.20
CA LYS C 194 -21.25 44.08 -29.29
C LYS C 194 -20.02 43.80 -28.44
N ALA C 195 -19.82 42.56 -28.01
CA ALA C 195 -18.62 42.23 -27.27
C ALA C 195 -17.37 42.43 -28.11
N PHE C 196 -17.41 42.04 -29.39
CA PHE C 196 -16.28 42.25 -30.27
C PHE C 196 -16.00 43.73 -30.47
N THR C 197 -17.06 44.54 -30.65
CA THR C 197 -16.86 45.97 -30.85
C THR C 197 -16.27 46.63 -29.61
N LYS C 198 -16.77 46.28 -28.42
CA LYS C 198 -16.21 46.86 -27.20
C LYS C 198 -14.79 46.38 -26.93
N THR C 199 -14.47 45.15 -27.33
CA THR C 199 -13.10 44.68 -27.10
C THR C 199 -12.12 45.15 -28.17
N CYS C 200 -12.61 45.62 -29.32
CA CYS C 200 -11.74 46.02 -30.41
C CYS C 200 -11.55 47.53 -30.50
N LYS C 201 -12.09 48.30 -29.56
CA LYS C 201 -11.96 49.75 -29.62
C LYS C 201 -10.50 50.16 -29.50
N GLY C 202 -9.87 49.85 -28.37
CA GLY C 202 -8.46 50.17 -28.22
C GLY C 202 -7.56 49.00 -28.61
N LYS C 203 -7.11 49.02 -29.86
CA LYS C 203 -6.23 48.00 -30.43
C LYS C 203 -5.47 48.65 -31.58
N THR C 204 -4.76 47.82 -32.35
CA THR C 204 -4.16 48.31 -33.59
C THR C 204 -5.15 48.13 -34.71
N LYS C 205 -4.71 48.31 -35.96
CA LYS C 205 -5.58 48.13 -37.11
C LYS C 205 -5.50 46.72 -37.67
N GLU C 206 -4.35 46.05 -37.53
CA GLU C 206 -4.20 44.73 -38.14
C GLU C 206 -4.59 43.61 -37.18
N TYR C 207 -4.46 43.85 -35.87
CA TYR C 207 -4.98 42.88 -34.90
C TYR C 207 -6.47 42.67 -35.08
N VAL C 208 -7.22 43.75 -35.27
CA VAL C 208 -8.66 43.65 -35.49
C VAL C 208 -8.90 42.83 -36.75
N GLU C 209 -8.09 43.04 -37.78
CA GLU C 209 -8.26 42.28 -39.01
C GLU C 209 -8.01 40.80 -38.80
N ARG C 210 -6.94 40.46 -38.07
CA ARG C 210 -6.63 39.05 -37.82
C ARG C 210 -7.74 38.40 -37.02
N TRP C 211 -8.21 39.08 -35.98
CA TRP C 211 -9.29 38.54 -35.15
C TRP C 211 -10.55 38.33 -35.98
N ARG C 212 -10.89 39.30 -36.82
CA ARG C 212 -12.10 39.16 -37.62
C ARG C 212 -11.97 37.98 -38.57
N LYS C 213 -10.90 37.94 -39.37
CA LYS C 213 -10.74 36.84 -40.32
C LYS C 213 -10.75 35.49 -39.63
N ALA C 214 -10.17 35.42 -38.43
CA ALA C 214 -10.28 34.19 -37.65
C ALA C 214 -11.74 33.88 -37.31
N LEU C 215 -12.53 34.92 -37.00
CA LEU C 215 -13.94 34.69 -36.69
C LEU C 215 -14.70 34.12 -37.89
N GLU C 216 -14.54 34.73 -39.07
CA GLU C 216 -15.22 34.15 -40.23
C GLU C 216 -14.69 32.76 -40.55
N ASP C 217 -13.39 32.51 -40.40
CA ASP C 217 -12.88 31.18 -40.69
C ASP C 217 -13.48 30.13 -39.76
N VAL C 218 -13.59 30.44 -38.47
CA VAL C 218 -14.12 29.44 -37.54
C VAL C 218 -15.62 29.27 -37.73
N ALA C 219 -16.34 30.36 -38.05
CA ALA C 219 -17.79 30.27 -38.15
C ALA C 219 -18.25 29.50 -39.38
N THR C 220 -17.40 29.31 -40.38
CA THR C 220 -17.78 28.53 -41.56
C THR C 220 -17.65 27.03 -41.33
N ILE C 221 -16.94 26.62 -40.28
CA ILE C 221 -16.89 25.21 -39.95
C ILE C 221 -18.25 24.75 -39.44
N ALA C 222 -18.59 23.50 -39.76
CA ALA C 222 -19.81 22.88 -39.26
C ALA C 222 -19.47 22.10 -38.00
N GLY C 223 -20.14 22.43 -36.91
CA GLY C 223 -19.88 21.77 -35.63
C GLY C 223 -21.13 21.28 -34.96
N TYR C 224 -21.28 21.59 -33.67
CA TYR C 224 -22.42 21.14 -32.88
C TYR C 224 -23.19 22.36 -32.39
N HIS C 225 -24.50 22.35 -32.61
CA HIS C 225 -25.36 23.43 -32.14
C HIS C 225 -26.06 22.98 -30.86
N SER C 226 -25.96 23.80 -29.82
CA SER C 226 -26.54 23.42 -28.53
C SER C 226 -28.05 23.31 -28.63
N HIS C 227 -28.68 24.19 -29.39
CA HIS C 227 -30.14 24.22 -29.44
C HIS C 227 -30.74 23.11 -30.27
N LYS C 228 -29.97 22.23 -30.90
CA LYS C 228 -30.52 21.13 -31.67
C LYS C 228 -30.64 19.84 -30.86
N TRP C 229 -30.23 19.85 -29.60
CA TRP C 229 -30.30 18.68 -28.74
C TRP C 229 -31.28 18.93 -27.60
N ARG C 230 -32.08 17.92 -27.26
CA ARG C 230 -33.02 18.06 -26.16
C ARG C 230 -32.34 18.02 -24.80
N ASN C 231 -31.18 17.38 -24.69
CA ASN C 231 -30.41 17.41 -23.46
C ASN C 231 -28.94 17.46 -23.79
N GLU C 232 -28.14 17.95 -22.84
CA GLU C 232 -26.74 18.22 -23.14
C GLU C 232 -25.86 17.02 -22.86
N ALA C 233 -26.32 16.08 -22.05
CA ALA C 233 -25.55 14.87 -21.80
C ALA C 233 -25.36 14.07 -23.09
N ASP C 234 -26.42 13.94 -23.88
CA ASP C 234 -26.31 13.21 -25.14
C ASP C 234 -25.40 13.94 -26.13
N MET C 235 -25.48 15.27 -26.19
CA MET C 235 -24.60 16.03 -27.07
C MET C 235 -23.15 15.88 -26.66
N ILE C 236 -22.87 15.92 -25.36
CA ILE C 236 -21.50 15.79 -24.89
C ILE C 236 -20.98 14.39 -25.16
N GLU C 237 -21.85 13.37 -24.99
CA GLU C 237 -21.46 12.01 -25.36
C GLU C 237 -21.13 11.91 -26.83
N LYS C 238 -21.95 12.55 -27.69
CA LYS C 238 -21.69 12.54 -29.12
C LYS C 238 -20.35 13.21 -29.44
N ILE C 239 -20.09 14.35 -28.82
CA ILE C 239 -18.84 15.07 -29.05
C ILE C 239 -17.65 14.23 -28.65
N ALA C 240 -17.73 13.60 -27.48
CA ALA C 240 -16.63 12.79 -26.99
C ALA C 240 -16.41 11.57 -27.87
N THR C 241 -17.49 10.93 -28.34
CA THR C 241 -17.34 9.80 -29.23
C THR C 241 -16.69 10.22 -30.55
N ASP C 242 -17.09 11.37 -31.08
CA ASP C 242 -16.49 11.86 -32.32
C ASP C 242 -15.00 12.14 -32.13
N VAL C 243 -14.64 12.79 -31.04
CA VAL C 243 -13.23 13.10 -30.79
C VAL C 243 -12.43 11.81 -30.60
N SER C 244 -13.01 10.85 -29.88
CA SER C 244 -12.31 9.58 -29.67
C SER C 244 -12.10 8.83 -30.97
N ASN C 245 -13.11 8.80 -31.83
CA ASN C 245 -12.95 8.19 -33.15
C ASN C 245 -11.86 8.89 -33.95
N MET C 246 -11.85 10.22 -33.91
CA MET C 246 -10.89 10.98 -34.69
C MET C 246 -9.47 10.77 -34.19
N LEU C 247 -9.29 10.62 -32.88
CA LEU C 247 -7.97 10.36 -32.34
C LEU C 247 -7.53 8.91 -32.53
N ASN C 248 -8.46 7.98 -32.43
CA ASN C 248 -8.15 6.54 -32.43
C ASN C 248 -8.31 5.92 -33.81
N SER C 249 -8.01 6.68 -34.87
CA SER C 249 -8.25 6.18 -36.21
C SER C 249 -7.14 5.25 -36.70
N PHE C 250 -6.05 5.12 -35.94
CA PHE C 250 -4.95 4.27 -36.40
C PHE C 250 -5.31 2.79 -36.27
N LYS C 251 -5.54 2.32 -35.04
CA LYS C 251 -6.04 0.99 -34.72
C LYS C 251 -5.51 -0.12 -35.64
N PRO C 252 -4.21 -0.42 -35.59
CA PRO C 252 -3.71 -1.51 -36.43
C PRO C 252 -4.15 -2.88 -35.91
N SER C 253 -4.19 -3.07 -34.60
CA SER C 253 -4.61 -4.33 -34.01
C SER C 253 -5.01 -4.11 -32.56
N ARG C 254 -5.78 -5.05 -32.04
CA ARG C 254 -6.19 -5.06 -30.64
C ARG C 254 -5.40 -6.13 -29.89
N ASP C 255 -5.47 -6.07 -28.55
CA ASP C 255 -4.78 -7.05 -27.72
C ASP C 255 -5.22 -8.48 -28.06
N PHE C 256 -6.44 -8.63 -28.55
CA PHE C 256 -6.93 -9.94 -29.00
C PHE C 256 -6.81 -10.08 -30.52
N ASN C 257 -5.57 -10.08 -30.99
CA ASN C 257 -5.28 -10.35 -32.39
C ASN C 257 -4.40 -11.56 -32.60
N GLY C 258 -3.58 -11.93 -31.63
CA GLY C 258 -2.75 -13.12 -31.70
C GLY C 258 -3.42 -14.38 -31.23
N LEU C 259 -4.71 -14.31 -30.90
CA LEU C 259 -5.46 -15.48 -30.44
C LEU C 259 -5.78 -16.38 -31.62
N VAL C 260 -5.76 -17.69 -31.36
CA VAL C 260 -5.92 -18.69 -32.41
C VAL C 260 -7.14 -19.54 -32.10
N GLY C 261 -8.05 -19.63 -33.05
CA GLY C 261 -9.15 -20.56 -32.96
C GLY C 261 -10.10 -20.33 -31.80
N MET C 262 -10.51 -19.08 -31.59
CA MET C 262 -11.41 -18.76 -30.51
C MET C 262 -12.82 -18.44 -31.00
N ARG C 263 -13.03 -18.42 -32.32
CA ARG C 263 -14.38 -18.45 -32.84
C ARG C 263 -15.09 -19.73 -32.41
N ALA C 264 -14.37 -20.84 -32.35
CA ALA C 264 -14.96 -22.08 -31.87
C ALA C 264 -15.44 -21.94 -30.43
N HIS C 265 -14.60 -21.36 -29.57
CA HIS C 265 -14.99 -21.16 -28.18
C HIS C 265 -16.20 -20.26 -28.08
N MET C 266 -16.20 -19.15 -28.81
CA MET C 266 -17.31 -18.22 -28.70
C MET C 266 -18.60 -18.78 -29.24
N ASP C 267 -18.54 -19.70 -30.20
CA ASP C 267 -19.78 -20.32 -30.69
C ASP C 267 -20.37 -21.21 -29.61
N MET C 268 -19.56 -22.03 -28.96
CA MET C 268 -20.04 -22.97 -27.91
C MET C 268 -20.60 -22.21 -26.72
N LEU C 269 -19.99 -21.10 -26.33
CA LEU C 269 -20.47 -20.25 -25.21
C LEU C 269 -21.81 -19.62 -25.57
N GLU C 270 -22.01 -19.20 -26.81
CA GLU C 270 -23.27 -18.53 -27.23
C GLU C 270 -24.44 -19.47 -27.01
N GLN C 271 -24.26 -20.75 -27.28
CA GLN C 271 -25.33 -21.75 -27.06
C GLN C 271 -25.64 -21.78 -25.58
N LEU C 272 -24.67 -21.53 -24.70
CA LEU C 272 -24.94 -21.58 -23.27
C LEU C 272 -25.48 -20.25 -22.76
N LEU C 273 -24.98 -19.13 -23.29
CA LEU C 273 -25.47 -17.85 -22.78
C LEU C 273 -26.94 -17.63 -23.12
N ARG C 274 -27.33 -17.84 -24.37
CA ARG C 274 -28.71 -17.64 -24.82
C ARG C 274 -29.23 -16.26 -24.38
N LEU C 275 -28.60 -15.24 -24.96
CA LEU C 275 -28.71 -13.88 -24.44
C LEU C 275 -30.10 -13.28 -24.59
N VAL C 276 -31.08 -13.99 -25.14
CA VAL C 276 -32.41 -13.43 -25.33
C VAL C 276 -33.44 -14.18 -24.51
N LEU C 277 -33.02 -14.79 -23.40
CA LEU C 277 -33.90 -15.60 -22.59
C LEU C 277 -34.40 -14.95 -21.31
N ASP C 278 -33.87 -13.78 -20.96
CA ASP C 278 -34.27 -12.99 -19.78
C ASP C 278 -34.42 -13.82 -18.51
N GLU C 279 -33.67 -14.91 -18.39
CA GLU C 279 -33.44 -15.55 -17.10
C GLU C 279 -32.14 -15.02 -16.54
N VAL C 280 -31.62 -15.65 -15.49
CA VAL C 280 -30.40 -15.21 -14.83
C VAL C 280 -29.38 -16.34 -14.84
N ARG C 281 -29.33 -17.09 -15.94
CA ARG C 281 -28.40 -18.22 -16.10
C ARG C 281 -27.00 -17.90 -15.56
N MET C 282 -26.47 -18.82 -14.78
CA MET C 282 -25.06 -18.84 -14.40
C MET C 282 -24.36 -19.95 -15.17
N ILE C 283 -23.22 -19.62 -15.77
CA ILE C 283 -22.55 -20.50 -16.72
C ILE C 283 -21.14 -20.77 -16.23
N GLY C 284 -20.75 -22.04 -16.23
CA GLY C 284 -19.44 -22.44 -15.81
C GLY C 284 -18.51 -22.69 -16.98
N ILE C 285 -17.21 -22.49 -16.77
CA ILE C 285 -16.17 -22.74 -17.81
C ILE C 285 -15.09 -23.54 -17.11
N TRP C 286 -14.98 -24.83 -17.41
CA TRP C 286 -14.00 -25.66 -16.68
C TRP C 286 -13.00 -26.29 -17.64
N GLY C 287 -11.75 -26.33 -17.23
CA GLY C 287 -10.71 -26.98 -18.03
C GLY C 287 -9.46 -27.16 -17.21
N PRO C 288 -8.48 -27.94 -17.69
CA PRO C 288 -7.22 -28.09 -16.99
C PRO C 288 -6.50 -26.77 -16.76
N PRO C 289 -5.48 -26.59 -15.87
CA PRO C 289 -4.81 -25.28 -15.78
C PRO C 289 -4.04 -24.95 -17.08
N GLY C 290 -4.03 -23.68 -17.47
CA GLY C 290 -3.30 -23.27 -18.68
C GLY C 290 -4.05 -23.59 -19.97
N ILE C 291 -5.37 -23.84 -19.89
CA ILE C 291 -6.18 -24.07 -21.12
C ILE C 291 -6.75 -22.72 -21.60
N GLY C 292 -6.43 -21.63 -20.91
CA GLY C 292 -6.87 -20.30 -21.37
C GLY C 292 -8.27 -19.91 -20.93
N LYS C 293 -8.80 -20.50 -19.86
CA LYS C 293 -10.13 -20.05 -19.35
C LYS C 293 -10.12 -18.53 -19.16
N THR C 294 -9.00 -17.95 -18.71
CA THR C 294 -8.90 -16.51 -18.49
C THR C 294 -8.98 -15.74 -19.81
N THR C 295 -8.31 -16.22 -20.86
CA THR C 295 -8.37 -15.53 -22.14
C THR C 295 -9.76 -15.61 -22.74
N ILE C 296 -10.43 -16.77 -22.62
CA ILE C 296 -11.79 -16.90 -23.09
C ILE C 296 -12.70 -15.94 -22.35
N ALA C 297 -12.53 -15.84 -21.02
CA ALA C 297 -13.35 -14.93 -20.24
C ALA C 297 -13.12 -13.47 -20.67
N ARG C 298 -11.86 -13.09 -20.87
CA ARG C 298 -11.56 -11.72 -21.27
C ARG C 298 -12.16 -11.39 -22.63
N PHE C 299 -12.00 -12.31 -23.59
CA PHE C 299 -12.55 -12.09 -24.92
C PHE C 299 -14.07 -11.98 -24.88
N LEU C 300 -14.71 -12.89 -24.15
CA LEU C 300 -16.16 -12.85 -24.05
C LEU C 300 -16.64 -11.57 -23.39
N PHE C 301 -15.93 -11.11 -22.37
CA PHE C 301 -16.31 -9.85 -21.73
C PHE C 301 -16.21 -8.70 -22.71
N ASN C 302 -15.05 -8.54 -23.34
CA ASN C 302 -14.88 -7.43 -24.28
C ASN C 302 -15.78 -7.54 -25.49
N GLN C 303 -16.38 -8.70 -25.74
CA GLN C 303 -17.34 -8.82 -26.83
C GLN C 303 -18.79 -8.56 -26.40
N VAL C 304 -19.17 -8.92 -25.18
CA VAL C 304 -20.59 -8.99 -24.83
C VAL C 304 -20.99 -7.97 -23.78
N SER C 305 -20.03 -7.44 -23.02
CA SER C 305 -20.37 -6.57 -21.90
C SER C 305 -21.06 -5.28 -22.34
N ASP C 306 -21.00 -4.94 -23.63
CA ASP C 306 -21.53 -3.67 -24.09
C ASP C 306 -23.03 -3.57 -23.92
N ARG C 307 -23.74 -4.69 -24.01
CA ARG C 307 -25.19 -4.70 -24.08
C ARG C 307 -25.87 -4.90 -22.73
N PHE C 308 -25.12 -4.91 -21.63
CA PHE C 308 -25.66 -5.05 -20.29
C PHE C 308 -25.58 -3.72 -19.56
N GLN C 309 -26.57 -3.45 -18.71
CA GLN C 309 -26.60 -2.18 -18.00
C GLN C 309 -25.36 -1.98 -17.16
N LEU C 310 -24.98 -3.00 -16.39
CA LEU C 310 -23.80 -2.95 -15.54
C LEU C 310 -22.99 -4.21 -15.78
N SER C 311 -21.67 -4.08 -15.70
CA SER C 311 -20.81 -5.21 -15.98
C SER C 311 -19.50 -5.09 -15.21
N ALA C 312 -18.92 -6.23 -14.90
CA ALA C 312 -17.66 -6.28 -14.18
C ALA C 312 -16.96 -7.59 -14.50
N ILE C 313 -15.63 -7.55 -14.47
CA ILE C 313 -14.80 -8.74 -14.59
C ILE C 313 -13.81 -8.75 -13.44
N MET C 314 -13.75 -9.85 -12.72
CA MET C 314 -12.83 -10.00 -11.59
C MET C 314 -11.87 -11.13 -11.90
N VAL C 315 -10.58 -10.84 -11.84
CA VAL C 315 -9.54 -11.72 -12.36
C VAL C 315 -8.73 -12.29 -11.21
N ASN C 316 -8.45 -13.60 -11.30
CA ASN C 316 -7.63 -14.30 -10.32
C ASN C 316 -8.18 -14.14 -8.91
N ILE C 317 -9.45 -14.50 -8.74
CA ILE C 317 -10.05 -14.50 -7.42
C ILE C 317 -9.36 -15.50 -6.52
N LYS C 318 -8.86 -16.60 -7.09
CA LYS C 318 -8.19 -17.63 -6.31
C LYS C 318 -6.94 -17.09 -5.62
N GLY C 319 -6.19 -16.22 -6.29
CA GLY C 319 -4.93 -15.74 -5.75
C GLY C 319 -5.06 -14.68 -4.67
N CYS C 320 -6.07 -13.81 -4.79
CA CYS C 320 -6.21 -12.74 -3.80
C CYS C 320 -6.80 -13.25 -2.50
N TYR C 321 -7.56 -14.33 -2.54
CA TYR C 321 -8.22 -14.87 -1.36
C TYR C 321 -7.19 -15.45 -0.40
N PRO C 322 -7.36 -15.24 0.91
CA PRO C 322 -6.43 -15.82 1.88
C PRO C 322 -6.42 -17.34 1.81
N ARG C 323 -5.23 -17.92 1.97
CA ARG C 323 -5.08 -19.36 1.83
C ARG C 323 -5.55 -20.11 3.07
N PRO C 324 -5.13 -19.75 4.30
CA PRO C 324 -5.73 -20.39 5.47
C PRO C 324 -7.13 -19.90 5.78
N CYS C 325 -7.41 -18.61 5.54
CA CYS C 325 -8.73 -18.02 5.71
C CYS C 325 -9.23 -18.21 7.14
N PHE C 326 -8.52 -17.56 8.07
CA PHE C 326 -8.89 -17.66 9.47
C PHE C 326 -10.21 -16.98 9.77
N ASP C 327 -10.58 -15.95 8.99
CA ASP C 327 -11.88 -15.30 9.11
C ASP C 327 -12.52 -15.26 7.72
N GLU C 328 -13.61 -16.01 7.55
CA GLU C 328 -14.26 -16.09 6.25
C GLU C 328 -15.08 -14.85 5.95
N TYR C 329 -15.75 -14.29 6.97
CA TYR C 329 -16.68 -13.21 6.74
C TYR C 329 -15.97 -11.94 6.26
N SER C 330 -14.83 -11.62 6.85
CA SER C 330 -14.09 -10.44 6.43
C SER C 330 -13.60 -10.58 5.00
N ALA C 331 -13.12 -11.77 4.63
CA ALA C 331 -12.68 -11.99 3.26
C ALA C 331 -13.83 -11.88 2.28
N GLN C 332 -14.98 -12.45 2.64
CA GLN C 332 -16.16 -12.37 1.78
C GLN C 332 -16.61 -10.92 1.62
N LEU C 333 -16.59 -10.16 2.72
CA LEU C 333 -16.98 -8.76 2.65
C LEU C 333 -16.04 -7.97 1.75
N GLN C 334 -14.74 -8.22 1.86
CA GLN C 334 -13.77 -7.54 1.01
C GLN C 334 -13.96 -7.89 -0.46
N LEU C 335 -14.19 -9.18 -0.77
CA LEU C 335 -14.37 -9.65 -2.17
C LEU C 335 -15.63 -9.04 -2.77
N GLN C 336 -16.74 -9.05 -2.04
CA GLN C 336 -17.93 -8.37 -2.55
C GLN C 336 -17.73 -6.86 -2.64
N ASN C 337 -16.89 -6.30 -1.78
CA ASN C 337 -16.57 -4.88 -1.88
C ASN C 337 -15.89 -4.57 -3.20
N GLN C 338 -14.93 -5.41 -3.59
CA GLN C 338 -14.29 -5.24 -4.90
C GLN C 338 -15.31 -5.37 -6.02
N MET C 339 -16.17 -6.39 -5.93
CA MET C 339 -17.14 -6.62 -6.99
C MET C 339 -18.05 -5.41 -7.18
N LEU C 340 -18.50 -4.80 -6.09
CA LEU C 340 -19.38 -3.65 -6.19
C LEU C 340 -18.62 -2.38 -6.58
N SER C 341 -17.37 -2.25 -6.14
CA SER C 341 -16.60 -1.08 -6.52
C SER C 341 -16.32 -1.06 -8.01
N GLN C 342 -16.27 -2.24 -8.63
CA GLN C 342 -16.07 -2.30 -10.08
C GLN C 342 -17.37 -2.34 -10.87
N MET C 343 -18.39 -3.04 -10.38
CA MET C 343 -19.68 -3.11 -11.07
C MET C 343 -20.37 -1.76 -11.05
N ILE C 344 -20.74 -1.31 -9.85
CA ILE C 344 -21.10 0.09 -9.66
C ILE C 344 -19.84 0.93 -9.80
N ASN C 345 -19.99 2.10 -10.41
CA ASN C 345 -18.83 2.95 -10.61
C ASN C 345 -18.41 3.70 -9.35
N HIS C 346 -18.92 3.28 -8.19
CA HIS C 346 -18.52 3.79 -6.89
C HIS C 346 -17.13 3.24 -6.53
N LYS C 347 -16.09 4.05 -6.71
CA LYS C 347 -14.73 3.50 -6.67
C LYS C 347 -14.27 3.19 -5.25
N ASP C 348 -14.88 3.79 -4.24
CA ASP C 348 -14.50 3.52 -2.84
C ASP C 348 -15.75 3.21 -2.02
N ILE C 349 -16.17 1.95 -2.07
CA ILE C 349 -17.30 1.47 -1.30
C ILE C 349 -16.76 0.83 -0.03
N MET C 350 -17.50 0.99 1.06
CA MET C 350 -17.26 0.22 2.28
C MET C 350 -18.55 -0.55 2.59
N ILE C 351 -18.61 -1.77 2.07
CA ILE C 351 -19.71 -2.66 2.38
C ILE C 351 -19.72 -2.96 3.88
N SER C 352 -20.91 -2.99 4.46
CA SER C 352 -21.07 -3.39 5.85
C SER C 352 -21.63 -4.78 6.03
N HIS C 353 -22.38 -5.29 5.07
CA HIS C 353 -22.96 -6.62 5.16
C HIS C 353 -23.06 -7.21 3.76
N LEU C 354 -23.03 -8.54 3.69
CA LEU C 354 -22.98 -9.23 2.40
C LEU C 354 -24.26 -9.07 1.58
N GLY C 355 -25.23 -8.34 2.10
CA GLY C 355 -26.49 -8.15 1.42
C GLY C 355 -26.60 -6.94 0.53
N VAL C 356 -25.52 -6.20 0.32
CA VAL C 356 -25.60 -4.98 -0.48
C VAL C 356 -25.81 -5.33 -1.96
N ALA C 357 -25.08 -6.31 -2.47
CA ALA C 357 -25.24 -6.70 -3.87
C ALA C 357 -26.64 -7.20 -4.15
N GLN C 358 -27.28 -7.80 -3.14
CA GLN C 358 -28.69 -8.12 -3.25
C GLN C 358 -29.50 -6.87 -3.54
N GLU C 359 -29.27 -5.81 -2.77
CA GLU C 359 -30.18 -4.68 -2.77
C GLU C 359 -29.88 -3.65 -3.85
N ARG C 360 -28.70 -3.74 -4.47
CA ARG C 360 -28.29 -2.74 -5.49
C ARG C 360 -28.41 -3.32 -6.89
N LEU C 361 -28.32 -4.63 -7.06
CA LEU C 361 -28.28 -5.25 -8.41
C LEU C 361 -29.53 -6.08 -8.69
N ARG C 362 -30.65 -5.90 -8.00
CA ARG C 362 -31.82 -6.81 -8.12
C ARG C 362 -32.75 -6.52 -9.29
N ASP C 363 -32.67 -5.38 -9.95
CA ASP C 363 -33.53 -5.00 -11.06
C ASP C 363 -32.73 -4.59 -12.29
N LYS C 364 -31.50 -5.05 -12.43
CA LYS C 364 -30.62 -4.58 -13.48
C LYS C 364 -30.06 -5.75 -14.27
N LYS C 365 -30.03 -5.61 -15.59
CA LYS C 365 -29.33 -6.55 -16.46
C LYS C 365 -27.83 -6.44 -16.19
N VAL C 366 -27.26 -7.51 -15.67
CA VAL C 366 -25.90 -7.48 -15.13
C VAL C 366 -25.08 -8.60 -15.77
N PHE C 367 -23.89 -8.25 -16.24
CA PHE C 367 -22.94 -9.21 -16.75
C PHE C 367 -21.76 -9.28 -15.81
N LEU C 368 -21.48 -10.46 -15.26
CA LEU C 368 -20.42 -10.57 -14.27
C LEU C 368 -19.57 -11.80 -14.55
N VAL C 369 -18.25 -11.63 -14.54
CA VAL C 369 -17.31 -12.70 -14.83
C VAL C 369 -16.43 -12.90 -13.59
N LEU C 370 -16.39 -14.13 -13.09
CA LEU C 370 -15.58 -14.52 -11.96
C LEU C 370 -14.49 -15.47 -12.45
N ASP C 371 -13.26 -14.96 -12.52
CA ASP C 371 -12.25 -15.58 -13.38
C ASP C 371 -11.69 -16.88 -12.82
N GLU C 372 -11.42 -16.95 -11.53
CA GLU C 372 -10.86 -18.18 -10.97
C GLU C 372 -11.32 -18.36 -9.54
N VAL C 373 -12.39 -19.12 -9.36
CA VAL C 373 -12.82 -19.47 -8.02
C VAL C 373 -12.24 -20.85 -7.69
N ASP C 374 -11.96 -21.06 -6.41
CA ASP C 374 -11.29 -22.26 -5.97
C ASP C 374 -12.26 -23.00 -5.05
N GLN C 375 -13.02 -22.23 -4.28
CA GLN C 375 -13.89 -22.81 -3.27
C GLN C 375 -15.22 -22.04 -3.27
N LEU C 376 -16.11 -22.45 -2.38
CA LEU C 376 -17.50 -21.98 -2.46
C LEU C 376 -17.73 -20.71 -1.64
N GLY C 377 -16.77 -20.32 -0.82
CA GLY C 377 -16.88 -19.05 -0.13
C GLY C 377 -16.88 -17.87 -1.09
N GLN C 378 -16.04 -17.94 -2.12
CA GLN C 378 -16.05 -16.89 -3.14
C GLN C 378 -17.42 -16.76 -3.77
N LEU C 379 -18.02 -17.90 -4.13
CA LEU C 379 -19.33 -17.85 -4.78
C LEU C 379 -20.39 -17.30 -3.85
N ASP C 380 -20.37 -17.72 -2.57
CA ASP C 380 -21.35 -17.18 -1.64
C ASP C 380 -21.16 -15.69 -1.41
N ALA C 381 -19.94 -15.18 -1.53
CA ALA C 381 -19.71 -13.76 -1.38
C ALA C 381 -20.14 -12.96 -2.61
N LEU C 382 -19.90 -13.51 -3.81
CA LEU C 382 -20.10 -12.77 -5.05
C LEU C 382 -21.44 -13.04 -5.73
N ALA C 383 -21.82 -14.30 -5.90
CA ALA C 383 -23.08 -14.63 -6.55
C ALA C 383 -23.64 -15.87 -5.87
N LYS C 384 -24.51 -15.64 -4.89
CA LYS C 384 -25.11 -16.72 -4.11
C LYS C 384 -26.37 -17.27 -4.75
N GLU C 385 -27.24 -16.41 -5.26
CA GLU C 385 -28.48 -16.83 -5.88
C GLU C 385 -28.69 -16.01 -7.14
N THR C 386 -29.47 -16.56 -8.07
CA THR C 386 -29.88 -15.76 -9.22
C THR C 386 -30.89 -14.70 -8.84
N ARG C 387 -31.31 -14.65 -7.59
CA ARG C 387 -32.28 -13.63 -7.13
C ARG C 387 -31.56 -12.33 -6.78
N TRP C 388 -30.26 -12.38 -6.58
CA TRP C 388 -29.44 -11.20 -6.26
C TRP C 388 -29.39 -10.33 -7.50
N PHE C 389 -29.59 -10.90 -8.68
CA PHE C 389 -29.41 -10.17 -9.96
C PHE C 389 -30.73 -10.05 -10.69
N GLY C 390 -30.81 -9.16 -11.67
CA GLY C 390 -32.09 -8.89 -12.33
C GLY C 390 -32.36 -9.63 -13.62
N PRO C 391 -33.48 -9.42 -14.36
CA PRO C 391 -33.79 -10.26 -15.52
C PRO C 391 -32.79 -10.04 -16.64
N GLY C 392 -32.35 -11.13 -17.26
CA GLY C 392 -31.42 -11.08 -18.35
C GLY C 392 -29.96 -11.17 -17.95
N SER C 393 -29.67 -11.18 -16.65
CA SER C 393 -28.29 -11.18 -16.18
C SER C 393 -27.58 -12.47 -16.54
N ARG C 394 -26.28 -12.37 -16.77
CA ARG C 394 -25.43 -13.53 -16.99
C ARG C 394 -24.25 -13.47 -16.04
N ILE C 395 -24.01 -14.57 -15.34
CA ILE C 395 -22.88 -14.72 -14.45
C ILE C 395 -22.06 -15.89 -14.94
N ILE C 396 -20.75 -15.67 -15.11
CA ILE C 396 -19.88 -16.63 -15.77
C ILE C 396 -18.70 -16.92 -14.87
N ILE C 397 -18.61 -18.16 -14.39
CA ILE C 397 -17.60 -18.57 -13.43
C ILE C 397 -16.64 -19.51 -14.15
N THR C 398 -15.36 -19.12 -14.21
CA THR C 398 -14.33 -20.03 -14.77
C THR C 398 -13.67 -20.73 -13.58
N THR C 399 -13.35 -22.02 -13.68
CA THR C 399 -12.92 -22.81 -12.53
C THR C 399 -12.09 -23.97 -13.03
N GLU C 400 -11.35 -24.60 -12.13
CA GLU C 400 -10.69 -25.88 -12.42
C GLU C 400 -11.39 -27.07 -11.79
N ASP C 401 -12.17 -26.85 -10.73
CA ASP C 401 -12.83 -27.92 -10.01
C ASP C 401 -14.32 -27.94 -10.36
N LEU C 402 -14.78 -29.10 -10.81
CA LEU C 402 -16.19 -29.23 -11.18
C LEU C 402 -17.08 -29.34 -9.95
N GLY C 403 -16.53 -29.80 -8.83
CA GLY C 403 -17.33 -29.90 -7.61
C GLY C 403 -17.85 -28.55 -7.15
N VAL C 404 -17.07 -27.49 -7.34
CA VAL C 404 -17.52 -26.16 -6.98
C VAL C 404 -18.72 -25.74 -7.81
N LEU C 405 -18.69 -26.03 -9.11
CA LEU C 405 -19.82 -25.67 -9.96
C LEU C 405 -21.04 -26.53 -9.65
N LYS C 406 -20.85 -27.82 -9.40
CA LYS C 406 -21.98 -28.68 -9.07
C LYS C 406 -22.61 -28.30 -7.75
N ALA C 407 -21.80 -27.92 -6.76
CA ALA C 407 -22.32 -27.55 -5.46
C ALA C 407 -23.23 -26.34 -5.55
N HIS C 408 -22.89 -25.38 -6.38
CA HIS C 408 -23.66 -24.16 -6.53
C HIS C 408 -24.85 -24.34 -7.46
N GLY C 409 -25.00 -25.52 -8.07
CA GLY C 409 -26.10 -25.76 -8.98
C GLY C 409 -26.02 -24.92 -10.23
N ILE C 410 -24.97 -25.12 -11.03
CA ILE C 410 -24.75 -24.36 -12.25
C ILE C 410 -25.47 -24.97 -13.44
N ASN C 411 -25.14 -26.21 -13.78
CA ASN C 411 -25.86 -27.01 -14.77
C ASN C 411 -25.66 -26.53 -16.20
N HIS C 412 -25.04 -25.37 -16.39
CA HIS C 412 -24.62 -24.92 -17.72
C HIS C 412 -23.12 -24.77 -17.69
N VAL C 413 -22.41 -25.79 -18.15
CA VAL C 413 -20.97 -25.88 -17.98
C VAL C 413 -20.32 -26.08 -19.34
N TYR C 414 -19.28 -25.31 -19.61
CA TYR C 414 -18.52 -25.42 -20.84
C TYR C 414 -17.15 -26.00 -20.50
N LYS C 415 -16.86 -27.18 -21.03
CA LYS C 415 -15.59 -27.87 -20.79
C LYS C 415 -14.64 -27.48 -21.91
N VAL C 416 -13.69 -26.59 -21.62
CA VAL C 416 -12.80 -26.08 -22.64
C VAL C 416 -11.93 -27.20 -23.16
N GLY C 417 -11.81 -27.28 -24.48
CA GLY C 417 -11.07 -28.36 -25.13
C GLY C 417 -9.79 -27.86 -25.74
N TYR C 418 -8.82 -28.78 -25.86
CA TYR C 418 -7.54 -28.43 -26.45
C TYR C 418 -7.73 -28.01 -27.90
N PRO C 419 -6.99 -27.00 -28.37
CA PRO C 419 -7.09 -26.63 -29.78
C PRO C 419 -6.54 -27.73 -30.66
N SER C 420 -7.03 -27.76 -31.90
CA SER C 420 -6.62 -28.79 -32.83
C SER C 420 -5.11 -28.74 -33.06
N ASN C 421 -4.59 -29.79 -33.70
CA ASN C 421 -3.17 -29.87 -33.93
C ASN C 421 -2.69 -28.70 -34.79
N ASP C 422 -3.46 -28.32 -35.82
CA ASP C 422 -3.08 -27.20 -36.66
C ASP C 422 -3.07 -25.89 -35.88
N GLU C 423 -4.11 -25.66 -35.08
CA GLU C 423 -4.15 -24.44 -34.29
C GLU C 423 -3.08 -24.44 -33.20
N ALA C 424 -2.76 -25.61 -32.66
CA ALA C 424 -1.69 -25.68 -31.68
C ALA C 424 -0.35 -25.31 -32.30
N PHE C 425 -0.10 -25.80 -33.51
CA PHE C 425 1.11 -25.38 -34.22
C PHE C 425 1.07 -23.89 -34.52
N GLN C 426 -0.10 -23.34 -34.83
CA GLN C 426 -0.20 -21.90 -35.05
C GLN C 426 0.20 -21.13 -33.80
N ILE C 427 -0.27 -21.56 -32.64
CA ILE C 427 0.08 -20.87 -31.39
C ILE C 427 1.57 -20.99 -31.11
N PHE C 428 2.13 -22.18 -31.27
CA PHE C 428 3.56 -22.35 -31.03
C PHE C 428 4.39 -21.49 -31.96
N CYS C 429 4.03 -21.44 -33.24
CA CYS C 429 4.78 -20.66 -34.20
C CYS C 429 4.60 -19.16 -33.96
N MET C 430 3.41 -18.75 -33.53
CA MET C 430 3.20 -17.36 -33.20
C MET C 430 4.08 -16.93 -32.05
N ASN C 431 4.27 -17.82 -31.07
CA ASN C 431 5.11 -17.46 -29.93
C ASN C 431 6.60 -17.63 -30.19
N ALA C 432 6.99 -18.48 -31.14
CA ALA C 432 8.41 -18.72 -31.40
C ALA C 432 8.94 -17.84 -32.52
N PHE C 433 8.38 -17.94 -33.71
CA PHE C 433 8.87 -17.22 -34.87
C PHE C 433 8.16 -15.88 -35.09
N GLY C 434 7.12 -15.59 -34.32
CA GLY C 434 6.37 -14.36 -34.50
C GLY C 434 5.32 -14.40 -35.60
N GLN C 435 5.19 -15.51 -36.31
CA GLN C 435 4.25 -15.67 -37.40
C GLN C 435 3.60 -17.05 -37.30
N LYS C 436 2.50 -17.23 -38.02
CA LYS C 436 1.77 -18.49 -37.93
C LYS C 436 2.51 -19.65 -38.56
N GLN C 437 3.55 -19.39 -39.35
CA GLN C 437 4.28 -20.44 -40.04
C GLN C 437 5.74 -20.39 -39.64
N PRO C 438 6.41 -21.53 -39.63
CA PRO C 438 7.81 -21.57 -39.19
C PRO C 438 8.75 -21.01 -40.24
N HIS C 439 9.95 -20.65 -39.78
CA HIS C 439 11.03 -20.28 -40.70
C HIS C 439 11.56 -21.50 -41.41
N GLU C 440 12.19 -21.27 -42.55
CA GLU C 440 12.67 -22.36 -43.39
C GLU C 440 13.69 -23.21 -42.65
N GLY C 441 13.50 -24.53 -42.73
CA GLY C 441 14.37 -25.48 -42.07
C GLY C 441 14.04 -25.77 -40.63
N PHE C 442 13.09 -25.05 -40.04
CA PHE C 442 12.74 -25.25 -38.64
C PHE C 442 11.62 -26.24 -38.42
N ASP C 443 10.94 -26.67 -39.49
CA ASP C 443 9.66 -27.35 -39.35
C ASP C 443 9.76 -28.63 -38.53
N GLU C 444 10.77 -29.46 -38.79
CA GLU C 444 10.89 -30.73 -38.10
C GLU C 444 11.11 -30.55 -36.61
N ILE C 445 12.12 -29.74 -36.25
CA ILE C 445 12.40 -29.51 -34.84
C ILE C 445 11.30 -28.69 -34.18
N ALA C 446 10.65 -27.79 -34.91
CA ALA C 446 9.52 -27.07 -34.36
C ALA C 446 8.40 -28.03 -33.96
N ARG C 447 8.09 -28.99 -34.84
CA ARG C 447 7.04 -29.94 -34.53
C ARG C 447 7.46 -30.90 -33.42
N GLU C 448 8.75 -31.22 -33.32
CA GLU C 448 9.21 -32.02 -32.19
C GLU C 448 8.99 -31.29 -30.86
N VAL C 449 9.35 -30.00 -30.81
CA VAL C 449 9.14 -29.24 -29.57
C VAL C 449 7.65 -29.11 -29.28
N MET C 450 6.85 -28.87 -30.31
CA MET C 450 5.40 -28.93 -30.19
C MET C 450 4.91 -30.21 -29.53
N ALA C 451 5.29 -31.36 -30.09
CA ALA C 451 4.89 -32.63 -29.53
C ALA C 451 5.33 -32.75 -28.08
N LEU C 452 6.46 -32.13 -27.74
CA LEU C 452 6.86 -32.08 -26.35
C LEU C 452 5.89 -31.26 -25.51
N ALA C 453 5.29 -30.22 -26.09
CA ALA C 453 4.45 -29.30 -25.34
C ALA C 453 3.06 -29.82 -25.05
N GLY C 454 2.77 -31.06 -25.43
CA GLY C 454 1.41 -31.56 -25.28
C GLY C 454 0.47 -30.80 -26.19
N GLU C 455 -0.58 -30.23 -25.61
CA GLU C 455 -1.58 -29.47 -26.41
C GLU C 455 -1.99 -28.21 -25.65
N LEU C 456 -1.58 -28.08 -24.39
CA LEU C 456 -2.01 -26.92 -23.57
C LEU C 456 -1.46 -25.62 -24.17
N PRO C 457 -2.29 -24.57 -24.37
CA PRO C 457 -1.78 -23.28 -24.86
C PRO C 457 -0.65 -22.75 -23.97
N LEU C 458 -0.73 -22.95 -22.65
CA LEU C 458 0.32 -22.52 -21.73
C LEU C 458 1.65 -23.15 -22.09
N GLY C 459 1.66 -24.47 -22.30
CA GLY C 459 2.91 -25.13 -22.66
C GLY C 459 3.42 -24.69 -24.02
N LEU C 460 2.51 -24.52 -24.98
CA LEU C 460 2.90 -24.02 -26.30
C LEU C 460 3.51 -22.63 -26.20
N LYS C 461 2.87 -21.74 -25.45
CA LYS C 461 3.41 -20.40 -25.27
C LYS C 461 4.79 -20.43 -24.61
N VAL C 462 4.93 -21.21 -23.55
CA VAL C 462 6.18 -21.23 -22.81
C VAL C 462 7.32 -21.76 -23.67
N LEU C 463 7.09 -22.90 -24.32
CA LEU C 463 8.16 -23.49 -25.14
C LEU C 463 8.45 -22.63 -26.37
N GLY C 464 7.43 -21.97 -26.92
CA GLY C 464 7.68 -21.08 -28.03
C GLY C 464 8.48 -19.85 -27.65
N SER C 465 8.18 -19.27 -26.50
CA SER C 465 8.91 -18.09 -26.05
C SER C 465 10.32 -18.46 -25.63
N ALA C 466 10.52 -19.69 -25.17
CA ALA C 466 11.84 -20.12 -24.71
C ALA C 466 12.81 -20.27 -25.88
N LEU C 467 12.31 -20.18 -27.11
CA LEU C 467 13.13 -20.35 -28.29
C LEU C 467 12.89 -19.26 -29.32
N ARG C 468 12.63 -18.03 -28.88
CA ARG C 468 12.17 -17.01 -29.81
C ARG C 468 13.29 -16.50 -30.70
N GLY C 469 14.48 -16.29 -30.14
CA GLY C 469 15.55 -15.70 -30.92
C GLY C 469 16.61 -16.67 -31.38
N LYS C 470 16.55 -17.91 -30.90
CA LYS C 470 17.63 -18.86 -31.17
C LYS C 470 17.61 -19.29 -32.62
N SER C 471 18.68 -20.00 -33.00
CA SER C 471 18.83 -20.59 -34.32
C SER C 471 18.91 -22.11 -34.21
N LYS C 472 18.99 -22.77 -35.35
CA LYS C 472 18.82 -24.22 -35.48
C LYS C 472 19.66 -25.04 -34.51
N PRO C 473 20.97 -24.82 -34.40
CA PRO C 473 21.75 -25.61 -33.44
C PRO C 473 21.28 -25.46 -32.01
N GLU C 474 20.88 -24.24 -31.63
CA GLU C 474 20.37 -24.03 -30.28
C GLU C 474 19.08 -24.81 -30.05
N TRP C 475 18.18 -24.83 -31.04
CA TRP C 475 17.01 -25.68 -30.96
C TRP C 475 17.40 -27.12 -30.74
N GLU C 476 18.34 -27.61 -31.55
CA GLU C 476 18.65 -29.04 -31.55
C GLU C 476 19.32 -29.48 -30.26
N ARG C 477 20.12 -28.63 -29.64
CA ARG C 477 20.74 -29.00 -28.38
C ARG C 477 20.04 -28.42 -27.16
N THR C 478 18.91 -27.74 -27.33
CA THR C 478 18.09 -27.38 -26.18
C THR C 478 16.87 -28.29 -26.06
N LEU C 479 16.50 -28.99 -27.13
CA LEU C 479 15.39 -29.93 -27.01
C LEU C 479 15.64 -30.99 -25.93
N PRO C 480 16.84 -31.63 -25.89
CA PRO C 480 17.09 -32.60 -24.81
C PRO C 480 17.04 -31.96 -23.43
N ARG C 481 17.28 -30.65 -23.35
CA ARG C 481 17.10 -29.95 -22.07
C ARG C 481 15.63 -29.74 -21.76
N LEU C 482 14.80 -29.56 -22.79
CA LEU C 482 13.37 -29.44 -22.57
C LEU C 482 12.77 -30.75 -22.09
N LYS C 483 13.22 -31.87 -22.65
CA LYS C 483 12.63 -33.16 -22.30
C LYS C 483 12.91 -33.54 -20.84
N THR C 484 14.08 -33.18 -20.33
CA THR C 484 14.54 -33.67 -19.04
C THR C 484 14.36 -32.66 -17.92
N SER C 485 13.58 -31.59 -18.14
CA SER C 485 13.32 -30.62 -17.09
C SER C 485 12.08 -29.82 -17.47
N LEU C 486 11.06 -29.86 -16.62
CA LEU C 486 9.86 -29.09 -16.86
C LEU C 486 10.13 -27.62 -16.58
N ASP C 487 9.68 -26.75 -17.48
CA ASP C 487 9.96 -25.32 -17.39
C ASP C 487 9.36 -24.75 -16.10
N GLY C 488 10.00 -23.71 -15.57
CA GLY C 488 9.52 -23.13 -14.32
C GLY C 488 8.15 -22.50 -14.42
N LYS C 489 7.85 -21.86 -15.55
CA LYS C 489 6.58 -21.16 -15.73
C LYS C 489 5.41 -22.12 -15.88
N ILE C 490 5.67 -23.39 -16.19
CA ILE C 490 4.61 -24.41 -16.19
C ILE C 490 4.59 -25.16 -14.87
N GLY C 491 5.78 -25.50 -14.38
CA GLY C 491 5.88 -26.22 -13.13
C GLY C 491 5.26 -25.47 -11.97
N SER C 492 5.46 -24.15 -11.92
CA SER C 492 4.92 -23.37 -10.81
C SER C 492 3.39 -23.38 -10.81
N ILE C 493 2.78 -23.24 -11.98
CA ILE C 493 1.32 -23.22 -12.07
C ILE C 493 0.76 -24.60 -11.72
N ILE C 494 1.36 -25.65 -12.24
CA ILE C 494 0.89 -26.99 -11.92
C ILE C 494 1.08 -27.28 -10.44
N GLN C 495 2.16 -26.76 -9.85
CA GLN C 495 2.42 -26.88 -8.43
C GLN C 495 1.34 -26.18 -7.62
N PHE C 496 0.91 -25.02 -8.07
CA PHE C 496 -0.15 -24.31 -7.35
C PHE C 496 -1.45 -25.10 -7.40
N SER C 497 -1.75 -25.74 -8.54
CA SER C 497 -2.95 -26.56 -8.60
C SER C 497 -2.80 -27.84 -7.79
N TYR C 498 -1.59 -28.37 -7.69
CA TYR C 498 -1.34 -29.63 -7.00
C TYR C 498 -1.35 -29.45 -5.49
N ASP C 499 -0.88 -28.31 -4.99
CA ASP C 499 -0.82 -28.06 -3.56
C ASP C 499 -2.19 -27.91 -2.91
N ALA C 500 -3.26 -27.79 -3.70
CA ALA C 500 -4.59 -27.66 -3.14
C ALA C 500 -5.25 -29.00 -2.84
N LEU C 501 -4.63 -30.10 -3.23
CA LEU C 501 -5.21 -31.41 -3.02
C LEU C 501 -5.06 -31.86 -1.57
N CYS C 502 -5.67 -33.00 -1.26
CA CYS C 502 -5.48 -33.66 0.02
C CYS C 502 -4.16 -34.42 -0.01
N ASP C 503 -3.83 -35.10 1.08
CA ASP C 503 -2.64 -35.94 1.06
C ASP C 503 -2.84 -37.19 0.22
N GLU C 504 -3.97 -37.86 0.38
CA GLU C 504 -4.21 -39.08 -0.40
C GLU C 504 -4.41 -38.77 -1.87
N ASP C 505 -5.03 -37.65 -2.21
CA ASP C 505 -5.13 -37.27 -3.61
C ASP C 505 -3.75 -36.98 -4.20
N LYS C 506 -2.88 -36.34 -3.42
CA LYS C 506 -1.51 -36.12 -3.89
C LYS C 506 -0.80 -37.44 -4.13
N TYR C 507 -0.95 -38.40 -3.22
CA TYR C 507 -0.28 -39.68 -3.38
C TYR C 507 -0.81 -40.43 -4.59
N LEU C 508 -2.13 -40.38 -4.81
CA LEU C 508 -2.70 -41.01 -6.00
C LEU C 508 -2.20 -40.34 -7.27
N PHE C 509 -2.08 -39.01 -7.25
CA PHE C 509 -1.55 -38.29 -8.39
C PHE C 509 -0.13 -38.75 -8.70
N LEU C 510 0.71 -38.86 -7.67
CA LEU C 510 2.09 -39.29 -7.88
C LEU C 510 2.14 -40.73 -8.40
N TYR C 511 1.31 -41.60 -7.86
CA TYR C 511 1.27 -42.98 -8.34
C TYR C 511 0.87 -43.04 -9.81
N ILE C 512 -0.16 -42.29 -10.20
CA ILE C 512 -0.64 -42.31 -11.57
C ILE C 512 0.42 -41.75 -12.51
N ALA C 513 1.05 -40.64 -12.12
CA ALA C 513 2.08 -40.04 -12.97
C ALA C 513 3.28 -40.97 -13.13
N CYS C 514 3.72 -41.60 -12.03
CA CYS C 514 4.93 -42.41 -12.11
C CYS C 514 4.65 -43.79 -12.68
N LEU C 515 3.59 -44.46 -12.23
CA LEU C 515 3.38 -45.87 -12.55
C LEU C 515 2.15 -46.14 -13.41
N PHE C 516 0.96 -45.79 -12.94
CA PHE C 516 -0.29 -46.25 -13.55
C PHE C 516 -0.90 -45.18 -14.44
N ASN C 517 -0.22 -44.80 -15.52
CA ASN C 517 -0.73 -43.70 -16.33
C ASN C 517 -1.91 -44.14 -17.18
N LYS C 518 -1.70 -45.09 -18.10
CA LYS C 518 -2.72 -45.48 -19.06
C LYS C 518 -3.46 -46.74 -18.65
N GLU C 519 -3.23 -47.23 -17.43
CA GLU C 519 -3.76 -48.50 -17.00
C GLU C 519 -5.25 -48.42 -16.70
N SER C 520 -5.85 -49.58 -16.49
CA SER C 520 -7.28 -49.65 -16.23
C SER C 520 -7.61 -48.99 -14.90
N THR C 521 -8.82 -48.43 -14.81
CA THR C 521 -9.31 -47.98 -13.51
C THR C 521 -9.47 -49.17 -12.56
N THR C 522 -9.99 -50.28 -13.08
CA THR C 522 -10.23 -51.45 -12.24
C THR C 522 -8.93 -52.00 -11.68
N LYS C 523 -7.89 -52.09 -12.51
CA LYS C 523 -6.61 -52.60 -12.03
C LYS C 523 -6.00 -51.66 -11.00
N VAL C 524 -6.09 -50.35 -11.23
CA VAL C 524 -5.54 -49.39 -10.27
C VAL C 524 -6.27 -49.50 -8.94
N GLU C 525 -7.60 -49.67 -8.98
CA GLU C 525 -8.33 -49.88 -7.74
C GLU C 525 -7.92 -51.18 -7.06
N GLY C 526 -7.67 -52.24 -7.83
CA GLY C 526 -7.26 -53.50 -7.24
C GLY C 526 -5.90 -53.42 -6.58
N LEU C 527 -4.96 -52.71 -7.19
CA LEU C 527 -3.60 -52.65 -6.67
C LEU C 527 -3.49 -51.67 -5.50
N LEU C 528 -3.96 -50.44 -5.70
CA LEU C 528 -3.84 -49.42 -4.68
C LEU C 528 -5.00 -49.40 -3.70
N GLY C 529 -5.82 -50.45 -3.67
CA GLY C 529 -7.01 -50.43 -2.83
C GLY C 529 -6.69 -50.39 -1.36
N LYS C 530 -5.70 -51.17 -0.93
CA LYS C 530 -5.40 -51.28 0.49
C LYS C 530 -4.75 -50.02 1.04
N PHE C 531 -3.97 -49.31 0.22
CA PHE C 531 -3.29 -48.11 0.71
C PHE C 531 -4.23 -46.93 0.87
N LEU C 532 -5.15 -46.72 -0.07
CA LEU C 532 -6.00 -45.54 -0.05
C LEU C 532 -7.28 -45.84 -0.82
N ASP C 533 -8.24 -44.92 -0.71
CA ASP C 533 -9.55 -45.07 -1.35
C ASP C 533 -9.42 -44.59 -2.80
N VAL C 534 -9.21 -45.56 -3.69
CA VAL C 534 -8.83 -45.24 -5.06
C VAL C 534 -10.00 -44.63 -5.83
N ARG C 535 -11.19 -45.21 -5.66
CA ARG C 535 -12.31 -44.79 -6.51
C ARG C 535 -12.70 -43.34 -6.26
N GLN C 536 -12.82 -42.94 -5.00
CA GLN C 536 -13.15 -41.55 -4.71
C GLN C 536 -12.02 -40.63 -5.08
N GLY C 537 -10.77 -41.08 -4.95
CA GLY C 537 -9.64 -40.28 -5.35
C GLY C 537 -9.63 -39.99 -6.82
N LEU C 538 -9.91 -41.02 -7.63
CA LEU C 538 -10.03 -40.83 -9.08
C LEU C 538 -11.19 -39.90 -9.40
N HIS C 539 -12.30 -40.06 -8.71
CA HIS C 539 -13.43 -39.17 -8.93
C HIS C 539 -13.05 -37.72 -8.67
N ILE C 540 -12.33 -37.47 -7.58
CA ILE C 540 -11.95 -36.10 -7.23
C ILE C 540 -10.91 -35.56 -8.22
N LEU C 541 -9.97 -36.39 -8.64
CA LEU C 541 -8.97 -35.93 -9.61
C LEU C 541 -9.62 -35.58 -10.94
N ALA C 542 -10.62 -36.36 -11.36
CA ALA C 542 -11.35 -36.00 -12.58
C ALA C 542 -12.16 -34.72 -12.37
N GLN C 543 -12.76 -34.56 -11.18
CA GLN C 543 -13.44 -33.30 -10.86
C GLN C 543 -12.49 -32.11 -11.00
N LYS C 544 -11.23 -32.28 -10.58
CA LYS C 544 -10.25 -31.21 -10.60
C LYS C 544 -9.56 -31.06 -11.94
N SER C 545 -9.92 -31.88 -12.92
CA SER C 545 -9.35 -31.83 -14.27
C SER C 545 -7.85 -32.07 -14.27
N LEU C 546 -7.38 -32.90 -13.33
CA LEU C 546 -6.00 -33.34 -13.35
C LEU C 546 -5.80 -34.65 -14.09
N ILE C 547 -6.84 -35.49 -14.16
CA ILE C 547 -6.80 -36.68 -14.99
C ILE C 547 -8.06 -36.73 -15.84
N SER C 548 -8.20 -37.78 -16.63
CA SER C 548 -9.36 -37.96 -17.49
C SER C 548 -9.54 -39.45 -17.72
N ILE C 549 -10.78 -39.91 -17.66
CA ILE C 549 -11.08 -41.33 -17.83
C ILE C 549 -11.95 -41.47 -19.07
N GLU C 550 -11.46 -42.22 -20.05
CA GLU C 550 -12.09 -42.28 -21.36
C GLU C 550 -12.83 -43.60 -21.60
N ASP C 551 -12.14 -44.73 -21.51
CA ASP C 551 -12.74 -46.02 -21.84
C ASP C 551 -12.49 -47.02 -20.72
N GLY C 552 -12.57 -46.55 -19.48
CA GLY C 552 -12.18 -47.37 -18.37
C GLY C 552 -10.71 -47.29 -18.03
N ASN C 553 -9.94 -46.49 -18.76
CA ASN C 553 -8.54 -46.22 -18.45
C ASN C 553 -8.37 -44.74 -18.13
N ILE C 554 -7.43 -44.46 -17.25
CA ILE C 554 -7.14 -43.10 -16.82
C ILE C 554 -6.04 -42.51 -17.68
N TYR C 555 -5.98 -41.19 -17.70
CA TYR C 555 -5.04 -40.47 -18.56
C TYR C 555 -4.54 -39.23 -17.83
N MET C 556 -3.33 -38.81 -18.16
CA MET C 556 -2.78 -37.55 -17.71
C MET C 556 -2.19 -36.81 -18.90
N HIS C 557 -2.28 -35.49 -18.88
CA HIS C 557 -1.56 -34.71 -19.87
C HIS C 557 -0.07 -34.91 -19.70
N THR C 558 0.68 -34.76 -20.79
CA THR C 558 2.11 -35.01 -20.75
C THR C 558 2.79 -34.08 -19.76
N LEU C 559 2.38 -32.82 -19.73
CA LEU C 559 2.98 -31.86 -18.81
C LEU C 559 2.71 -32.21 -17.37
N LEU C 560 1.48 -32.64 -17.07
CA LEU C 560 1.15 -33.06 -15.71
C LEU C 560 1.96 -34.28 -15.29
N GLU C 561 2.13 -35.25 -16.18
CA GLU C 561 2.94 -36.42 -15.87
C GLU C 561 4.39 -36.04 -15.64
N GLN C 562 4.91 -35.11 -16.45
CA GLN C 562 6.27 -34.64 -16.26
C GLN C 562 6.44 -33.98 -14.90
N PHE C 563 5.49 -33.14 -14.51
CA PHE C 563 5.53 -32.51 -13.19
C PHE C 563 5.50 -33.56 -12.08
N GLY C 564 4.64 -34.56 -12.22
CA GLY C 564 4.54 -35.59 -11.20
C GLY C 564 5.83 -36.39 -11.07
N ARG C 565 6.43 -36.74 -12.20
CA ARG C 565 7.69 -37.50 -12.15
C ARG C 565 8.82 -36.66 -11.57
N GLU C 566 8.80 -35.35 -11.79
CA GLU C 566 9.80 -34.51 -11.13
C GLU C 566 9.59 -34.44 -9.63
N THR C 567 8.35 -34.17 -9.18
CA THR C 567 8.11 -34.03 -7.75
C THR C 567 8.19 -35.37 -7.03
N SER C 568 8.26 -36.47 -7.78
CA SER C 568 8.46 -37.77 -7.14
C SER C 568 9.79 -37.85 -6.41
N ARG C 569 10.75 -37.00 -6.77
CA ARG C 569 12.12 -37.10 -6.19
C ARG C 569 12.22 -36.35 -4.86
N LYS C 570 11.20 -35.59 -4.46
CA LYS C 570 11.32 -34.80 -3.25
C LYS C 570 10.17 -35.07 -2.29
N GLN C 571 9.07 -35.63 -2.81
CA GLN C 571 7.89 -35.87 -2.00
C GLN C 571 7.95 -37.27 -1.41
N PHE C 572 7.54 -37.38 -0.15
CA PHE C 572 7.44 -38.66 0.53
C PHE C 572 5.99 -39.09 0.62
N ILE C 573 5.75 -40.38 0.44
CA ILE C 573 4.40 -40.94 0.43
C ILE C 573 4.20 -41.61 1.78
N HIS C 574 3.40 -41.00 2.63
CA HIS C 574 3.07 -41.57 3.94
C HIS C 574 1.80 -42.40 3.81
N HIS C 575 1.91 -43.71 3.97
CA HIS C 575 0.73 -44.57 3.89
C HIS C 575 0.11 -44.73 5.28
N GLY C 576 0.87 -45.28 6.22
CA GLY C 576 0.42 -45.36 7.59
C GLY C 576 1.35 -44.57 8.49
N TYR C 577 2.08 -45.26 9.35
CA TYR C 577 3.17 -44.65 10.07
C TYR C 577 4.48 -44.71 9.28
N THR C 578 4.47 -45.40 8.15
CA THR C 578 5.68 -45.62 7.36
C THR C 578 5.88 -44.47 6.38
N LYS C 579 6.82 -44.65 5.46
CA LYS C 579 7.16 -43.63 4.48
C LYS C 579 7.77 -44.33 3.27
N HIS C 580 7.46 -43.81 2.08
CA HIS C 580 7.88 -44.47 0.85
C HIS C 580 8.18 -43.42 -0.21
N GLN C 581 8.80 -43.88 -1.30
CA GLN C 581 9.14 -43.03 -2.43
C GLN C 581 9.05 -43.86 -3.71
N LEU C 582 9.01 -43.17 -4.84
CA LEU C 582 8.89 -43.80 -6.15
C LEU C 582 10.12 -43.51 -6.99
N LEU C 583 10.63 -44.53 -7.67
CA LEU C 583 11.78 -44.40 -8.55
C LEU C 583 11.30 -44.51 -9.99
N VAL C 584 11.35 -43.39 -10.71
CA VAL C 584 10.97 -43.35 -12.11
C VAL C 584 12.07 -42.66 -12.90
N GLY C 585 12.49 -43.29 -13.99
CA GLY C 585 13.58 -42.76 -14.80
C GLY C 585 13.87 -43.72 -15.94
N GLU C 586 14.74 -43.27 -16.85
CA GLU C 586 15.14 -44.12 -17.96
C GLU C 586 16.28 -45.05 -17.54
N ARG C 587 17.45 -44.48 -17.30
CA ARG C 587 18.59 -45.24 -16.77
C ARG C 587 19.24 -44.42 -15.67
N ASP C 588 18.86 -43.14 -15.59
CA ASP C 588 19.52 -42.21 -14.68
C ASP C 588 19.29 -42.58 -13.22
N ILE C 589 18.03 -42.80 -12.82
CA ILE C 589 17.81 -43.17 -11.43
C ILE C 589 17.91 -44.68 -11.33
N CYS C 590 19.16 -45.16 -11.30
CA CYS C 590 19.49 -46.53 -10.92
C CYS C 590 20.75 -46.42 -10.09
N GLU C 591 21.40 -45.26 -10.18
CA GLU C 591 22.56 -44.93 -9.38
C GLU C 591 22.18 -44.48 -7.98
N VAL C 592 20.91 -44.13 -7.75
CA VAL C 592 20.44 -43.85 -6.40
C VAL C 592 20.49 -45.09 -5.52
N LEU C 593 20.32 -46.27 -6.10
CA LEU C 593 20.49 -47.50 -5.34
C LEU C 593 21.93 -47.64 -4.85
N ASN C 594 22.90 -47.27 -5.68
CA ASN C 594 24.31 -47.30 -5.31
C ASN C 594 24.71 -46.19 -4.36
N ASP C 595 23.80 -45.37 -3.84
CA ASP C 595 24.16 -44.38 -2.83
C ASP C 595 24.69 -45.06 -1.58
N ASP C 596 24.04 -46.14 -1.14
CA ASP C 596 24.41 -46.86 0.08
C ASP C 596 24.40 -45.96 1.30
N THR C 597 23.53 -44.95 1.30
CA THR C 597 23.50 -43.97 2.38
C THR C 597 22.08 -43.73 2.88
N ILE C 598 21.08 -43.94 2.02
CA ILE C 598 19.69 -43.66 2.32
C ILE C 598 18.91 -44.96 2.38
N ASP C 599 17.92 -44.99 3.28
CA ASP C 599 17.09 -46.20 3.48
C ASP C 599 16.32 -46.53 2.20
N SER C 600 16.20 -47.80 1.88
CA SER C 600 15.48 -48.24 0.69
C SER C 600 14.17 -48.94 1.07
N HIS D 85 -39.00 2.31 -5.63
CA HIS D 85 -38.02 3.06 -6.41
C HIS D 85 -36.69 3.13 -5.70
N GLN D 86 -35.70 3.68 -6.41
CA GLN D 86 -34.44 4.08 -5.78
C GLN D 86 -34.51 5.52 -5.32
N VAL D 87 -34.81 6.44 -6.24
CA VAL D 87 -34.79 7.87 -6.00
C VAL D 87 -35.99 8.49 -6.69
N PHE D 88 -36.64 9.44 -6.03
CA PHE D 88 -37.68 10.23 -6.68
C PHE D 88 -37.18 11.64 -6.92
N PRO D 89 -36.90 12.04 -8.16
CA PRO D 89 -36.40 13.38 -8.41
C PRO D 89 -37.51 14.41 -8.60
N SER D 90 -37.50 15.46 -7.79
CA SER D 90 -38.40 16.58 -7.94
C SER D 90 -37.64 17.76 -8.49
N PHE D 91 -38.15 18.36 -9.55
CA PHE D 91 -37.43 19.41 -10.27
C PHE D 91 -38.45 20.25 -11.03
N HIS D 92 -37.96 21.25 -11.76
CA HIS D 92 -38.77 22.07 -12.64
C HIS D 92 -38.33 21.83 -14.06
N GLY D 93 -39.27 21.45 -14.93
CA GLY D 93 -38.90 21.03 -16.27
C GLY D 93 -38.25 22.13 -17.09
N ALA D 94 -38.83 23.33 -17.04
CA ALA D 94 -38.37 24.40 -17.93
C ALA D 94 -36.98 24.90 -17.56
N ASP D 95 -36.53 24.64 -16.33
CA ASP D 95 -35.24 25.16 -15.89
C ASP D 95 -34.10 24.17 -16.09
N VAL D 96 -34.28 22.90 -15.75
CA VAL D 96 -33.15 22.03 -15.55
C VAL D 96 -33.18 20.76 -16.40
N ARG D 97 -34.29 20.53 -17.11
CA ARG D 97 -34.39 19.27 -17.86
C ARG D 97 -33.34 19.17 -18.94
N LYS D 98 -33.11 20.25 -19.67
CA LYS D 98 -32.15 20.20 -20.77
C LYS D 98 -30.72 20.12 -20.26
N THR D 99 -30.37 20.94 -19.27
CA THR D 99 -28.96 21.17 -18.98
C THR D 99 -28.40 20.29 -17.87
N ILE D 100 -28.90 20.43 -16.64
CA ILE D 100 -28.20 19.80 -15.52
C ILE D 100 -28.84 18.47 -15.14
N LEU D 101 -30.16 18.37 -15.23
CA LEU D 101 -30.82 17.12 -14.86
C LEU D 101 -30.36 15.98 -15.74
N SER D 102 -30.07 16.26 -17.01
CA SER D 102 -29.57 15.23 -17.91
C SER D 102 -28.24 14.66 -17.41
N HIS D 103 -27.33 15.54 -17.00
CA HIS D 103 -26.06 15.10 -16.46
C HIS D 103 -26.24 14.33 -15.15
N ILE D 104 -27.15 14.80 -14.29
CA ILE D 104 -27.39 14.12 -13.03
C ILE D 104 -27.92 12.71 -13.27
N LEU D 105 -28.90 12.58 -14.18
CA LEU D 105 -29.46 11.28 -14.49
C LEU D 105 -28.43 10.37 -15.14
N GLU D 106 -27.55 10.92 -15.97
CA GLU D 106 -26.49 10.11 -16.56
C GLU D 106 -25.54 9.58 -15.49
N SER D 107 -25.18 10.43 -14.53
CA SER D 107 -24.32 9.97 -13.45
C SER D 107 -25.01 8.89 -12.62
N PHE D 108 -26.29 9.08 -12.33
CA PHE D 108 -27.06 8.06 -11.60
C PHE D 108 -27.09 6.76 -12.39
N ARG D 109 -27.30 6.84 -13.70
CA ARG D 109 -27.37 5.64 -14.53
C ARG D 109 -26.06 4.90 -14.53
N ARG D 110 -24.93 5.60 -14.64
CA ARG D 110 -23.66 4.92 -14.59
C ARG D 110 -23.30 4.44 -13.19
N LYS D 111 -23.96 4.96 -12.16
CA LYS D 111 -23.78 4.44 -10.80
C LYS D 111 -24.84 3.42 -10.42
N GLY D 112 -25.70 3.03 -11.34
CA GLY D 112 -26.69 2.00 -11.05
C GLY D 112 -27.86 2.48 -10.23
N ILE D 113 -28.23 3.75 -10.33
CA ILE D 113 -29.37 4.30 -9.61
C ILE D 113 -30.46 4.58 -10.61
N ASP D 114 -31.66 4.05 -10.35
CA ASP D 114 -32.77 4.20 -11.28
C ASP D 114 -33.84 5.09 -10.69
N PRO D 115 -33.95 6.34 -11.11
CA PRO D 115 -34.95 7.25 -10.54
C PRO D 115 -36.30 7.13 -11.22
N PHE D 116 -37.33 7.59 -10.49
CA PHE D 116 -38.66 7.63 -11.05
C PHE D 116 -38.69 8.60 -12.22
N ILE D 117 -39.35 8.20 -13.30
CA ILE D 117 -39.44 8.99 -14.52
C ILE D 117 -40.90 9.29 -14.78
N ASP D 118 -41.34 10.50 -14.48
CA ASP D 118 -42.68 10.91 -14.83
C ASP D 118 -42.81 11.09 -16.34
N ASN D 119 -43.92 10.63 -16.89
CA ASN D 119 -44.17 10.69 -18.31
C ASN D 119 -44.94 11.95 -18.72
N ASN D 120 -44.85 13.02 -17.93
CA ASN D 120 -45.70 14.20 -18.11
C ASN D 120 -47.16 13.80 -18.11
N ILE D 121 -47.59 13.17 -17.02
CA ILE D 121 -48.99 12.73 -16.91
C ILE D 121 -49.93 13.92 -17.02
N GLU D 122 -49.65 14.98 -16.27
CA GLU D 122 -50.46 16.19 -16.31
C GLU D 122 -49.49 17.36 -16.11
N ARG D 123 -49.15 18.03 -17.22
CA ARG D 123 -48.10 19.05 -17.16
C ARG D 123 -48.51 20.22 -16.27
N SER D 124 -49.74 20.72 -16.43
CA SER D 124 -50.27 21.71 -15.49
C SER D 124 -51.68 21.31 -15.07
N LYS D 125 -51.75 20.38 -14.13
CA LYS D 125 -52.95 19.98 -13.41
C LYS D 125 -52.54 19.63 -11.99
N SER D 126 -53.41 18.93 -11.26
CA SER D 126 -53.06 18.47 -9.93
C SER D 126 -52.17 17.23 -10.01
N ILE D 127 -51.49 16.93 -8.90
CA ILE D 127 -50.58 15.79 -8.88
C ILE D 127 -51.37 14.48 -8.92
N GLY D 128 -52.38 14.35 -8.07
CA GLY D 128 -53.17 13.14 -7.99
C GLY D 128 -52.37 11.97 -7.44
N HIS D 129 -53.04 10.82 -7.37
CA HIS D 129 -52.37 9.60 -6.95
C HIS D 129 -51.49 9.08 -8.08
N GLU D 130 -50.69 8.06 -7.76
CA GLU D 130 -49.64 7.50 -8.64
C GLU D 130 -48.56 8.53 -8.91
N LEU D 131 -48.74 9.74 -8.36
CA LEU D 131 -47.67 10.69 -8.16
C LEU D 131 -47.45 11.02 -6.69
N LYS D 132 -48.49 10.89 -5.88
CA LYS D 132 -48.36 10.88 -4.43
C LYS D 132 -47.82 9.55 -3.92
N GLU D 133 -48.24 8.45 -4.55
CA GLU D 133 -47.78 7.14 -4.11
C GLU D 133 -46.33 6.88 -4.55
N ALA D 134 -45.95 7.46 -5.69
CA ALA D 134 -44.56 7.37 -6.12
C ALA D 134 -43.63 8.05 -5.12
N ILE D 135 -44.04 9.19 -4.59
CA ILE D 135 -43.28 9.86 -3.53
C ILE D 135 -43.26 8.98 -2.29
N LYS D 136 -44.40 8.37 -1.96
CA LYS D 136 -44.50 7.53 -0.79
C LYS D 136 -43.55 6.36 -0.84
N GLY D 137 -43.39 5.72 -1.99
CA GLY D 137 -42.60 4.51 -2.07
C GLY D 137 -41.21 4.72 -2.63
N SER D 138 -40.60 5.87 -2.34
CA SER D 138 -39.26 6.18 -2.80
C SER D 138 -38.33 6.21 -1.60
N LYS D 139 -37.22 5.47 -1.68
CA LYS D 139 -36.29 5.39 -0.57
C LYS D 139 -35.61 6.73 -0.32
N ILE D 140 -35.26 7.43 -1.40
CA ILE D 140 -34.61 8.74 -1.34
C ILE D 140 -35.44 9.72 -2.16
N ALA D 141 -35.51 10.96 -1.69
CA ALA D 141 -36.15 12.03 -2.44
C ALA D 141 -35.11 13.10 -2.73
N ILE D 142 -35.13 13.64 -3.93
CA ILE D 142 -34.15 14.65 -4.35
C ILE D 142 -34.93 15.86 -4.85
N VAL D 143 -34.76 16.99 -4.17
CA VAL D 143 -35.36 18.24 -4.58
C VAL D 143 -34.28 19.09 -5.24
N LEU D 144 -34.56 19.53 -6.47
CA LEU D 144 -33.60 20.32 -7.24
C LEU D 144 -34.21 21.70 -7.42
N LEU D 145 -33.79 22.65 -6.60
CA LEU D 145 -34.44 23.95 -6.51
C LEU D 145 -33.77 24.95 -7.44
N SER D 146 -34.59 25.64 -8.23
CA SER D 146 -34.09 26.64 -9.18
C SER D 146 -34.99 27.87 -9.08
N LYS D 147 -34.69 28.87 -9.91
CA LYS D 147 -35.35 30.17 -9.79
C LYS D 147 -36.85 30.09 -10.00
N ASN D 148 -37.33 29.14 -10.80
CA ASN D 148 -38.75 29.05 -11.11
C ASN D 148 -39.41 27.83 -10.48
N TYR D 149 -38.77 27.21 -9.49
CA TYR D 149 -39.41 26.08 -8.83
C TYR D 149 -40.72 26.47 -8.17
N ALA D 150 -40.87 27.73 -7.78
CA ALA D 150 -42.07 28.22 -7.12
C ALA D 150 -43.11 28.75 -8.09
N SER D 151 -42.80 28.84 -9.39
CA SER D 151 -43.75 29.30 -10.38
C SER D 151 -44.55 28.17 -10.99
N SER D 152 -44.71 27.06 -10.26
CA SER D 152 -45.47 25.91 -10.73
C SER D 152 -46.04 25.22 -9.50
N SER D 153 -47.37 25.26 -9.37
CA SER D 153 -48.05 24.63 -8.25
C SER D 153 -47.82 23.12 -8.27
N TRP D 154 -47.47 22.57 -9.43
CA TRP D 154 -47.11 21.16 -9.51
C TRP D 154 -45.91 20.85 -8.63
N CYS D 155 -44.83 21.62 -8.80
CA CYS D 155 -43.61 21.39 -8.04
C CYS D 155 -43.81 21.71 -6.56
N LEU D 156 -44.62 22.73 -6.26
CA LEU D 156 -44.89 23.06 -4.87
C LEU D 156 -45.68 21.95 -4.18
N ASP D 157 -46.66 21.38 -4.87
CA ASP D 157 -47.38 20.24 -4.31
C ASP D 157 -46.47 19.05 -4.11
N GLU D 158 -45.60 18.78 -5.08
CA GLU D 158 -44.64 17.69 -4.92
C GLU D 158 -43.74 17.92 -3.72
N LEU D 159 -43.30 19.17 -3.51
CA LEU D 159 -42.44 19.47 -2.37
C LEU D 159 -43.16 19.30 -1.05
N ALA D 160 -44.41 19.76 -0.97
CA ALA D 160 -45.18 19.58 0.26
C ALA D 160 -45.36 18.11 0.57
N GLU D 161 -45.69 17.31 -0.44
CA GLU D 161 -45.83 15.86 -0.22
C GLU D 161 -44.50 15.24 0.19
N ILE D 162 -43.40 15.70 -0.41
CA ILE D 162 -42.08 15.16 -0.07
C ILE D 162 -41.76 15.44 1.38
N MET D 163 -42.02 16.66 1.86
CA MET D 163 -41.68 16.96 3.24
C MET D 163 -42.63 16.27 4.21
N LYS D 164 -43.90 16.10 3.84
CA LYS D 164 -44.80 15.31 4.68
C LYS D 164 -44.29 13.88 4.82
N CYS D 165 -43.88 13.28 3.70
CA CYS D 165 -43.31 11.93 3.76
C CYS D 165 -41.98 11.91 4.50
N ARG D 166 -41.27 13.03 4.53
CA ARG D 166 -40.04 13.11 5.33
C ARG D 166 -40.34 13.11 6.82
N GLU D 167 -41.43 13.74 7.23
CA GLU D 167 -41.78 13.82 8.65
C GLU D 167 -42.39 12.52 9.15
N LEU D 168 -43.43 12.02 8.49
CA LEU D 168 -44.12 10.82 8.95
C LEU D 168 -43.33 9.56 8.59
N LEU D 169 -43.16 9.30 7.30
CA LEU D 169 -42.57 8.03 6.87
C LEU D 169 -41.08 7.98 7.21
N GLY D 170 -40.42 9.13 7.28
CA GLY D 170 -39.01 9.16 7.58
C GLY D 170 -38.16 9.06 6.33
N GLN D 171 -38.63 9.69 5.26
CA GLN D 171 -37.93 9.64 3.99
C GLN D 171 -36.66 10.49 4.05
N ILE D 172 -35.73 10.20 3.17
CA ILE D 172 -34.47 10.93 3.09
C ILE D 172 -34.57 11.93 1.95
N VAL D 173 -34.51 13.23 2.29
CA VAL D 173 -34.71 14.33 1.30
C VAL D 173 -33.40 15.10 1.13
N MET D 174 -32.87 15.16 -0.10
CA MET D 174 -31.58 15.82 -0.37
C MET D 174 -31.88 17.03 -1.23
N THR D 175 -31.31 18.19 -0.90
CA THR D 175 -31.68 19.42 -1.62
C THR D 175 -30.55 19.84 -2.54
N ILE D 176 -30.88 20.34 -3.74
CA ILE D 176 -29.86 20.89 -4.61
C ILE D 176 -30.30 22.29 -4.98
N PHE D 177 -29.52 23.29 -4.61
CA PHE D 177 -29.86 24.69 -4.86
C PHE D 177 -29.12 25.12 -6.13
N TYR D 178 -29.84 25.10 -7.25
CA TYR D 178 -29.24 25.39 -8.55
C TYR D 178 -29.43 26.88 -8.83
N GLU D 179 -28.37 27.65 -8.61
CA GLU D 179 -28.37 29.09 -8.88
C GLU D 179 -29.45 29.80 -8.05
N VAL D 180 -29.66 29.30 -6.83
CA VAL D 180 -30.58 29.92 -5.88
C VAL D 180 -29.94 29.88 -4.51
N ASP D 181 -30.03 30.99 -3.79
CA ASP D 181 -29.54 31.05 -2.42
C ASP D 181 -30.54 30.41 -1.48
N PRO D 182 -30.11 29.56 -0.56
CA PRO D 182 -31.03 28.97 0.42
C PRO D 182 -31.80 30.02 1.22
N THR D 183 -31.17 31.16 1.48
CA THR D 183 -31.80 32.24 2.21
C THR D 183 -32.99 32.78 1.45
N ASP D 184 -32.87 32.88 0.12
CA ASP D 184 -33.98 33.32 -0.71
C ASP D 184 -35.14 32.35 -0.69
N ILE D 185 -34.89 31.06 -0.45
CA ILE D 185 -35.96 30.08 -0.31
C ILE D 185 -36.59 30.11 1.07
N LYS D 186 -35.79 30.19 2.14
CA LYS D 186 -36.31 30.18 3.49
C LYS D 186 -37.28 31.34 3.72
N LYS D 187 -36.89 32.54 3.29
CA LYS D 187 -37.70 33.74 3.48
C LYS D 187 -38.56 34.07 2.27
N GLN D 188 -38.41 33.32 1.18
CA GLN D 188 -39.17 33.54 -0.06
C GLN D 188 -39.10 35.01 -0.48
N THR D 189 -37.88 35.45 -0.73
CA THR D 189 -37.60 36.79 -1.22
C THR D 189 -36.78 36.68 -2.50
N GLY D 190 -36.52 37.84 -3.13
CA GLY D 190 -35.80 37.81 -4.38
C GLY D 190 -36.70 37.37 -5.52
N GLU D 191 -36.06 36.83 -6.56
CA GLU D 191 -36.80 36.35 -7.72
C GLU D 191 -37.61 35.11 -7.38
N PHE D 192 -37.06 34.23 -6.53
CA PHE D 192 -37.84 33.11 -6.03
C PHE D 192 -39.08 33.61 -5.29
N GLY D 193 -38.92 34.64 -4.46
CA GLY D 193 -40.06 35.20 -3.76
C GLY D 193 -41.08 35.82 -4.69
N LYS D 194 -40.61 36.49 -5.74
CA LYS D 194 -41.53 37.05 -6.73
C LYS D 194 -42.33 35.96 -7.42
N ALA D 195 -41.67 34.89 -7.84
CA ALA D 195 -42.37 33.78 -8.47
C ALA D 195 -43.37 33.15 -7.52
N PHE D 196 -42.97 32.94 -6.26
CA PHE D 196 -43.86 32.32 -5.29
C PHE D 196 -45.07 33.19 -5.01
N THR D 197 -44.88 34.51 -4.93
CA THR D 197 -45.99 35.43 -4.74
C THR D 197 -46.93 35.39 -5.94
N LYS D 198 -46.37 35.34 -7.15
CA LYS D 198 -47.20 35.27 -8.35
C LYS D 198 -48.02 33.98 -8.39
N THR D 199 -47.41 32.86 -7.97
CA THR D 199 -48.12 31.59 -7.95
C THR D 199 -49.27 31.61 -6.94
N CYS D 200 -49.01 32.16 -5.75
CA CYS D 200 -49.93 32.03 -4.63
C CYS D 200 -51.13 32.97 -4.71
N LYS D 201 -51.37 33.59 -5.86
CA LYS D 201 -52.55 34.42 -6.02
C LYS D 201 -53.74 33.55 -6.42
N GLY D 202 -54.88 33.81 -5.79
CA GLY D 202 -56.07 33.01 -5.99
C GLY D 202 -56.11 31.74 -5.17
N LYS D 203 -54.97 31.26 -4.69
CA LYS D 203 -54.94 30.07 -3.86
C LYS D 203 -55.45 30.39 -2.46
N THR D 204 -56.05 29.39 -1.83
CA THR D 204 -56.58 29.54 -0.48
C THR D 204 -55.45 29.63 0.54
N LYS D 205 -55.79 30.04 1.75
CA LYS D 205 -54.81 30.26 2.80
C LYS D 205 -54.09 28.99 3.23
N GLU D 206 -54.83 27.88 3.38
CA GLU D 206 -54.24 26.64 3.84
C GLU D 206 -53.23 26.08 2.85
N TYR D 207 -53.53 26.17 1.56
CA TYR D 207 -52.59 25.72 0.53
C TYR D 207 -51.30 26.51 0.58
N VAL D 208 -51.42 27.83 0.69
CA VAL D 208 -50.27 28.71 0.73
C VAL D 208 -49.44 28.41 1.98
N GLU D 209 -50.13 28.18 3.10
CA GLU D 209 -49.44 27.88 4.35
C GLU D 209 -48.67 26.56 4.25
N ARG D 210 -49.30 25.53 3.68
CA ARG D 210 -48.59 24.28 3.47
C ARG D 210 -47.39 24.46 2.56
N TRP D 211 -47.55 25.25 1.50
CA TRP D 211 -46.46 25.47 0.56
C TRP D 211 -45.28 26.17 1.23
N ARG D 212 -45.56 27.23 2.00
CA ARG D 212 -44.47 28.01 2.57
C ARG D 212 -43.85 27.31 3.76
N LYS D 213 -44.62 26.55 4.53
CA LYS D 213 -44.04 25.73 5.59
C LYS D 213 -43.07 24.71 5.00
N ALA D 214 -43.49 24.07 3.90
CA ALA D 214 -42.61 23.13 3.21
C ALA D 214 -41.36 23.84 2.71
N LEU D 215 -41.51 25.02 2.13
CA LEU D 215 -40.37 25.76 1.59
C LEU D 215 -39.36 26.09 2.68
N GLU D 216 -39.84 26.63 3.80
CA GLU D 216 -38.91 27.03 4.86
C GLU D 216 -38.30 25.83 5.55
N ASP D 217 -39.00 24.68 5.56
CA ASP D 217 -38.38 23.45 6.05
C ASP D 217 -37.31 22.95 5.10
N VAL D 218 -37.55 23.06 3.80
CA VAL D 218 -36.58 22.61 2.80
C VAL D 218 -35.30 23.43 2.86
N ALA D 219 -35.45 24.75 2.97
CA ALA D 219 -34.29 25.62 2.86
C ALA D 219 -33.26 25.38 3.97
N THR D 220 -33.65 24.70 5.05
CA THR D 220 -32.74 24.55 6.17
C THR D 220 -31.93 23.27 6.11
N ILE D 221 -32.44 22.22 5.46
CA ILE D 221 -31.77 20.93 5.49
C ILE D 221 -30.54 20.97 4.61
N ALA D 222 -29.50 20.28 5.06
CA ALA D 222 -28.16 20.42 4.49
C ALA D 222 -28.09 19.75 3.13
N GLY D 223 -27.88 20.54 2.08
CA GLY D 223 -27.80 20.01 0.74
C GLY D 223 -26.56 20.43 -0.01
N TYR D 224 -26.70 20.67 -1.31
CA TYR D 224 -25.59 21.05 -2.17
C TYR D 224 -25.91 22.38 -2.82
N HIS D 225 -24.96 23.31 -2.75
CA HIS D 225 -25.14 24.65 -3.29
C HIS D 225 -24.31 24.80 -4.55
N SER D 226 -24.95 25.23 -5.63
CA SER D 226 -24.26 25.34 -6.91
C SER D 226 -23.19 26.43 -6.88
N HIS D 227 -23.46 27.52 -6.19
CA HIS D 227 -22.53 28.65 -6.18
C HIS D 227 -21.23 28.28 -5.49
N LYS D 228 -21.30 27.43 -4.46
CA LYS D 228 -20.10 27.11 -3.69
C LYS D 228 -19.19 26.13 -4.44
N TRP D 229 -19.76 25.31 -5.32
CA TRP D 229 -19.00 24.22 -5.91
C TRP D 229 -18.16 24.71 -7.08
N ARG D 230 -16.94 24.16 -7.19
CA ARG D 230 -15.97 24.65 -8.16
C ARG D 230 -16.47 24.47 -9.59
N ASN D 231 -16.92 23.27 -9.93
CA ASN D 231 -17.53 23.03 -11.23
C ASN D 231 -18.62 21.99 -11.07
N GLU D 232 -19.56 21.98 -12.03
CA GLU D 232 -20.76 21.17 -11.88
C GLU D 232 -20.45 19.68 -11.93
N ALA D 233 -19.44 19.27 -12.71
CA ALA D 233 -19.14 17.85 -12.83
C ALA D 233 -18.74 17.26 -11.49
N ASP D 234 -17.90 17.98 -10.73
CA ASP D 234 -17.50 17.51 -9.41
C ASP D 234 -18.69 17.45 -8.46
N MET D 235 -19.56 18.46 -8.50
CA MET D 235 -20.74 18.45 -7.64
C MET D 235 -21.64 17.28 -7.95
N ILE D 236 -21.87 17.00 -9.23
CA ILE D 236 -22.74 15.91 -9.62
C ILE D 236 -22.13 14.57 -9.22
N GLU D 237 -20.82 14.41 -9.39
CA GLU D 237 -20.17 13.18 -8.94
C GLU D 237 -20.32 13.02 -7.43
N LYS D 238 -20.17 14.10 -6.67
CA LYS D 238 -20.35 14.01 -5.22
C LYS D 238 -21.78 13.64 -4.85
N ILE D 239 -22.76 14.23 -5.52
CA ILE D 239 -24.16 13.92 -5.22
C ILE D 239 -24.45 12.45 -5.51
N ALA D 240 -23.97 11.97 -6.66
CA ALA D 240 -24.19 10.57 -7.02
C ALA D 240 -23.52 9.64 -6.03
N THR D 241 -22.30 9.97 -5.61
CA THR D 241 -21.62 9.14 -4.61
C THR D 241 -22.39 9.11 -3.30
N ASP D 242 -22.91 10.26 -2.87
CA ASP D 242 -23.65 10.28 -1.61
C ASP D 242 -24.94 9.47 -1.68
N VAL D 243 -25.69 9.61 -2.79
CA VAL D 243 -26.91 8.83 -2.94
C VAL D 243 -26.59 7.34 -2.97
N SER D 244 -25.52 6.96 -3.69
CA SER D 244 -25.11 5.56 -3.72
C SER D 244 -24.74 5.08 -2.33
N ASN D 245 -24.06 5.92 -1.55
CA ASN D 245 -23.64 5.52 -0.21
C ASN D 245 -24.84 5.31 0.70
N MET D 246 -25.87 6.14 0.58
CA MET D 246 -27.05 5.90 1.41
C MET D 246 -27.81 4.67 0.95
N LEU D 247 -27.93 4.47 -0.36
CA LEU D 247 -28.63 3.28 -0.83
C LEU D 247 -27.89 2.01 -0.42
N ASN D 248 -26.57 2.08 -0.27
CA ASN D 248 -25.82 0.92 0.20
C ASN D 248 -26.19 0.57 1.63
N SER D 249 -26.34 1.58 2.50
CA SER D 249 -26.59 1.37 3.92
C SER D 249 -28.02 1.68 4.30
N PHE D 250 -28.97 1.53 3.38
CA PHE D 250 -30.36 1.84 3.71
C PHE D 250 -30.99 0.79 4.60
N LYS D 251 -30.76 -0.49 4.31
CA LYS D 251 -31.38 -1.57 5.05
C LYS D 251 -30.42 -2.14 6.09
N PRO D 252 -30.96 -2.70 7.17
CA PRO D 252 -30.09 -3.35 8.17
C PRO D 252 -29.60 -4.70 7.69
N SER D 253 -28.62 -5.22 8.40
CA SER D 253 -28.05 -6.52 8.08
C SER D 253 -29.07 -7.63 8.30
N ARG D 254 -29.05 -8.62 7.41
CA ARG D 254 -29.94 -9.76 7.49
C ARG D 254 -29.19 -11.06 7.21
N ASP D 255 -27.89 -10.94 6.93
CA ASP D 255 -27.07 -12.13 6.71
C ASP D 255 -26.83 -12.88 8.01
N PHE D 256 -27.11 -12.26 9.14
CA PHE D 256 -26.95 -12.89 10.44
C PHE D 256 -28.22 -13.61 10.89
N ASN D 257 -29.27 -13.61 10.08
CA ASN D 257 -30.44 -14.43 10.36
C ASN D 257 -30.19 -15.90 10.08
N GLY D 258 -29.11 -16.22 9.37
CA GLY D 258 -28.77 -17.60 9.06
C GLY D 258 -28.03 -18.29 10.19
N LEU D 259 -27.78 -17.56 11.26
CA LEU D 259 -27.12 -18.09 12.44
C LEU D 259 -28.14 -18.71 13.38
N VAL D 260 -27.70 -19.69 14.15
CA VAL D 260 -28.58 -20.50 14.98
C VAL D 260 -28.14 -20.38 16.42
N GLY D 261 -29.04 -19.95 17.30
CA GLY D 261 -28.80 -19.95 18.72
C GLY D 261 -28.15 -18.71 19.30
N MET D 262 -28.17 -17.59 18.59
CA MET D 262 -27.52 -16.38 19.08
C MET D 262 -28.21 -15.78 20.28
N ARG D 263 -29.44 -16.21 20.61
CA ARG D 263 -30.13 -15.65 21.76
C ARG D 263 -29.46 -16.08 23.07
N ALA D 264 -29.02 -17.33 23.16
CA ALA D 264 -28.31 -17.77 24.35
C ALA D 264 -27.04 -16.96 24.54
N HIS D 265 -26.31 -16.72 23.46
CA HIS D 265 -25.09 -15.93 23.55
C HIS D 265 -25.39 -14.50 23.99
N MET D 266 -26.37 -13.85 23.37
CA MET D 266 -26.66 -12.47 23.74
C MET D 266 -27.16 -12.37 25.17
N ASP D 267 -27.91 -13.37 25.63
CA ASP D 267 -28.41 -13.33 27.00
C ASP D 267 -27.29 -13.53 28.01
N MET D 268 -26.33 -14.40 27.69
CA MET D 268 -25.18 -14.55 28.58
C MET D 268 -24.29 -13.32 28.56
N LEU D 269 -24.20 -12.63 27.41
CA LEU D 269 -23.39 -11.42 27.34
C LEU D 269 -24.02 -10.26 28.12
N GLU D 270 -25.33 -10.02 27.95
CA GLU D 270 -25.88 -8.84 28.58
C GLU D 270 -25.85 -8.91 30.11
N GLN D 271 -25.71 -10.10 30.69
CA GLN D 271 -25.43 -10.23 32.10
C GLN D 271 -24.07 -9.66 32.48
N LEU D 272 -23.09 -9.76 31.59
CA LEU D 272 -21.75 -9.26 31.81
C LEU D 272 -21.59 -7.80 31.44
N LEU D 273 -22.18 -7.37 30.32
CA LEU D 273 -21.99 -6.01 29.85
C LEU D 273 -22.59 -5.00 30.83
N ARG D 274 -23.78 -5.29 31.35
CA ARG D 274 -24.47 -4.41 32.29
C ARG D 274 -24.43 -2.97 31.79
N LEU D 275 -25.09 -2.71 30.66
CA LEU D 275 -24.97 -1.46 29.93
C LEU D 275 -25.49 -0.24 30.66
N VAL D 276 -25.97 -0.33 31.90
CA VAL D 276 -26.51 0.83 32.60
C VAL D 276 -25.62 1.27 33.75
N LEU D 277 -24.43 0.70 33.89
CA LEU D 277 -23.56 0.98 35.03
C LEU D 277 -22.53 2.07 34.76
N ASP D 278 -22.52 2.65 33.56
CA ASP D 278 -21.65 3.78 33.17
C ASP D 278 -20.25 3.68 33.75
N GLU D 279 -19.70 2.47 33.83
CA GLU D 279 -18.31 2.24 34.12
C GLU D 279 -17.54 2.13 32.80
N VAL D 280 -16.30 1.63 32.83
CA VAL D 280 -15.55 1.38 31.61
C VAL D 280 -15.26 -0.11 31.56
N ARG D 281 -16.22 -0.91 32.04
CA ARG D 281 -16.13 -2.36 32.12
C ARG D 281 -15.56 -2.99 30.85
N MET D 282 -14.63 -3.92 31.03
CA MET D 282 -13.98 -4.64 29.94
C MET D 282 -14.30 -6.14 30.03
N ILE D 283 -14.78 -6.69 28.91
CA ILE D 283 -15.36 -8.03 28.87
C ILE D 283 -14.50 -8.91 27.98
N GLY D 284 -14.26 -10.15 28.43
CA GLY D 284 -13.45 -11.10 27.65
C GLY D 284 -14.29 -12.26 27.16
N ILE D 285 -14.15 -12.64 25.89
CA ILE D 285 -14.87 -13.82 25.35
C ILE D 285 -13.80 -14.86 24.99
N TRP D 286 -13.89 -16.07 25.55
CA TRP D 286 -12.82 -17.07 25.29
C TRP D 286 -13.44 -18.41 24.92
N GLY D 287 -12.74 -19.22 24.12
CA GLY D 287 -13.33 -20.49 23.68
C GLY D 287 -12.41 -21.30 22.76
N PRO D 288 -12.68 -22.58 22.36
CA PRO D 288 -11.82 -23.28 21.42
C PRO D 288 -11.85 -22.60 20.06
N PRO D 289 -10.84 -22.81 19.23
CA PRO D 289 -10.85 -22.20 17.90
C PRO D 289 -12.04 -22.68 17.08
N GLY D 290 -12.62 -21.76 16.33
CA GLY D 290 -13.78 -22.08 15.51
C GLY D 290 -15.03 -22.45 16.28
N ILE D 291 -15.28 -21.81 17.41
CA ILE D 291 -16.51 -22.04 18.16
C ILE D 291 -17.52 -20.92 17.95
N GLY D 292 -17.11 -19.74 17.51
CA GLY D 292 -18.07 -18.70 17.23
C GLY D 292 -17.76 -17.40 17.93
N LYS D 293 -16.53 -17.25 18.42
CA LYS D 293 -16.17 -16.02 19.11
C LYS D 293 -16.28 -14.81 18.20
N THR D 294 -15.75 -14.94 16.98
CA THR D 294 -15.81 -13.83 16.03
C THR D 294 -17.24 -13.51 15.62
N THR D 295 -18.04 -14.54 15.35
CA THR D 295 -19.43 -14.30 14.96
C THR D 295 -20.23 -13.71 16.11
N ILE D 296 -19.99 -14.19 17.33
CA ILE D 296 -20.67 -13.61 18.49
C ILE D 296 -20.29 -12.14 18.63
N ALA D 297 -19.01 -11.83 18.49
CA ALA D 297 -18.57 -10.44 18.61
C ALA D 297 -19.20 -9.56 17.53
N ARG D 298 -19.27 -10.05 16.30
CA ARG D 298 -19.89 -9.27 15.23
C ARG D 298 -21.38 -9.05 15.49
N PHE D 299 -22.08 -10.10 15.93
CA PHE D 299 -23.50 -9.96 16.23
C PHE D 299 -23.73 -8.97 17.36
N LEU D 300 -22.92 -9.05 18.41
CA LEU D 300 -23.04 -8.12 19.52
C LEU D 300 -22.76 -6.70 19.08
N PHE D 301 -21.74 -6.51 18.24
CA PHE D 301 -21.47 -5.19 17.70
C PHE D 301 -22.67 -4.65 16.94
N ASN D 302 -23.21 -5.44 16.02
CA ASN D 302 -24.33 -4.98 15.21
C ASN D 302 -25.54 -4.65 16.06
N GLN D 303 -25.73 -5.38 17.17
CA GLN D 303 -26.86 -5.05 18.04
C GLN D 303 -26.64 -3.80 18.87
N VAL D 304 -25.44 -3.61 19.40
CA VAL D 304 -25.26 -2.65 20.48
C VAL D 304 -24.66 -1.35 19.97
N SER D 305 -23.68 -1.42 19.07
CA SER D 305 -22.85 -0.28 18.67
C SER D 305 -23.64 1.01 18.47
N ASP D 306 -24.85 0.92 17.93
CA ASP D 306 -25.69 2.10 17.74
C ASP D 306 -26.06 2.78 19.06
N ARG D 307 -25.93 2.08 20.20
CA ARG D 307 -26.13 2.72 21.48
C ARG D 307 -24.96 3.59 21.89
N PHE D 308 -23.81 3.43 21.24
CA PHE D 308 -22.56 4.01 21.69
C PHE D 308 -22.12 5.13 20.77
N GLN D 309 -21.53 6.17 21.36
CA GLN D 309 -21.20 7.39 20.64
C GLN D 309 -20.18 7.14 19.54
N LEU D 310 -19.18 6.31 19.82
CA LEU D 310 -18.08 6.07 18.92
C LEU D 310 -17.62 4.63 19.07
N SER D 311 -17.73 3.84 18.01
CA SER D 311 -17.50 2.40 18.10
C SER D 311 -16.69 1.91 16.90
N ALA D 312 -15.92 0.85 17.12
CA ALA D 312 -15.13 0.22 16.06
C ALA D 312 -14.90 -1.23 16.41
N ILE D 313 -14.65 -2.05 15.38
CA ILE D 313 -14.39 -3.47 15.56
C ILE D 313 -13.07 -3.81 14.87
N MET D 314 -12.12 -4.34 15.64
CA MET D 314 -10.82 -4.73 15.15
C MET D 314 -10.84 -6.23 14.94
N VAL D 315 -10.63 -6.68 13.71
CA VAL D 315 -10.80 -8.08 13.34
C VAL D 315 -9.43 -8.69 13.09
N ASN D 316 -9.20 -9.85 13.70
CA ASN D 316 -8.00 -10.65 13.47
C ASN D 316 -6.73 -9.88 13.84
N ILE D 317 -6.70 -9.37 15.07
CA ILE D 317 -5.53 -8.63 15.53
C ILE D 317 -4.32 -9.54 15.56
N LYS D 318 -4.52 -10.82 15.87
CA LYS D 318 -3.43 -11.78 15.87
C LYS D 318 -2.79 -11.89 14.49
N GLY D 319 -3.61 -11.93 13.44
CA GLY D 319 -3.07 -12.11 12.10
C GLY D 319 -2.28 -10.91 11.61
N CYS D 320 -2.77 -9.70 11.93
CA CYS D 320 -2.13 -8.48 11.41
C CYS D 320 -0.96 -8.03 12.25
N TYR D 321 -0.60 -8.77 13.30
CA TYR D 321 0.52 -8.41 14.15
C TYR D 321 1.72 -9.27 13.77
N PRO D 322 2.84 -8.69 13.38
CA PRO D 322 3.99 -9.51 12.96
C PRO D 322 4.53 -10.33 14.12
N ARG D 323 4.84 -11.60 13.84
CA ARG D 323 5.41 -12.46 14.88
C ARG D 323 6.84 -12.04 15.20
N PRO D 324 7.76 -11.94 14.23
CA PRO D 324 9.08 -11.41 14.55
C PRO D 324 9.07 -9.89 14.63
N CYS D 325 8.38 -9.36 15.63
CA CYS D 325 8.30 -7.90 15.83
C CYS D 325 9.58 -7.46 16.53
N PHE D 326 10.62 -7.22 15.74
CA PHE D 326 11.92 -6.85 16.32
C PHE D 326 11.84 -5.53 17.06
N ASP D 327 11.06 -4.59 16.57
CA ASP D 327 10.79 -3.34 17.27
C ASP D 327 9.31 -3.33 17.62
N GLU D 328 8.99 -3.84 18.81
CA GLU D 328 7.59 -3.98 19.21
C GLU D 328 6.90 -2.62 19.35
N TYR D 329 7.62 -1.57 19.73
CA TYR D 329 6.99 -0.28 19.94
C TYR D 329 6.40 0.26 18.63
N SER D 330 7.08 0.05 17.51
CA SER D 330 6.55 0.49 16.23
C SER D 330 5.25 -0.23 15.89
N ALA D 331 5.23 -1.55 16.08
CA ALA D 331 4.01 -2.32 15.82
C ALA D 331 2.89 -1.88 16.75
N GLN D 332 3.20 -1.61 18.01
CA GLN D 332 2.20 -1.13 18.95
C GLN D 332 1.63 0.21 18.51
N LEU D 333 2.51 1.12 18.05
CA LEU D 333 2.08 2.44 17.63
C LEU D 333 1.20 2.35 16.38
N GLN D 334 1.55 1.49 15.44
CA GLN D 334 0.71 1.39 14.25
C GLN D 334 -0.60 0.67 14.55
N LEU D 335 -0.61 -0.26 15.51
CA LEU D 335 -1.85 -0.90 15.90
C LEU D 335 -2.81 0.11 16.52
N GLN D 336 -2.31 0.95 17.42
CA GLN D 336 -3.15 2.01 17.96
C GLN D 336 -3.56 3.01 16.89
N ASN D 337 -2.69 3.27 15.92
CA ASN D 337 -3.07 4.12 14.79
C ASN D 337 -4.22 3.52 14.01
N GLN D 338 -4.16 2.20 13.75
CA GLN D 338 -5.24 1.52 13.06
C GLN D 338 -6.55 1.64 13.82
N MET D 339 -6.51 1.34 15.10
CA MET D 339 -7.71 1.44 15.94
C MET D 339 -8.29 2.84 15.89
N LEU D 340 -7.42 3.84 16.04
CA LEU D 340 -7.90 5.22 16.15
C LEU D 340 -8.44 5.73 14.82
N SER D 341 -7.76 5.39 13.71
CA SER D 341 -8.25 5.80 12.40
C SER D 341 -9.58 5.14 12.09
N GLN D 342 -9.73 3.88 12.48
CA GLN D 342 -11.01 3.20 12.27
C GLN D 342 -12.11 3.81 13.12
N MET D 343 -11.76 4.29 14.32
CA MET D 343 -12.80 4.67 15.27
C MET D 343 -13.27 6.10 15.08
N ILE D 344 -12.35 7.08 15.10
CA ILE D 344 -12.77 8.47 15.14
C ILE D 344 -12.91 9.01 13.71
N ASN D 345 -12.91 8.12 12.73
CA ASN D 345 -13.24 8.44 11.34
C ASN D 345 -12.23 9.40 10.70
N HIS D 346 -11.01 9.48 11.25
CA HIS D 346 -9.93 10.23 10.60
C HIS D 346 -8.97 9.20 10.01
N LYS D 347 -9.23 8.81 8.77
CA LYS D 347 -8.41 7.80 8.13
C LYS D 347 -6.97 8.28 7.95
N ASP D 348 -6.78 9.59 7.82
CA ASP D 348 -5.45 10.17 7.69
C ASP D 348 -4.94 10.59 9.07
N ILE D 349 -4.59 9.58 9.87
CA ILE D 349 -4.02 9.78 11.19
C ILE D 349 -2.64 9.16 11.22
N MET D 350 -1.66 9.93 11.68
CA MET D 350 -0.35 9.41 12.05
C MET D 350 0.00 9.99 13.42
N ILE D 351 0.25 9.13 14.39
CA ILE D 351 0.39 9.54 15.77
C ILE D 351 1.85 9.40 16.19
N SER D 352 2.22 10.18 17.21
CA SER D 352 3.59 10.23 17.69
C SER D 352 3.81 9.37 18.94
N HIS D 353 3.07 9.63 20.01
CA HIS D 353 3.21 8.86 21.23
C HIS D 353 2.05 7.89 21.38
N LEU D 354 2.16 7.00 22.36
CA LEU D 354 1.19 5.96 22.58
C LEU D 354 0.01 6.43 23.45
N GLY D 355 0.02 7.67 23.89
CA GLY D 355 -1.04 8.18 24.72
C GLY D 355 -2.04 9.04 23.96
N VAL D 356 -2.05 8.91 22.63
CA VAL D 356 -3.02 9.66 21.83
C VAL D 356 -4.42 9.14 22.07
N ALA D 357 -4.57 7.82 22.20
CA ALA D 357 -5.88 7.21 22.39
C ALA D 357 -6.53 7.73 23.66
N GLN D 358 -5.75 7.88 24.73
CA GLN D 358 -6.31 8.46 25.94
C GLN D 358 -6.80 9.87 25.68
N GLU D 359 -5.99 10.68 25.00
CA GLU D 359 -6.36 12.07 24.73
C GLU D 359 -7.67 12.15 23.97
N ARG D 360 -7.82 11.33 22.94
CA ARG D 360 -9.01 11.40 22.10
C ARG D 360 -10.23 10.82 22.82
N LEU D 361 -10.10 9.61 23.37
CA LEU D 361 -11.32 8.90 23.86
C LEU D 361 -11.67 9.13 25.33
N ARG D 362 -10.95 9.97 26.06
CA ARG D 362 -11.23 10.10 27.52
C ARG D 362 -12.64 10.64 27.77
N ASP D 363 -13.19 11.46 26.87
CA ASP D 363 -14.50 12.11 27.14
C ASP D 363 -15.62 11.60 26.22
N LYS D 364 -15.59 10.33 25.76
CA LYS D 364 -16.70 9.88 24.95
C LYS D 364 -16.94 8.40 25.16
N LYS D 365 -18.21 8.03 25.23
CA LYS D 365 -18.59 6.63 25.32
C LYS D 365 -18.10 5.88 24.09
N VAL D 366 -17.44 4.74 24.31
CA VAL D 366 -16.80 4.00 23.24
C VAL D 366 -17.16 2.52 23.37
N PHE D 367 -17.57 1.92 22.27
CA PHE D 367 -17.78 0.46 22.18
C PHE D 367 -16.71 -0.10 21.27
N LEU D 368 -15.72 -0.77 21.84
CA LEU D 368 -14.58 -1.26 21.07
C LEU D 368 -14.52 -2.76 21.18
N VAL D 369 -14.38 -3.43 20.04
CA VAL D 369 -14.28 -4.88 19.99
C VAL D 369 -12.91 -5.25 19.44
N LEU D 370 -12.07 -5.83 20.29
CA LEU D 370 -10.78 -6.35 19.89
C LEU D 370 -10.89 -7.86 19.72
N ASP D 371 -10.65 -8.33 18.50
CA ASP D 371 -10.90 -9.71 18.16
C ASP D 371 -9.58 -10.44 17.90
N GLU D 372 -9.46 -11.65 18.45
CA GLU D 372 -8.31 -12.50 18.30
C GLU D 372 -7.04 -11.80 18.78
N VAL D 373 -7.02 -11.53 20.07
CA VAL D 373 -5.85 -11.03 20.77
C VAL D 373 -5.05 -12.21 21.28
N ASP D 374 -3.75 -12.21 21.02
CA ASP D 374 -2.88 -13.32 21.39
C ASP D 374 -1.88 -12.99 22.49
N GLN D 375 -1.58 -11.72 22.78
CA GLN D 375 -0.55 -11.43 23.75
C GLN D 375 -0.76 -10.04 24.33
N LEU D 376 -0.10 -9.79 25.47
CA LEU D 376 -0.34 -8.59 26.27
C LEU D 376 0.08 -7.30 25.60
N GLY D 377 1.16 -7.33 24.83
CA GLY D 377 1.68 -6.08 24.27
C GLY D 377 0.65 -5.36 23.44
N GLN D 378 -0.13 -6.11 22.67
CA GLN D 378 -1.11 -5.49 21.79
C GLN D 378 -2.38 -5.09 22.54
N LEU D 379 -2.69 -5.76 23.65
CA LEU D 379 -3.70 -5.21 24.56
C LEU D 379 -3.25 -3.87 25.13
N ASP D 380 -1.98 -3.78 25.53
CA ASP D 380 -1.45 -2.51 26.03
C ASP D 380 -1.52 -1.43 24.96
N ALA D 381 -1.20 -1.79 23.73
CA ALA D 381 -1.29 -0.85 22.62
C ALA D 381 -2.72 -0.34 22.45
N LEU D 382 -3.70 -1.24 22.48
CA LEU D 382 -5.07 -0.83 22.19
C LEU D 382 -5.84 -0.37 23.42
N ALA D 383 -5.91 -1.19 24.47
CA ALA D 383 -6.67 -0.85 25.67
C ALA D 383 -5.91 -1.31 26.89
N LYS D 384 -5.22 -0.38 27.56
CA LYS D 384 -4.37 -0.73 28.70
C LYS D 384 -4.99 -0.37 30.04
N GLU D 385 -5.76 0.71 30.13
CA GLU D 385 -6.43 1.09 31.36
C GLU D 385 -7.87 1.42 31.04
N THR D 386 -8.76 1.27 32.02
CA THR D 386 -10.12 1.75 31.84
C THR D 386 -10.21 3.26 31.93
N ARG D 387 -9.14 3.93 32.34
CA ARG D 387 -9.14 5.41 32.40
C ARG D 387 -9.20 5.98 30.98
N TRP D 388 -8.68 5.23 30.01
CA TRP D 388 -8.55 5.75 28.61
C TRP D 388 -9.89 5.97 27.91
N PHE D 389 -10.88 5.09 28.10
CA PHE D 389 -12.12 5.17 27.28
C PHE D 389 -13.23 6.06 27.85
N GLY D 390 -13.18 6.44 29.12
CA GLY D 390 -14.22 7.38 29.63
C GLY D 390 -15.52 6.69 30.02
N PRO D 391 -16.55 7.43 30.48
CA PRO D 391 -17.78 6.80 31.01
C PRO D 391 -18.67 5.97 30.06
N GLY D 392 -19.25 4.88 30.58
CA GLY D 392 -20.20 4.06 29.79
C GLY D 392 -19.54 3.24 28.70
N SER D 393 -18.20 3.12 28.71
CA SER D 393 -17.51 2.46 27.62
C SER D 393 -17.53 0.97 27.84
N ARG D 394 -17.44 0.21 26.74
CA ARG D 394 -17.39 -1.25 26.80
C ARG D 394 -16.32 -1.72 25.82
N ILE D 395 -15.31 -2.41 26.33
CA ILE D 395 -14.26 -2.99 25.51
C ILE D 395 -14.39 -4.50 25.63
N ILE D 396 -14.48 -5.17 24.49
CA ILE D 396 -14.74 -6.60 24.43
C ILE D 396 -13.58 -7.29 23.72
N ILE D 397 -12.87 -8.13 24.44
CA ILE D 397 -11.70 -8.83 23.91
C ILE D 397 -12.08 -10.28 23.70
N THR D 398 -12.10 -10.72 22.44
CA THR D 398 -12.31 -12.12 22.12
C THR D 398 -10.95 -12.76 21.95
N THR D 399 -10.70 -13.83 22.69
CA THR D 399 -9.39 -14.47 22.69
C THR D 399 -9.55 -15.98 22.76
N GLU D 400 -8.43 -16.68 22.68
CA GLU D 400 -8.42 -18.12 22.71
C GLU D 400 -7.77 -18.69 23.96
N ASP D 401 -6.84 -17.97 24.58
CA ASP D 401 -6.21 -18.42 25.81
C ASP D 401 -6.57 -17.50 26.97
N LEU D 402 -6.81 -18.11 28.13
CA LEU D 402 -7.29 -17.37 29.29
C LEU D 402 -6.17 -16.60 29.97
N GLY D 403 -4.92 -17.07 29.84
CA GLY D 403 -3.82 -16.41 30.53
C GLY D 403 -3.67 -14.96 30.12
N VAL D 404 -3.96 -14.65 28.86
CA VAL D 404 -3.91 -13.26 28.40
C VAL D 404 -4.96 -12.43 29.13
N LEU D 405 -6.17 -12.96 29.26
CA LEU D 405 -7.23 -12.22 29.94
C LEU D 405 -6.90 -12.03 31.42
N LYS D 406 -6.38 -13.07 32.07
CA LYS D 406 -6.05 -12.95 33.48
C LYS D 406 -4.90 -11.96 33.69
N ALA D 407 -3.92 -11.97 32.81
CA ALA D 407 -2.78 -11.07 32.94
C ALA D 407 -3.22 -9.62 32.90
N HIS D 408 -4.13 -9.29 31.98
CA HIS D 408 -4.56 -7.91 31.83
C HIS D 408 -5.66 -7.53 32.80
N GLY D 409 -6.14 -8.47 33.61
CA GLY D 409 -7.10 -8.19 34.66
C GLY D 409 -8.51 -7.92 34.18
N ILE D 410 -9.07 -8.86 33.40
CA ILE D 410 -10.41 -8.64 32.85
C ILE D 410 -11.49 -9.05 33.85
N ASN D 411 -11.38 -10.28 34.37
CA ASN D 411 -12.30 -10.79 35.44
C ASN D 411 -13.70 -11.14 34.89
N HIS D 412 -14.31 -10.28 34.08
CA HIS D 412 -15.62 -10.65 33.48
C HIS D 412 -15.33 -11.44 32.20
N VAL D 413 -15.40 -12.77 32.27
CA VAL D 413 -15.01 -13.61 31.10
C VAL D 413 -16.17 -14.53 30.70
N TYR D 414 -16.45 -14.62 29.39
CA TYR D 414 -17.52 -15.52 28.89
C TYR D 414 -16.91 -16.76 28.23
N LYS D 415 -17.26 -17.95 28.72
CA LYS D 415 -16.80 -19.19 28.13
C LYS D 415 -17.85 -19.68 27.14
N VAL D 416 -17.60 -19.47 25.86
CA VAL D 416 -18.57 -19.86 24.84
C VAL D 416 -18.77 -21.38 24.90
N GLY D 417 -20.02 -21.80 24.78
CA GLY D 417 -20.35 -23.20 24.90
C GLY D 417 -20.88 -23.77 23.60
N TYR D 418 -20.68 -25.07 23.44
CA TYR D 418 -21.11 -25.74 22.23
C TYR D 418 -22.64 -25.71 22.13
N PRO D 419 -23.18 -25.56 20.93
CA PRO D 419 -24.63 -25.51 20.77
C PRO D 419 -25.27 -26.87 21.00
N SER D 420 -26.55 -26.84 21.30
CA SER D 420 -27.28 -28.07 21.56
C SER D 420 -27.38 -28.91 20.28
N ASN D 421 -27.80 -30.16 20.44
CA ASN D 421 -27.82 -31.07 19.30
C ASN D 421 -28.76 -30.59 18.20
N ASP D 422 -29.93 -30.08 18.57
CA ASP D 422 -30.87 -29.60 17.57
C ASP D 422 -30.34 -28.38 16.82
N GLU D 423 -29.70 -27.45 17.53
CA GLU D 423 -29.08 -26.32 16.85
C GLU D 423 -27.90 -26.75 16.01
N ALA D 424 -27.16 -27.77 16.46
CA ALA D 424 -26.08 -28.30 15.65
C ALA D 424 -26.62 -28.86 14.33
N PHE D 425 -27.73 -29.59 14.41
CA PHE D 425 -28.34 -30.12 13.20
C PHE D 425 -28.84 -29.01 12.30
N GLN D 426 -29.40 -27.95 12.89
CA GLN D 426 -29.83 -26.81 12.08
C GLN D 426 -28.66 -26.15 11.36
N ILE D 427 -27.51 -26.03 12.03
CA ILE D 427 -26.34 -25.45 11.38
C ILE D 427 -25.87 -26.33 10.24
N PHE D 428 -25.80 -27.64 10.49
CA PHE D 428 -25.37 -28.56 9.44
C PHE D 428 -26.31 -28.50 8.25
N CYS D 429 -27.61 -28.37 8.51
CA CYS D 429 -28.58 -28.35 7.42
C CYS D 429 -28.60 -27.02 6.69
N MET D 430 -28.27 -25.93 7.37
CA MET D 430 -27.94 -24.69 6.65
C MET D 430 -26.84 -24.94 5.65
N ASN D 431 -25.76 -25.57 6.08
CA ASN D 431 -24.57 -25.63 5.25
C ASN D 431 -24.58 -26.80 4.27
N ALA D 432 -25.54 -27.71 4.35
CA ALA D 432 -25.56 -28.87 3.48
C ALA D 432 -26.76 -28.92 2.56
N PHE D 433 -27.89 -28.35 2.96
CA PHE D 433 -29.11 -28.42 2.18
C PHE D 433 -29.62 -27.05 1.75
N GLY D 434 -28.74 -26.05 1.75
CA GLY D 434 -29.11 -24.75 1.24
C GLY D 434 -30.10 -23.99 2.10
N GLN D 435 -29.67 -23.60 3.30
CA GLN D 435 -30.45 -22.71 4.15
C GLN D 435 -31.79 -23.32 4.53
N LYS D 436 -31.88 -24.65 4.41
CA LYS D 436 -33.15 -25.37 4.73
C LYS D 436 -32.91 -26.27 5.94
N GLN D 437 -33.45 -25.90 7.10
CA GLN D 437 -33.27 -26.71 8.34
C GLN D 437 -33.90 -28.11 8.19
N PRO D 438 -35.12 -28.31 7.62
CA PRO D 438 -35.62 -29.66 7.40
C PRO D 438 -34.71 -30.45 6.46
N HIS D 439 -34.47 -31.73 6.78
CA HIS D 439 -33.63 -32.61 5.95
C HIS D 439 -34.36 -32.92 4.64
N GLU D 440 -33.64 -33.12 3.55
CA GLU D 440 -34.31 -33.33 2.23
C GLU D 440 -34.47 -34.83 1.94
N GLY D 441 -34.62 -35.66 2.97
CA GLY D 441 -34.68 -37.12 2.78
C GLY D 441 -33.34 -37.78 3.02
N PHE D 442 -32.32 -36.98 3.37
CA PHE D 442 -30.96 -37.51 3.66
C PHE D 442 -30.78 -37.48 5.17
N ASP D 443 -31.86 -37.65 5.94
CA ASP D 443 -31.78 -37.49 7.42
C ASP D 443 -30.78 -38.49 8.01
N GLU D 444 -30.79 -39.73 7.52
CA GLU D 444 -29.91 -40.78 8.10
C GLU D 444 -28.44 -40.34 8.01
N ILE D 445 -27.94 -40.03 6.82
CA ILE D 445 -26.49 -39.72 6.68
C ILE D 445 -26.22 -38.37 7.34
N ALA D 446 -27.20 -37.48 7.33
CA ALA D 446 -26.98 -36.12 7.88
C ALA D 446 -26.61 -36.20 9.35
N ARG D 447 -27.24 -37.12 10.10
CA ARG D 447 -26.96 -37.26 11.55
C ARG D 447 -25.60 -37.92 11.77
N GLU D 448 -25.22 -38.91 10.94
CA GLU D 448 -23.90 -39.52 11.06
C GLU D 448 -22.80 -38.50 10.83
N VAL D 449 -22.95 -37.66 9.80
CA VAL D 449 -21.93 -36.66 9.52
C VAL D 449 -21.91 -35.60 10.64
N MET D 450 -23.09 -35.22 11.14
CA MET D 450 -23.14 -34.31 12.27
C MET D 450 -22.37 -34.88 13.45
N ALA D 451 -22.67 -36.12 13.85
CA ALA D 451 -21.96 -36.74 14.95
C ALA D 451 -20.46 -36.79 14.68
N LEU D 452 -20.09 -36.94 13.41
CA LEU D 452 -18.68 -36.85 13.06
C LEU D 452 -18.10 -35.46 13.28
N ALA D 453 -18.94 -34.43 13.22
CA ALA D 453 -18.46 -33.06 13.33
C ALA D 453 -18.33 -32.59 14.76
N GLY D 454 -18.56 -33.46 15.74
CA GLY D 454 -18.59 -33.02 17.12
C GLY D 454 -19.69 -32.02 17.36
N GLU D 455 -19.33 -30.83 17.80
CA GLU D 455 -20.33 -29.79 17.97
C GLU D 455 -19.86 -28.43 17.48
N LEU D 456 -18.64 -28.30 16.99
CA LEU D 456 -18.10 -27.01 16.57
C LEU D 456 -18.92 -26.44 15.43
N PRO D 457 -19.29 -25.18 15.48
CA PRO D 457 -19.85 -24.54 14.29
C PRO D 457 -18.90 -24.57 13.11
N LEU D 458 -17.59 -24.55 13.38
CA LEU D 458 -16.62 -24.66 12.28
C LEU D 458 -16.67 -26.04 11.64
N GLY D 459 -16.64 -27.09 12.46
CA GLY D 459 -16.73 -28.43 11.91
C GLY D 459 -18.05 -28.67 11.20
N LEU D 460 -19.14 -28.20 11.78
CA LEU D 460 -20.45 -28.35 11.15
C LEU D 460 -20.51 -27.61 9.82
N LYS D 461 -20.01 -26.38 9.78
CA LYS D 461 -20.01 -25.64 8.52
C LYS D 461 -19.17 -26.33 7.46
N VAL D 462 -17.96 -26.77 7.83
CA VAL D 462 -17.08 -27.39 6.85
C VAL D 462 -17.67 -28.68 6.33
N LEU D 463 -18.17 -29.53 7.23
CA LEU D 463 -18.74 -30.80 6.80
C LEU D 463 -19.99 -30.60 5.96
N GLY D 464 -20.85 -29.65 6.35
CA GLY D 464 -22.04 -29.38 5.56
C GLY D 464 -21.71 -28.85 4.18
N SER D 465 -20.78 -27.91 4.09
CA SER D 465 -20.43 -27.35 2.79
C SER D 465 -19.76 -28.40 1.91
N ALA D 466 -19.03 -29.33 2.51
CA ALA D 466 -18.34 -30.36 1.73
C ALA D 466 -19.32 -31.33 1.09
N LEU D 467 -20.60 -31.26 1.47
CA LEU D 467 -21.59 -32.24 1.04
C LEU D 467 -22.78 -31.61 0.35
N ARG D 468 -22.80 -30.31 0.10
CA ARG D 468 -23.96 -29.70 -0.51
C ARG D 468 -23.91 -29.90 -2.01
N GLY D 469 -25.09 -30.10 -2.61
CA GLY D 469 -25.18 -30.42 -4.01
C GLY D 469 -24.91 -31.87 -4.35
N LYS D 470 -24.62 -32.71 -3.36
CA LYS D 470 -24.44 -34.12 -3.59
C LYS D 470 -25.79 -34.82 -3.65
N SER D 471 -25.78 -36.07 -4.10
CA SER D 471 -26.91 -36.98 -3.97
C SER D 471 -26.56 -38.00 -2.90
N LYS D 472 -27.56 -38.73 -2.43
CA LYS D 472 -27.33 -39.65 -1.32
C LYS D 472 -26.22 -40.67 -1.60
N PRO D 473 -26.18 -41.35 -2.76
CA PRO D 473 -25.04 -42.23 -3.04
C PRO D 473 -23.71 -41.50 -2.97
N GLU D 474 -23.67 -40.24 -3.43
CA GLU D 474 -22.46 -39.45 -3.31
C GLU D 474 -22.11 -39.23 -1.84
N TRP D 475 -23.13 -39.08 -0.99
CA TRP D 475 -22.88 -38.94 0.44
C TRP D 475 -22.22 -40.20 1.00
N GLU D 476 -22.78 -41.37 0.69
CA GLU D 476 -22.16 -42.60 1.20
C GLU D 476 -20.74 -42.77 0.66
N ARG D 477 -20.50 -42.39 -0.59
CA ARG D 477 -19.17 -42.58 -1.14
C ARG D 477 -18.16 -41.59 -0.55
N THR D 478 -18.61 -40.38 -0.19
CA THR D 478 -17.72 -39.40 0.41
C THR D 478 -17.46 -39.71 1.88
N LEU D 479 -18.40 -40.38 2.55
CA LEU D 479 -18.36 -40.53 4.00
C LEU D 479 -17.08 -41.16 4.55
N PRO D 480 -16.57 -42.27 4.00
CA PRO D 480 -15.36 -42.86 4.60
C PRO D 480 -14.14 -41.95 4.59
N ARG D 481 -13.89 -41.19 3.53
CA ARG D 481 -12.78 -40.25 3.57
C ARG D 481 -13.05 -39.13 4.56
N LEU D 482 -14.29 -38.66 4.61
CA LEU D 482 -14.67 -37.64 5.57
C LEU D 482 -14.50 -38.12 7.00
N LYS D 483 -14.49 -39.43 7.21
CA LYS D 483 -14.37 -40.01 8.53
C LYS D 483 -12.94 -40.37 8.91
N THR D 484 -12.11 -40.78 7.94
CA THR D 484 -10.73 -41.15 8.23
C THR D 484 -9.74 -40.00 8.02
N SER D 485 -10.23 -38.81 7.71
CA SER D 485 -9.37 -37.65 7.55
C SER D 485 -10.16 -36.36 7.66
N LEU D 486 -9.82 -35.50 8.62
CA LEU D 486 -10.56 -34.25 8.76
C LEU D 486 -10.14 -33.27 7.68
N ASP D 487 -11.09 -32.41 7.29
CA ASP D 487 -10.86 -31.50 6.18
C ASP D 487 -9.75 -30.51 6.51
N GLY D 488 -9.05 -30.06 5.47
CA GLY D 488 -7.99 -29.10 5.66
C GLY D 488 -8.47 -27.76 6.15
N LYS D 489 -9.74 -27.41 5.91
CA LYS D 489 -10.30 -26.17 6.39
C LYS D 489 -10.33 -26.11 7.91
N ILE D 490 -10.41 -27.27 8.58
CA ILE D 490 -10.41 -27.34 10.03
C ILE D 490 -8.99 -27.57 10.50
N GLY D 491 -8.27 -28.43 9.78
CA GLY D 491 -6.91 -28.77 10.16
C GLY D 491 -5.98 -27.58 10.14
N SER D 492 -6.15 -26.66 9.20
CA SER D 492 -5.28 -25.49 9.14
C SER D 492 -5.44 -24.62 10.38
N ILE D 493 -6.69 -24.39 10.80
CA ILE D 493 -6.93 -23.54 11.96
C ILE D 493 -6.46 -24.23 13.24
N ILE D 494 -6.74 -25.53 13.36
CA ILE D 494 -6.28 -26.24 14.55
C ILE D 494 -4.76 -26.27 14.61
N GLN D 495 -4.11 -26.41 13.46
CA GLN D 495 -2.66 -26.35 13.40
C GLN D 495 -2.14 -25.00 13.84
N PHE D 496 -2.77 -23.93 13.39
CA PHE D 496 -2.33 -22.60 13.78
C PHE D 496 -2.47 -22.40 15.28
N SER D 497 -3.51 -22.98 15.89
CA SER D 497 -3.65 -22.91 17.34
C SER D 497 -2.70 -23.87 18.05
N TYR D 498 -2.20 -24.87 17.34
CA TYR D 498 -1.31 -25.90 17.88
C TYR D 498 0.15 -25.56 17.67
N ASP D 499 0.47 -24.49 16.94
CA ASP D 499 1.84 -24.08 16.71
C ASP D 499 2.32 -23.06 17.74
N ALA D 500 1.45 -22.69 18.68
CA ALA D 500 1.79 -21.73 19.71
C ALA D 500 2.11 -22.40 21.04
N LEU D 501 2.35 -23.70 21.03
CA LEU D 501 2.53 -24.47 22.24
C LEU D 501 4.00 -24.82 22.45
N CYS D 502 4.37 -24.96 23.73
CA CYS D 502 5.68 -25.49 24.07
C CYS D 502 5.75 -26.95 23.66
N ASP D 503 6.95 -27.49 23.49
CA ASP D 503 7.08 -28.86 23.02
C ASP D 503 6.48 -29.87 23.98
N GLU D 504 6.65 -29.67 25.29
CA GLU D 504 5.98 -30.57 26.23
C GLU D 504 4.47 -30.44 26.19
N ASP D 505 3.95 -29.24 25.90
CA ASP D 505 2.51 -29.11 25.73
C ASP D 505 2.02 -29.85 24.48
N LYS D 506 2.79 -29.79 23.39
CA LYS D 506 2.45 -30.59 22.23
C LYS D 506 2.47 -32.08 22.54
N TYR D 507 3.47 -32.52 23.30
CA TYR D 507 3.56 -33.94 23.64
C TYR D 507 2.41 -34.36 24.53
N LEU D 508 2.00 -33.51 25.47
CA LEU D 508 0.85 -33.83 26.31
C LEU D 508 -0.44 -33.85 25.50
N PHE D 509 -0.57 -32.94 24.53
CA PHE D 509 -1.71 -32.96 23.63
C PHE D 509 -1.78 -34.28 22.87
N LEU D 510 -0.64 -34.73 22.34
CA LEU D 510 -0.62 -35.99 21.60
C LEU D 510 -0.97 -37.17 22.50
N TYR D 511 -0.40 -37.20 23.70
CA TYR D 511 -0.73 -38.27 24.64
C TYR D 511 -2.21 -38.29 24.99
N ILE D 512 -2.81 -37.12 25.20
CA ILE D 512 -4.22 -37.07 25.56
C ILE D 512 -5.08 -37.51 24.38
N ALA D 513 -4.67 -37.16 23.16
CA ALA D 513 -5.40 -37.57 21.97
C ALA D 513 -5.37 -39.08 21.80
N CYS D 514 -4.18 -39.67 21.86
CA CYS D 514 -4.05 -41.07 21.47
C CYS D 514 -4.43 -42.03 22.60
N LEU D 515 -4.06 -41.74 23.85
CA LEU D 515 -4.28 -42.68 24.93
C LEU D 515 -5.25 -42.17 26.00
N PHE D 516 -5.00 -41.02 26.60
CA PHE D 516 -5.73 -40.59 27.79
C PHE D 516 -6.81 -39.56 27.46
N ASN D 517 -7.83 -39.97 26.71
CA ASN D 517 -8.82 -38.98 26.32
C ASN D 517 -9.76 -38.64 27.46
N LYS D 518 -10.33 -39.63 28.11
CA LYS D 518 -11.22 -39.41 29.25
C LYS D 518 -10.69 -40.23 30.41
N GLU D 519 -9.73 -39.67 31.13
CA GLU D 519 -9.09 -40.35 32.23
C GLU D 519 -8.97 -39.39 33.40
N SER D 520 -8.98 -39.95 34.60
CA SER D 520 -8.77 -39.14 35.80
C SER D 520 -7.41 -38.46 35.71
N THR D 521 -7.39 -37.15 35.98
CA THR D 521 -6.14 -36.39 35.88
C THR D 521 -5.08 -36.95 36.82
N THR D 522 -5.51 -37.50 37.96
CA THR D 522 -4.55 -38.07 38.91
C THR D 522 -3.81 -39.25 38.30
N LYS D 523 -4.52 -40.13 37.59
CA LYS D 523 -3.85 -41.26 36.94
C LYS D 523 -2.95 -40.80 35.80
N VAL D 524 -3.37 -39.76 35.08
CA VAL D 524 -2.52 -39.22 34.02
C VAL D 524 -1.21 -38.69 34.62
N GLU D 525 -1.31 -38.01 35.76
CA GLU D 525 -0.11 -37.56 36.45
C GLU D 525 0.72 -38.74 36.94
N GLY D 526 0.07 -39.81 37.41
CA GLY D 526 0.81 -40.96 37.90
C GLY D 526 1.52 -41.71 36.79
N LEU D 527 1.00 -41.62 35.56
CA LEU D 527 1.58 -42.34 34.43
C LEU D 527 2.63 -41.53 33.67
N LEU D 528 2.33 -40.29 33.32
CA LEU D 528 3.27 -39.46 32.58
C LEU D 528 4.12 -38.56 33.46
N GLY D 529 4.00 -38.67 34.78
CA GLY D 529 4.61 -37.69 35.65
C GLY D 529 6.11 -37.72 35.73
N LYS D 530 6.75 -38.82 35.35
CA LYS D 530 8.19 -38.91 35.55
C LYS D 530 8.95 -38.01 34.59
N PHE D 531 8.30 -37.63 33.48
CA PHE D 531 9.02 -36.83 32.44
C PHE D 531 8.22 -35.66 31.85
N LEU D 532 6.88 -35.65 31.94
CA LEU D 532 6.10 -34.60 31.21
C LEU D 532 5.75 -33.33 31.99
N ASP D 533 5.97 -33.25 33.30
CA ASP D 533 5.51 -32.04 34.06
C ASP D 533 4.03 -31.85 33.75
N VAL D 534 3.24 -32.93 33.83
CA VAL D 534 1.80 -32.89 33.43
C VAL D 534 1.01 -31.78 34.13
N ARG D 535 1.32 -31.45 35.39
CA ARG D 535 0.46 -30.51 36.11
C ARG D 535 0.52 -29.10 35.54
N GLN D 536 1.67 -28.67 35.03
CA GLN D 536 1.73 -27.41 34.29
C GLN D 536 1.15 -27.58 32.89
N GLY D 537 1.38 -28.73 32.27
CA GLY D 537 0.90 -28.98 30.93
C GLY D 537 -0.60 -28.93 30.81
N LEU D 538 -1.31 -29.63 31.71
CA LEU D 538 -2.76 -29.60 31.72
C LEU D 538 -3.25 -28.18 31.97
N HIS D 539 -2.56 -27.44 32.84
CA HIS D 539 -2.94 -26.07 33.12
C HIS D 539 -2.89 -25.21 31.86
N ILE D 540 -1.77 -25.29 31.13
CA ILE D 540 -1.63 -24.50 29.91
C ILE D 540 -2.63 -24.95 28.86
N LEU D 541 -2.82 -26.26 28.69
CA LEU D 541 -3.76 -26.75 27.69
C LEU D 541 -5.17 -26.27 27.98
N ALA D 542 -5.60 -26.36 29.24
CA ALA D 542 -6.93 -25.89 29.59
C ALA D 542 -7.07 -24.40 29.40
N GLN D 543 -6.02 -23.63 29.74
CA GLN D 543 -6.08 -22.20 29.50
C GLN D 543 -6.19 -21.85 28.02
N LYS D 544 -5.53 -22.59 27.15
CA LYS D 544 -5.66 -22.38 25.72
C LYS D 544 -6.90 -23.02 25.14
N SER D 545 -7.70 -23.69 25.96
CA SER D 545 -8.97 -24.32 25.55
C SER D 545 -8.72 -25.38 24.48
N LEU D 546 -7.66 -26.16 24.66
CA LEU D 546 -7.45 -27.39 23.90
C LEU D 546 -7.84 -28.62 24.72
N ILE D 547 -8.42 -28.42 25.89
CA ILE D 547 -8.84 -29.49 26.79
C ILE D 547 -9.81 -28.89 27.79
N SER D 548 -10.62 -29.72 28.42
CA SER D 548 -11.41 -29.26 29.55
C SER D 548 -11.51 -30.39 30.56
N ILE D 549 -11.36 -30.04 31.84
CA ILE D 549 -11.39 -31.01 32.92
C ILE D 549 -12.72 -30.84 33.65
N GLU D 550 -13.51 -31.93 33.68
CA GLU D 550 -14.84 -31.89 34.33
C GLU D 550 -14.93 -33.09 35.27
N ASP D 551 -15.27 -32.86 36.54
CA ASP D 551 -15.38 -33.94 37.57
C ASP D 551 -14.05 -34.68 37.69
N GLY D 552 -12.92 -33.97 37.56
CA GLY D 552 -11.59 -34.59 37.71
C GLY D 552 -11.24 -35.52 36.55
N ASN D 553 -11.93 -35.36 35.41
CA ASN D 553 -11.63 -36.19 34.21
C ASN D 553 -11.30 -35.26 33.05
N ILE D 554 -10.19 -35.52 32.35
CA ILE D 554 -9.83 -34.69 31.17
C ILE D 554 -10.75 -35.05 29.99
N TYR D 555 -11.04 -34.10 29.09
CA TYR D 555 -11.87 -34.32 27.92
C TYR D 555 -11.35 -33.44 26.81
N MET D 556 -11.17 -34.03 25.63
CA MET D 556 -10.77 -33.28 24.45
C MET D 556 -11.83 -33.46 23.38
N HIS D 557 -12.14 -32.38 22.66
CA HIS D 557 -13.14 -32.44 21.61
C HIS D 557 -12.71 -33.44 20.54
N THR D 558 -13.69 -34.17 20.01
CA THR D 558 -13.37 -35.23 19.05
C THR D 558 -12.68 -34.68 17.82
N LEU D 559 -13.04 -33.47 17.40
CA LEU D 559 -12.46 -32.88 16.21
C LEU D 559 -11.06 -32.35 16.45
N LEU D 560 -10.62 -32.27 17.71
CA LEU D 560 -9.23 -32.09 18.08
C LEU D 560 -8.49 -33.39 18.29
N GLU D 561 -9.16 -34.41 18.84
CA GLU D 561 -8.52 -35.71 19.01
C GLU D 561 -8.19 -36.34 17.66
N GLN D 562 -9.03 -36.11 16.65
CA GLN D 562 -8.71 -36.57 15.31
C GLN D 562 -7.48 -35.88 14.75
N PHE D 563 -7.35 -34.57 14.97
CA PHE D 563 -6.14 -33.85 14.59
C PHE D 563 -4.93 -34.44 15.29
N GLY D 564 -5.07 -34.75 16.57
CA GLY D 564 -3.98 -35.34 17.32
C GLY D 564 -3.54 -36.70 16.82
N ARG D 565 -4.51 -37.57 16.55
CA ARG D 565 -4.17 -38.90 16.03
C ARG D 565 -3.59 -38.83 14.63
N GLU D 566 -4.00 -37.83 13.85
CA GLU D 566 -3.38 -37.60 12.54
C GLU D 566 -1.94 -37.14 12.71
N THR D 567 -1.72 -36.18 13.59
CA THR D 567 -0.40 -35.61 13.81
C THR D 567 0.55 -36.67 14.36
N SER D 568 0.01 -37.66 15.07
CA SER D 568 0.84 -38.71 15.65
C SER D 568 1.38 -39.68 14.62
N ARG D 569 1.23 -39.38 13.33
CA ARG D 569 1.85 -40.18 12.27
C ARG D 569 3.02 -39.48 11.62
N LYS D 570 3.13 -38.16 11.74
CA LYS D 570 4.23 -37.42 11.18
C LYS D 570 5.03 -36.64 12.21
N GLN D 571 4.70 -36.78 13.49
CA GLN D 571 5.43 -36.07 14.54
C GLN D 571 5.74 -37.03 15.68
N PHE D 572 6.84 -36.74 16.38
CA PHE D 572 7.38 -37.60 17.41
C PHE D 572 7.27 -36.94 18.77
N ILE D 573 7.59 -37.72 19.80
CA ILE D 573 7.63 -37.25 21.18
C ILE D 573 9.03 -37.52 21.72
N HIS D 574 9.72 -36.46 22.11
CA HIS D 574 11.05 -36.57 22.70
C HIS D 574 10.95 -36.44 24.21
N HIS D 575 11.43 -37.45 24.93
CA HIS D 575 11.32 -37.36 26.38
C HIS D 575 12.59 -36.78 26.99
N GLY D 576 13.72 -37.48 26.88
CA GLY D 576 14.98 -36.79 27.05
C GLY D 576 15.38 -36.19 25.72
N TYR D 577 15.82 -37.06 24.81
CA TYR D 577 15.94 -36.76 23.40
C TYR D 577 15.59 -37.96 22.53
N THR D 578 15.18 -39.09 23.13
CA THR D 578 14.76 -40.25 22.35
C THR D 578 13.38 -40.00 21.77
N LYS D 579 13.18 -40.46 20.54
CA LYS D 579 11.97 -40.17 19.79
C LYS D 579 11.00 -41.34 19.88
N HIS D 580 9.83 -41.07 20.47
CA HIS D 580 8.77 -42.05 20.60
C HIS D 580 7.55 -41.56 19.83
N GLN D 581 6.83 -42.50 19.24
CA GLN D 581 5.65 -42.17 18.44
C GLN D 581 4.49 -43.07 18.85
N LEU D 582 3.34 -42.45 19.08
CA LEU D 582 2.15 -43.15 19.53
C LEU D 582 1.53 -43.94 18.39
N LEU D 583 1.12 -45.17 18.69
CA LEU D 583 0.60 -46.12 17.70
C LEU D 583 -0.86 -46.40 18.02
N VAL D 584 -1.76 -45.68 17.34
CA VAL D 584 -3.19 -45.79 17.61
C VAL D 584 -4.04 -45.93 16.37
N GLY D 585 -3.48 -45.77 15.17
CA GLY D 585 -4.28 -45.80 13.96
C GLY D 585 -4.94 -47.16 13.75
N GLU D 586 -6.26 -47.17 13.60
CA GLU D 586 -6.95 -48.41 13.28
C GLU D 586 -6.56 -48.89 11.89
N ARG D 587 -6.25 -50.18 11.77
CA ARG D 587 -5.81 -50.81 10.52
C ARG D 587 -4.53 -50.18 9.96
N ASP D 588 -3.89 -49.29 10.72
CA ASP D 588 -2.59 -48.75 10.38
C ASP D 588 -1.48 -49.35 11.22
N ILE D 589 -1.82 -50.08 12.29
CA ILE D 589 -0.82 -50.74 13.10
C ILE D 589 -0.52 -52.14 12.58
N CYS D 590 -1.42 -52.70 11.79
CA CYS D 590 -1.20 -54.05 11.26
C CYS D 590 0.03 -54.09 10.36
N GLU D 591 0.12 -53.14 9.42
CA GLU D 591 1.23 -53.17 8.48
C GLU D 591 2.53 -52.73 9.13
N VAL D 592 2.47 -51.85 10.13
CA VAL D 592 3.68 -51.47 10.85
C VAL D 592 4.18 -52.57 11.77
N LEU D 593 3.28 -53.37 12.35
CA LEU D 593 3.71 -54.50 13.16
C LEU D 593 4.24 -55.65 12.31
N ASN D 594 3.73 -55.81 11.09
CA ASN D 594 4.28 -56.78 10.14
C ASN D 594 5.43 -56.12 9.38
N ASP D 595 6.53 -55.93 10.09
CA ASP D 595 7.69 -55.26 9.50
C ASP D 595 8.96 -55.76 10.15
N ASP D 596 10.07 -55.58 9.44
CA ASP D 596 11.41 -55.80 9.97
C ASP D 596 12.16 -54.50 10.20
N THR D 597 11.84 -53.45 9.45
CA THR D 597 12.44 -52.14 9.63
C THR D 597 11.72 -51.38 10.74
N ILE D 598 12.07 -51.67 11.99
CA ILE D 598 11.44 -51.08 13.15
C ILE D 598 12.51 -50.56 14.10
N ASP D 599 12.10 -50.05 15.25
CA ASP D 599 13.04 -49.59 16.27
C ASP D 599 12.77 -50.15 17.66
N SER D 600 11.65 -50.82 17.87
CA SER D 600 11.27 -51.33 19.20
C SER D 600 11.24 -50.22 20.24
#